data_2NYA
#
_entry.id   2NYA
#
_cell.length_a   69.449
_cell.length_b   94.596
_cell.length_c   131.211
_cell.angle_alpha   90.00
_cell.angle_beta   96.34
_cell.angle_gamma   90.00
#
_symmetry.space_group_name_H-M   'P 1 21 1'
#
loop_
_entity.id
_entity.type
_entity.pdbx_description
1 polymer 'Periplasmic nitrate reductase'
2 non-polymer 'IRON/SULFUR CLUSTER'
3 non-polymer 'MOLYBDENUM(VI) ION'
4 non-polymer '2-AMINO-5,6-DIMERCAPTO-7-METHYL-3,7,8A,9-TETRAHYDRO-8-OXA-1,3,9,10-TETRAAZA-ANTHRACEN-4-ONE GUANOSINE DINUCLEOTIDE'
5 water water
#
_entity_poly.entity_id   1
_entity_poly.type   'polypeptide(L)'
_entity_poly.pdbx_seq_one_letter_code
;EAIKWDKAPCRFCGTGCGVLVGTQQGRVVACQGDPDAPVNRGLNCIKGYFLPKIMYGKDRLTQPLLRMKNGKYDKEGEFT
PITWDQAFDVMEEKFKTALKEKGPESIGMFGSGQWTIWEGYAASKLFKAGFRSNNIDPNARHCMASAVVGFMRTFGMDEP
MGCYDDIEQADAFVLWGANMAEMHPILWSRITNRRLSNQNVTVAVLSTYQHRSFELADNGIIFTPQSDLVILNYIANYII
QNNAINQDFFSKHVNLRKGATDIGYGLRPTHPLEKAAKNPGSDASEPMSFEDYKAFVAEYTLEKTAEMTGVPKDQLEQLA
QLYADPNKKVISYWTMGFNQHTRGVWANNLVYNLHLLTGKISQPGCGPFSLTGQPSACGTAREVGTFAHRLPADMVVTNE
KHRDICEKKWNIPSGTIPAKIGLHAVAQDRALKDGKLNVYWTMCTNNMQAGPNINEERMPGWRDPRNFIIVSDPYPTVSA
LAADLILPTAMWVEKEGAYGNAERRTQFWRQQVQAPGEAKSDLWQLVQFSRRFKTEEVWPEDLLAKKPELRGKTLYEVLY
ATPEVSKFPVSELAEDQLNDESRELGFYLQKGLFEEYAWFGRGHGHDLAPFDDYHKARGLRWPVVNGKETQWRYSEGNDP
YVKAGEGYKFYGKPDGKAVIFALPFEPAAEAPDEEYDLWLSTGRVLEHWHTGSMTRRVPELHRAFPEAVLFIHPLDAKAR
DLRRGDKVKVVSRRGEVISIVETRGRNRPPQGLVYMPFFDAAQLVNKLTLDATDPLSKETDFKKCAVKLEKV
;
_entity_poly.pdbx_strand_id   A,F
#
loop_
_chem_comp.id
_chem_comp.type
_chem_comp.name
_chem_comp.formula
6MO non-polymer 'MOLYBDENUM(VI) ION' 'Mo 6'
MGD non-polymer '2-AMINO-5,6-DIMERCAPTO-7-METHYL-3,7,8A,9-TETRAHYDRO-8-OXA-1,3,9,10-TETRAAZA-ANTHRACEN-4-ONE GUANOSINE DINUCLEOTIDE' 'C20 H26 N10 O13 P2 S2'
SF4 non-polymer 'IRON/SULFUR CLUSTER' 'Fe4 S4'
#
# COMPACT_ATOMS: atom_id res chain seq x y z
N GLU A 1 28.13 1.02 6.24
CA GLU A 1 27.35 -0.11 6.83
C GLU A 1 25.91 0.27 7.22
N ALA A 2 25.67 1.55 7.52
CA ALA A 2 24.29 2.03 7.54
C ALA A 2 23.79 1.97 6.07
N ILE A 3 22.49 1.73 5.87
CA ILE A 3 21.90 1.82 4.54
C ILE A 3 22.19 3.19 3.95
N LYS A 4 22.53 3.25 2.67
CA LYS A 4 22.66 4.53 1.99
C LYS A 4 21.42 4.74 1.09
N TRP A 5 20.79 5.93 1.23
CA TRP A 5 19.58 6.31 0.48
C TRP A 5 19.89 7.43 -0.53
N ASP A 6 19.40 7.27 -1.75
CA ASP A 6 19.54 8.31 -2.78
C ASP A 6 18.31 8.23 -3.68
N LYS A 7 17.98 9.35 -4.29
CA LYS A 7 16.81 9.44 -5.18
C LYS A 7 16.99 8.72 -6.53
N ALA A 8 15.87 8.31 -7.07
CA ALA A 8 15.72 7.74 -8.39
C ALA A 8 14.22 7.79 -8.65
N PRO A 9 13.84 7.92 -9.95
CA PRO A 9 12.46 7.64 -10.26
C PRO A 9 12.23 6.13 -10.29
N CYS A 10 11.00 5.73 -10.04
CA CYS A 10 10.62 4.34 -10.06
C CYS A 10 10.92 3.78 -11.44
N ARG A 11 11.36 2.52 -11.47
CA ARG A 11 11.69 1.81 -12.72
C ARG A 11 10.45 1.48 -13.57
N PHE A 12 9.25 1.60 -13.00
CA PHE A 12 8.07 1.07 -13.71
C PHE A 12 7.22 2.11 -14.44
N CYS A 13 5.93 2.16 -14.10
CA CYS A 13 4.95 2.90 -14.91
C CYS A 13 5.23 4.40 -15.07
N GLY A 14 4.51 5.03 -16.00
CA GLY A 14 4.75 6.40 -16.45
C GLY A 14 4.36 7.47 -15.45
N THR A 15 3.75 7.05 -14.34
CA THR A 15 3.40 7.97 -13.28
C THR A 15 4.71 8.70 -12.91
N GLY A 16 5.80 7.94 -12.86
CA GLY A 16 7.11 8.50 -12.47
C GLY A 16 7.24 8.87 -10.99
N CYS A 17 6.80 7.99 -10.10
CA CYS A 17 7.03 8.20 -8.66
C CYS A 17 8.52 8.36 -8.36
N GLY A 18 8.80 9.34 -7.51
CA GLY A 18 10.11 9.49 -6.91
C GLY A 18 10.33 8.46 -5.81
N VAL A 19 11.51 7.88 -5.79
CA VAL A 19 11.79 6.84 -4.85
C VAL A 19 13.14 7.09 -4.15
N LEU A 20 13.24 6.75 -2.85
CA LEU A 20 14.56 6.68 -2.19
C LEU A 20 15.04 5.22 -2.18
N VAL A 21 16.24 4.99 -2.73
CA VAL A 21 16.80 3.66 -2.88
C VAL A 21 17.82 3.42 -1.81
N GLY A 22 17.67 2.33 -1.09
CA GLY A 22 18.65 2.02 -0.05
C GLY A 22 19.60 0.91 -0.46
N THR A 23 20.89 1.25 -0.45
CA THR A 23 21.96 0.33 -0.76
C THR A 23 22.82 0.06 0.45
N GLN A 24 23.37 -1.13 0.47
CA GLN A 24 24.30 -1.54 1.47
C GLN A 24 25.13 -2.66 0.87
N GLN A 25 26.47 -2.49 0.91
CA GLN A 25 27.40 -3.55 0.51
C GLN A 25 27.23 -4.00 -0.92
N GLY A 26 26.99 -3.01 -1.79
CA GLY A 26 26.88 -3.22 -3.23
C GLY A 26 25.56 -3.79 -3.66
N ARG A 27 24.59 -3.85 -2.76
CA ARG A 27 23.23 -4.25 -3.12
C ARG A 27 22.15 -3.22 -2.79
N VAL A 28 21.05 -3.26 -3.53
CA VAL A 28 19.89 -2.46 -3.16
C VAL A 28 19.12 -3.38 -2.23
N VAL A 29 18.92 -2.92 -1.00
CA VAL A 29 18.29 -3.78 0.00
C VAL A 29 16.95 -3.22 0.52
N ALA A 30 16.70 -1.97 0.19
CA ALA A 30 15.53 -1.27 0.67
C ALA A 30 15.17 -0.26 -0.39
N CYS A 31 13.91 0.14 -0.41
CA CYS A 31 13.47 1.18 -1.32
C CYS A 31 12.15 1.72 -0.79
N GLN A 32 11.98 3.03 -0.79
CA GLN A 32 10.84 3.67 -0.14
C GLN A 32 10.29 4.82 -0.98
N GLY A 33 9.07 5.26 -0.67
CA GLY A 33 8.53 6.44 -1.34
C GLY A 33 9.33 7.67 -0.95
N ASP A 34 9.81 8.43 -1.92
CA ASP A 34 10.44 9.68 -1.55
C ASP A 34 9.38 10.67 -1.05
N PRO A 35 9.38 10.96 0.26
CA PRO A 35 8.49 11.97 0.84
C PRO A 35 8.45 13.25 0.05
N ASP A 36 9.61 13.70 -0.41
CA ASP A 36 9.75 15.02 -1.02
C ASP A 36 9.62 15.01 -2.55
N ALA A 37 9.29 13.85 -3.12
CA ALA A 37 8.94 13.84 -4.51
C ALA A 37 7.47 14.31 -4.63
N PRO A 38 7.23 15.35 -5.45
CA PRO A 38 5.90 15.96 -5.57
C PRO A 38 4.90 15.06 -6.27
N VAL A 39 5.41 14.13 -7.11
CA VAL A 39 4.56 13.12 -7.79
C VAL A 39 3.69 12.28 -6.83
N ASN A 40 4.36 11.63 -5.87
CA ASN A 40 3.72 10.64 -5.01
C ASN A 40 3.76 10.96 -3.51
N ARG A 41 4.63 11.89 -3.11
CA ARG A 41 4.78 12.34 -1.72
C ARG A 41 4.83 11.15 -0.72
N GLY A 42 5.66 10.16 -1.05
CA GLY A 42 5.87 8.98 -0.20
C GLY A 42 5.12 7.72 -0.60
N LEU A 43 4.13 7.86 -1.48
CA LEU A 43 3.28 6.73 -1.84
C LEU A 43 3.92 5.85 -2.90
N ASN A 44 3.29 4.71 -3.18
CA ASN A 44 3.96 3.52 -3.63
C ASN A 44 2.97 2.43 -4.00
N CYS A 45 3.17 1.71 -5.10
CA CYS A 45 2.27 0.58 -5.36
C CYS A 45 3.04 -0.69 -5.12
N ILE A 46 2.37 -1.83 -5.14
CA ILE A 46 3.11 -3.06 -4.87
C ILE A 46 4.38 -3.21 -5.78
N LYS A 47 4.35 -2.69 -7.01
CA LYS A 47 5.53 -2.85 -7.89
C LYS A 47 6.70 -2.01 -7.44
N GLY A 48 6.42 -0.74 -7.11
CA GLY A 48 7.44 0.20 -6.59
C GLY A 48 8.06 -0.41 -5.34
N TYR A 49 7.18 -0.99 -4.53
CA TYR A 49 7.56 -1.72 -3.31
C TYR A 49 8.61 -2.83 -3.48
N PHE A 50 8.55 -3.56 -4.60
CA PHE A 50 9.47 -4.69 -4.82
C PHE A 50 10.67 -4.40 -5.74
N LEU A 51 10.90 -3.11 -5.98
CA LEU A 51 12.04 -2.64 -6.73
C LEU A 51 13.37 -3.26 -6.31
N PRO A 52 13.59 -3.48 -4.99
CA PRO A 52 14.87 -4.12 -4.67
C PRO A 52 15.04 -5.60 -5.09
N LYS A 53 14.01 -6.26 -5.62
CA LYS A 53 14.23 -7.66 -6.07
C LYS A 53 14.47 -7.79 -7.58
N ILE A 54 14.18 -6.73 -8.33
CA ILE A 54 14.13 -6.81 -9.80
C ILE A 54 15.50 -7.03 -10.45
N MET A 55 16.58 -6.81 -9.70
CA MET A 55 17.90 -6.94 -10.30
C MET A 55 18.56 -8.24 -9.98
N TYR A 56 17.95 -8.96 -9.04
CA TYR A 56 18.60 -10.13 -8.44
C TYR A 56 17.81 -11.37 -8.77
N GLY A 57 17.10 -11.28 -9.90
CA GLY A 57 16.48 -12.42 -10.57
C GLY A 57 17.48 -13.53 -10.66
N LYS A 58 17.16 -14.72 -11.05
CA LYS A 58 17.93 -15.83 -10.50
C LYS A 58 19.06 -16.10 -11.45
N ASP A 59 18.72 -15.78 -12.70
CA ASP A 59 19.51 -16.15 -13.84
C ASP A 59 19.82 -14.91 -14.67
N ARG A 60 20.12 -13.81 -13.99
CA ARG A 60 20.71 -12.66 -14.64
C ARG A 60 21.72 -13.16 -15.66
N LEU A 61 21.75 -12.56 -16.84
CA LEU A 61 22.86 -12.80 -17.75
C LEU A 61 24.12 -12.08 -17.26
N THR A 62 25.25 -12.78 -17.31
CA THR A 62 26.56 -12.23 -16.93
C THR A 62 27.58 -12.20 -18.09
N GLN A 63 27.17 -12.66 -19.26
CA GLN A 63 28.15 -12.95 -20.29
C GLN A 63 27.50 -13.08 -21.70
N PRO A 64 28.13 -12.48 -22.75
CA PRO A 64 27.66 -12.63 -24.12
C PRO A 64 27.54 -14.12 -24.51
N LEU A 65 26.39 -14.47 -25.04
CA LEU A 65 26.12 -15.81 -25.54
C LEU A 65 25.88 -15.72 -27.04
N LEU A 66 26.66 -16.51 -27.80
CA LEU A 66 26.52 -16.60 -29.26
C LEU A 66 26.02 -17.99 -29.61
N ARG A 67 25.13 -18.07 -30.59
CA ARG A 67 24.80 -19.39 -31.18
C ARG A 67 25.99 -19.94 -31.97
N MET A 68 26.43 -21.14 -31.60
CA MET A 68 27.70 -21.64 -32.09
C MET A 68 27.74 -23.15 -32.38
N LYS A 69 28.48 -23.53 -33.40
CA LYS A 69 28.52 -24.95 -33.83
C LYS A 69 29.92 -25.34 -34.31
N ASN A 70 30.54 -26.26 -33.56
CA ASN A 70 31.99 -26.50 -33.63
C ASN A 70 32.85 -25.30 -33.99
N GLY A 71 32.92 -24.36 -33.07
CA GLY A 71 33.96 -23.36 -33.08
C GLY A 71 33.64 -22.12 -33.85
N LYS A 72 32.40 -21.96 -34.28
CA LYS A 72 32.04 -20.86 -35.17
C LYS A 72 30.54 -20.58 -35.06
N TYR A 73 30.14 -19.39 -35.46
CA TYR A 73 28.73 -19.03 -35.42
C TYR A 73 27.87 -19.93 -36.30
N ASP A 74 26.72 -20.33 -35.76
CA ASP A 74 25.69 -21.03 -36.50
C ASP A 74 24.28 -20.63 -36.05
N LYS A 75 23.40 -20.33 -37.00
CA LYS A 75 22.00 -19.98 -36.73
C LYS A 75 21.27 -21.05 -35.92
N GLU A 76 21.61 -22.29 -36.17
CA GLU A 76 20.96 -23.39 -35.45
C GLU A 76 21.73 -23.83 -34.20
N GLY A 77 22.83 -23.13 -33.88
CA GLY A 77 23.72 -23.46 -32.79
C GLY A 77 23.19 -23.29 -31.37
N GLU A 78 24.07 -23.56 -30.40
CA GLU A 78 23.72 -23.53 -28.99
C GLU A 78 24.33 -22.28 -28.39
N PHE A 79 23.54 -21.50 -27.67
CA PHE A 79 24.10 -20.38 -26.96
C PHE A 79 25.33 -20.87 -26.20
N THR A 80 26.45 -20.22 -26.52
CA THR A 80 27.74 -20.49 -25.90
C THR A 80 28.45 -19.15 -25.53
N PRO A 81 29.07 -19.09 -24.32
CA PRO A 81 29.80 -17.90 -23.84
C PRO A 81 30.99 -17.57 -24.69
N ILE A 82 31.11 -16.28 -25.02
CA ILE A 82 32.18 -15.69 -25.78
C ILE A 82 32.50 -14.36 -25.09
N THR A 83 33.63 -13.75 -25.42
CA THR A 83 33.99 -12.47 -24.82
C THR A 83 33.33 -11.29 -25.55
N TRP A 84 33.28 -10.15 -24.87
CA TRP A 84 32.84 -8.88 -25.44
C TRP A 84 33.57 -8.52 -26.74
N ASP A 85 34.90 -8.68 -26.72
CA ASP A 85 35.74 -8.56 -27.91
C ASP A 85 35.12 -9.43 -29.03
N GLN A 86 34.79 -10.69 -28.74
CA GLN A 86 34.27 -11.59 -29.78
C GLN A 86 32.87 -11.24 -30.22
N ALA A 87 32.04 -10.80 -29.27
CA ALA A 87 30.66 -10.37 -29.56
C ALA A 87 30.67 -9.15 -30.48
N PHE A 88 31.63 -8.25 -30.28
CA PHE A 88 31.72 -7.12 -31.19
C PHE A 88 32.37 -7.45 -32.55
N ASP A 89 33.28 -8.42 -32.61
CA ASP A 89 33.80 -8.93 -33.89
C ASP A 89 32.67 -9.38 -34.82
N VAL A 90 31.83 -10.28 -34.30
CA VAL A 90 30.69 -10.85 -35.02
C VAL A 90 29.72 -9.74 -35.44
N MET A 91 29.32 -8.92 -34.49
CA MET A 91 28.49 -7.77 -34.80
C MET A 91 29.18 -6.89 -35.84
N GLU A 92 30.48 -6.65 -35.70
CA GLU A 92 31.16 -5.77 -36.64
C GLU A 92 31.01 -6.27 -38.07
N GLU A 93 31.22 -7.57 -38.22
CA GLU A 93 31.23 -8.23 -39.48
C GLU A 93 29.80 -8.26 -40.06
N LYS A 94 28.86 -8.78 -39.28
CA LYS A 94 27.46 -8.75 -39.69
C LYS A 94 27.02 -7.35 -40.17
N PHE A 95 27.15 -6.30 -39.35
CA PHE A 95 26.73 -4.93 -39.82
C PHE A 95 27.46 -4.54 -41.11
N LYS A 96 28.77 -4.65 -41.09
CA LYS A 96 29.60 -4.30 -42.26
C LYS A 96 29.27 -5.02 -43.58
N THR A 97 28.85 -6.28 -43.51
CA THR A 97 28.43 -7.06 -44.66
C THR A 97 27.05 -6.61 -45.15
N ALA A 98 26.13 -6.41 -44.22
CA ALA A 98 24.86 -5.85 -44.62
C ALA A 98 25.03 -4.48 -45.32
N LEU A 99 25.82 -3.57 -44.74
CA LEU A 99 26.03 -2.27 -45.37
C LEU A 99 26.62 -2.43 -46.76
N LYS A 100 27.42 -3.47 -46.92
CA LYS A 100 28.09 -3.71 -48.18
C LYS A 100 27.14 -4.22 -49.25
N GLU A 101 26.16 -5.02 -48.86
CA GLU A 101 25.39 -5.74 -49.83
C GLU A 101 24.03 -5.11 -50.15
N LYS A 102 23.39 -4.52 -49.15
CA LYS A 102 22.09 -3.91 -49.38
C LYS A 102 22.05 -2.53 -48.77
N GLY A 103 23.09 -2.20 -48.00
CA GLY A 103 23.21 -0.87 -47.43
C GLY A 103 22.42 -0.67 -46.15
N PRO A 104 22.34 0.60 -45.71
CA PRO A 104 21.73 1.06 -44.47
C PRO A 104 20.30 0.61 -44.25
N GLU A 105 19.52 0.48 -45.29
CA GLU A 105 18.14 -0.01 -45.14
C GLU A 105 18.02 -1.47 -44.64
N SER A 106 19.10 -2.26 -44.74
CA SER A 106 19.04 -3.71 -44.37
C SER A 106 19.45 -4.00 -42.90
N ILE A 107 19.61 -2.92 -42.13
CA ILE A 107 20.12 -2.90 -40.78
C ILE A 107 19.15 -2.10 -39.92
N GLY A 108 18.87 -2.60 -38.71
CA GLY A 108 17.85 -2.04 -37.85
C GLY A 108 18.09 -2.22 -36.35
N MET A 109 17.49 -1.32 -35.59
CA MET A 109 17.48 -1.38 -34.14
C MET A 109 16.07 -1.17 -33.59
N PHE A 110 15.77 -1.92 -32.54
CA PHE A 110 14.53 -1.80 -31.83
C PHE A 110 14.82 -1.41 -30.39
N GLY A 111 14.50 -0.14 -30.09
CA GLY A 111 14.77 0.51 -28.80
C GLY A 111 13.53 0.71 -27.94
N SER A 112 13.65 1.51 -26.89
CA SER A 112 12.73 1.43 -25.77
C SER A 112 12.41 2.73 -25.01
N GLY A 113 11.15 2.89 -24.56
CA GLY A 113 10.79 3.91 -23.57
C GLY A 113 11.34 3.58 -22.17
N GLN A 114 12.11 2.50 -22.09
CA GLN A 114 12.73 2.16 -20.85
C GLN A 114 14.19 2.50 -20.92
N TRP A 115 14.63 3.03 -22.06
CA TRP A 115 15.99 3.52 -22.12
C TRP A 115 16.12 4.84 -21.38
N THR A 116 17.36 5.08 -21.01
CA THR A 116 17.76 6.23 -20.32
C THR A 116 17.84 7.27 -21.43
N ILE A 117 17.63 8.55 -21.10
CA ILE A 117 17.58 9.59 -22.15
C ILE A 117 18.81 9.49 -23.04
N TRP A 118 20.00 9.53 -22.41
CA TRP A 118 21.28 9.42 -23.11
C TRP A 118 21.45 8.15 -23.91
N GLU A 119 20.95 7.03 -23.42
CA GLU A 119 20.99 5.79 -24.22
C GLU A 119 20.21 5.98 -25.51
N GLY A 120 19.02 6.58 -25.39
CA GLY A 120 18.18 6.88 -26.56
C GLY A 120 18.91 7.81 -27.53
N TYR A 121 19.47 8.89 -26.96
CA TYR A 121 20.19 9.86 -27.77
C TYR A 121 21.38 9.20 -28.49
N ALA A 122 22.15 8.39 -27.75
CA ALA A 122 23.34 7.73 -28.34
C ALA A 122 22.96 6.80 -29.51
N ALA A 123 21.81 6.15 -29.37
CA ALA A 123 21.34 5.16 -30.32
C ALA A 123 20.93 5.85 -31.60
N SER A 124 20.25 6.96 -31.42
CA SER A 124 19.78 7.69 -32.55
C SER A 124 21.00 8.15 -33.32
N LYS A 125 21.95 8.78 -32.63
CA LYS A 125 23.17 9.25 -33.32
C LYS A 125 23.86 8.10 -34.09
N LEU A 126 23.99 6.95 -33.43
CA LEU A 126 24.62 5.80 -34.06
C LEU A 126 23.95 5.47 -35.39
N PHE A 127 22.64 5.36 -35.34
CA PHE A 127 21.91 4.93 -36.48
C PHE A 127 21.77 6.04 -37.52
N LYS A 128 21.32 7.21 -37.08
CA LYS A 128 21.05 8.28 -38.04
C LYS A 128 22.31 8.96 -38.60
N ALA A 129 23.22 9.30 -37.72
CA ALA A 129 24.40 10.07 -38.05
C ALA A 129 25.55 9.17 -38.39
N GLY A 130 25.54 7.92 -37.89
CA GLY A 130 26.70 7.05 -38.04
C GLY A 130 26.54 6.11 -39.19
N PHE A 131 25.58 5.19 -39.06
CA PHE A 131 25.28 4.18 -40.08
C PHE A 131 24.44 4.70 -41.23
N ARG A 132 23.80 5.86 -41.05
CA ARG A 132 22.89 6.42 -42.05
C ARG A 132 21.68 5.53 -42.36
N SER A 133 21.09 4.96 -41.32
CA SER A 133 19.82 4.27 -41.41
C SER A 133 18.81 4.87 -40.41
N ASN A 134 17.57 5.06 -40.84
CA ASN A 134 16.49 5.44 -39.96
C ASN A 134 15.74 4.24 -39.40
N ASN A 135 16.26 3.04 -39.60
CA ASN A 135 15.59 1.86 -39.09
C ASN A 135 15.79 1.74 -37.58
N ILE A 136 15.67 2.85 -36.86
CA ILE A 136 15.53 2.82 -35.39
C ILE A 136 14.11 3.17 -34.94
N ASP A 137 13.48 2.27 -34.19
CA ASP A 137 12.11 2.48 -33.74
C ASP A 137 11.88 1.83 -32.38
N PRO A 138 10.97 2.38 -31.57
CA PRO A 138 10.90 1.84 -30.23
C PRO A 138 9.68 1.00 -29.91
N ASN A 139 9.79 0.32 -28.77
CA ASN A 139 8.73 0.13 -27.82
C ASN A 139 7.51 0.99 -28.00
N ALA A 140 7.78 2.30 -27.99
CA ALA A 140 6.79 3.30 -27.86
C ALA A 140 5.90 3.39 -29.13
N ARG A 141 6.27 2.69 -30.19
CA ARG A 141 5.46 2.62 -31.38
C ARG A 141 4.25 1.77 -31.10
N HIS A 142 4.33 0.96 -30.07
CA HIS A 142 3.19 0.10 -29.73
C HIS A 142 2.27 0.80 -28.76
N CYS A 143 2.56 2.08 -28.49
CA CYS A 143 2.05 2.70 -27.26
C CYS A 143 1.64 4.15 -27.37
N MET A 144 2.59 5.04 -27.67
CA MET A 144 2.28 6.47 -27.68
C MET A 144 2.22 7.12 -29.06
N ALA A 145 2.62 6.38 -30.08
CA ALA A 145 2.59 6.89 -31.48
C ALA A 145 1.30 7.55 -31.89
N SER A 146 0.15 6.99 -31.49
CA SER A 146 -1.16 7.61 -31.77
C SER A 146 -1.37 8.91 -31.00
N ALA A 147 -0.91 8.98 -29.75
CA ALA A 147 -1.10 10.21 -29.00
C ALA A 147 -0.18 11.32 -29.55
N VAL A 148 1.03 10.91 -29.95
CA VAL A 148 2.05 11.78 -30.53
C VAL A 148 1.62 12.35 -31.88
N VAL A 149 1.23 11.49 -32.81
CA VAL A 149 0.66 11.99 -34.05
C VAL A 149 -0.54 12.93 -33.76
N GLY A 150 -1.32 12.64 -32.71
CA GLY A 150 -2.47 13.45 -32.37
C GLY A 150 -2.09 14.85 -31.92
N PHE A 151 -1.09 14.91 -31.05
CA PHE A 151 -0.53 16.16 -30.60
C PHE A 151 -0.04 16.99 -31.79
N MET A 152 0.72 16.34 -32.69
CA MET A 152 1.34 17.03 -33.83
C MET A 152 0.28 17.57 -34.73
N ARG A 153 -0.79 16.81 -34.94
CA ARG A 153 -1.89 17.30 -35.75
C ARG A 153 -2.63 18.45 -35.11
N THR A 154 -3.07 18.27 -33.85
CA THR A 154 -3.84 19.28 -33.10
C THR A 154 -2.99 20.47 -32.59
N PHE A 155 -1.76 20.23 -32.15
CA PHE A 155 -1.00 21.31 -31.53
C PHE A 155 0.32 21.66 -32.17
N GLY A 156 0.92 20.71 -32.91
CA GLY A 156 2.25 20.89 -33.54
C GLY A 156 3.46 20.73 -32.60
N MET A 157 3.21 20.32 -31.36
CA MET A 157 4.26 19.95 -30.43
C MET A 157 3.74 18.85 -29.60
N ASP A 158 4.65 18.01 -29.14
CA ASP A 158 4.26 16.82 -28.42
C ASP A 158 3.90 17.13 -26.98
N GLU A 159 3.20 16.17 -26.37
CA GLU A 159 3.08 16.04 -24.92
C GLU A 159 2.08 17.01 -24.27
N PRO A 160 1.48 16.58 -23.12
CA PRO A 160 0.38 17.27 -22.41
C PRO A 160 0.66 18.69 -22.05
N MET A 161 -0.38 19.49 -21.91
CA MET A 161 -0.21 20.90 -21.56
C MET A 161 -0.62 21.20 -20.11
N GLY A 162 -0.97 20.13 -19.37
CA GLY A 162 -1.31 20.19 -17.96
C GLY A 162 -0.31 19.40 -17.14
N CYS A 163 -0.69 19.02 -15.93
CA CYS A 163 0.21 18.31 -15.01
C CYS A 163 -0.60 17.68 -13.90
N TYR A 164 0.04 16.88 -13.06
CA TYR A 164 -0.66 16.07 -12.09
C TYR A 164 -1.37 16.94 -11.06
N ASP A 165 -0.88 18.16 -10.87
CA ASP A 165 -1.45 19.13 -9.93
C ASP A 165 -2.92 19.48 -10.29
N ASP A 166 -3.39 19.00 -11.45
CA ASP A 166 -4.74 19.28 -11.94
C ASP A 166 -5.70 18.43 -11.15
N ILE A 167 -5.18 17.34 -10.60
CA ILE A 167 -5.97 16.39 -9.87
C ILE A 167 -6.68 17.01 -8.67
N GLU A 168 -5.92 17.59 -7.76
CA GLU A 168 -6.54 18.16 -6.60
C GLU A 168 -7.20 19.52 -6.89
N GLN A 169 -7.43 19.83 -8.17
CA GLN A 169 -8.19 21.03 -8.55
C GLN A 169 -9.36 20.83 -9.52
N ALA A 170 -9.57 19.58 -9.91
CA ALA A 170 -10.57 19.23 -10.89
C ALA A 170 -11.97 19.10 -10.30
N ASP A 171 -13.00 19.41 -11.07
CA ASP A 171 -14.37 19.19 -10.64
C ASP A 171 -14.81 17.85 -11.09
N ALA A 172 -14.30 17.41 -12.26
CA ALA A 172 -14.72 16.15 -12.89
C ALA A 172 -13.55 15.44 -13.58
N PHE A 173 -13.58 14.10 -13.52
CA PHE A 173 -12.59 13.24 -14.16
C PHE A 173 -13.31 12.30 -15.08
N VAL A 174 -12.86 12.25 -16.34
CA VAL A 174 -13.39 11.30 -17.29
C VAL A 174 -12.24 10.46 -17.76
N LEU A 175 -12.31 9.13 -17.55
CA LEU A 175 -11.27 8.19 -18.02
C LEU A 175 -11.81 7.51 -19.24
N TRP A 176 -11.10 7.67 -20.34
CA TRP A 176 -11.61 7.17 -21.61
C TRP A 176 -11.08 5.77 -21.95
N GLY A 177 -11.19 4.83 -21.00
CA GLY A 177 -10.70 3.47 -21.21
C GLY A 177 -9.45 3.17 -20.38
N ALA A 178 -8.97 4.19 -19.67
CA ALA A 178 -7.86 4.06 -18.75
C ALA A 178 -8.22 3.26 -17.52
N ASN A 179 -7.53 2.14 -17.30
CA ASN A 179 -7.67 1.41 -16.04
C ASN A 179 -6.69 1.97 -15.04
N MET A 180 -6.95 3.18 -14.55
CA MET A 180 -5.97 3.89 -13.76
C MET A 180 -5.76 3.26 -12.40
N ALA A 181 -6.79 2.61 -11.86
CA ALA A 181 -6.65 1.94 -10.56
C ALA A 181 -5.52 0.91 -10.56
N GLU A 182 -5.27 0.30 -11.71
CA GLU A 182 -4.19 -0.69 -11.84
C GLU A 182 -2.93 -0.18 -12.58
N MET A 183 -3.08 0.71 -13.56
CA MET A 183 -1.93 1.05 -14.39
C MET A 183 -1.29 2.40 -14.05
N HIS A 184 -1.97 3.20 -13.26
CA HIS A 184 -1.44 4.47 -12.76
C HIS A 184 -1.80 4.74 -11.30
N PRO A 185 -1.56 3.74 -10.43
CA PRO A 185 -2.10 3.67 -9.07
C PRO A 185 -1.90 4.92 -8.23
N ILE A 186 -0.75 5.57 -8.37
CA ILE A 186 -0.47 6.75 -7.59
C ILE A 186 -1.34 7.94 -8.02
N LEU A 187 -1.46 8.12 -9.34
CA LEU A 187 -2.52 8.98 -9.88
C LEU A 187 -3.91 8.62 -9.34
N TRP A 188 -4.32 7.36 -9.48
CA TRP A 188 -5.61 6.92 -8.95
C TRP A 188 -5.91 7.32 -7.50
N SER A 189 -4.96 7.02 -6.61
CA SER A 189 -5.09 7.33 -5.22
C SER A 189 -5.26 8.85 -5.04
N ARG A 190 -4.51 9.65 -5.80
CA ARG A 190 -4.66 11.12 -5.77
C ARG A 190 -6.03 11.58 -6.26
N ILE A 191 -6.55 10.89 -7.28
CA ILE A 191 -7.92 11.14 -7.79
C ILE A 191 -8.93 10.75 -6.72
N THR A 192 -8.72 9.56 -6.14
CA THR A 192 -9.52 9.00 -5.08
C THR A 192 -9.63 9.95 -3.86
N ASN A 193 -8.51 10.56 -3.46
CA ASN A 193 -8.52 11.60 -2.43
C ASN A 193 -9.41 12.77 -2.81
N ARG A 194 -9.24 13.22 -4.05
CA ARG A 194 -9.98 14.33 -4.58
C ARG A 194 -11.47 14.04 -4.53
N ARG A 195 -11.85 12.88 -5.07
CA ARG A 195 -13.23 12.51 -5.16
C ARG A 195 -13.85 12.34 -3.77
N LEU A 196 -13.28 11.40 -3.00
CA LEU A 196 -13.76 11.04 -1.66
C LEU A 196 -13.83 12.17 -0.65
N SER A 197 -13.04 13.23 -0.84
CA SER A 197 -13.02 14.35 0.10
C SER A 197 -13.83 15.55 -0.34
N ASN A 198 -14.59 15.39 -1.42
CA ASN A 198 -15.24 16.50 -2.06
C ASN A 198 -16.43 16.03 -2.90
N GLN A 199 -17.61 16.34 -2.40
CA GLN A 199 -18.93 15.86 -2.87
C GLN A 199 -19.36 16.42 -4.22
N ASN A 200 -18.82 17.54 -4.64
CA ASN A 200 -19.22 18.18 -5.88
C ASN A 200 -18.37 17.71 -7.05
N VAL A 201 -17.42 16.84 -6.75
CA VAL A 201 -16.55 16.27 -7.72
C VAL A 201 -17.20 15.03 -8.26
N THR A 202 -17.16 14.86 -9.58
CA THR A 202 -17.67 13.65 -10.25
C THR A 202 -16.56 12.86 -10.90
N VAL A 203 -16.78 11.57 -11.09
CA VAL A 203 -15.83 10.72 -11.78
C VAL A 203 -16.60 9.85 -12.78
N ALA A 204 -16.30 10.00 -14.07
CA ALA A 204 -16.87 9.13 -15.08
C ALA A 204 -15.80 8.20 -15.59
N VAL A 205 -16.12 6.92 -15.67
CA VAL A 205 -15.14 5.94 -16.12
C VAL A 205 -15.81 5.11 -17.21
N LEU A 206 -15.30 5.24 -18.43
CA LEU A 206 -15.80 4.44 -19.53
C LEU A 206 -14.78 3.38 -19.82
N SER A 207 -15.26 2.17 -20.01
CA SER A 207 -14.43 1.03 -20.32
C SER A 207 -15.20 -0.01 -21.13
N THR A 208 -14.44 -0.92 -21.69
CA THR A 208 -14.92 -2.00 -22.50
C THR A 208 -15.27 -3.22 -21.63
N TYR A 209 -14.76 -3.18 -20.40
CA TYR A 209 -15.05 -4.18 -19.35
C TYR A 209 -15.00 -3.51 -17.99
N GLN A 210 -15.78 -4.05 -17.06
CA GLN A 210 -15.73 -3.56 -15.69
C GLN A 210 -14.44 -4.00 -15.01
N HIS A 211 -13.77 -3.05 -14.37
CA HIS A 211 -12.51 -3.32 -13.68
C HIS A 211 -12.45 -2.51 -12.40
N ARG A 212 -11.26 -2.42 -11.80
CA ARG A 212 -11.14 -1.85 -10.46
C ARG A 212 -11.40 -0.36 -10.37
N SER A 213 -11.31 0.34 -11.50
CA SER A 213 -11.53 1.79 -11.52
C SER A 213 -13.01 2.13 -11.42
N PHE A 214 -13.87 1.14 -11.58
CA PHE A 214 -15.30 1.43 -11.55
C PHE A 214 -15.80 1.78 -10.16
N GLU A 215 -15.17 1.15 -9.16
CA GLU A 215 -15.36 1.47 -7.73
C GLU A 215 -15.56 2.93 -7.40
N LEU A 216 -14.86 3.79 -8.10
CA LEU A 216 -14.94 5.20 -7.74
C LEU A 216 -15.76 5.99 -8.76
N ALA A 217 -16.34 5.30 -9.72
CA ALA A 217 -17.12 5.96 -10.77
C ALA A 217 -18.54 6.34 -10.30
N ASP A 218 -18.83 7.62 -10.38
CA ASP A 218 -20.19 8.05 -10.30
C ASP A 218 -20.89 7.66 -11.58
N ASN A 219 -20.23 7.84 -12.71
CA ASN A 219 -20.80 7.46 -13.97
C ASN A 219 -19.93 6.39 -14.61
N GLY A 220 -20.30 5.14 -14.35
CA GLY A 220 -19.55 3.98 -14.83
C GLY A 220 -20.28 3.52 -16.06
N ILE A 221 -19.56 3.45 -17.18
CA ILE A 221 -20.12 3.17 -18.52
C ILE A 221 -19.34 2.05 -19.16
N ILE A 222 -20.06 1.05 -19.68
CA ILE A 222 -19.48 0.00 -20.53
C ILE A 222 -19.95 0.16 -21.98
N PHE A 223 -19.03 0.37 -22.90
CA PHE A 223 -19.35 0.50 -24.32
C PHE A 223 -18.78 -0.62 -25.15
N THR A 224 -19.23 -0.70 -26.40
CA THR A 224 -18.76 -1.66 -27.39
C THR A 224 -17.37 -1.18 -27.88
N PRO A 225 -16.44 -2.11 -28.13
CA PRO A 225 -15.18 -1.72 -28.76
C PRO A 225 -15.35 -0.89 -30.08
N GLN A 226 -14.57 0.19 -30.21
CA GLN A 226 -14.53 1.18 -31.35
C GLN A 226 -15.54 2.28 -31.21
N SER A 227 -16.61 2.01 -30.48
CA SER A 227 -17.71 2.97 -30.35
C SER A 227 -17.36 4.25 -29.62
N ASP A 228 -16.20 4.32 -28.97
CA ASP A 228 -15.79 5.61 -28.40
C ASP A 228 -15.83 6.76 -29.42
N LEU A 229 -15.53 6.46 -30.68
CA LEU A 229 -15.51 7.47 -31.72
C LEU A 229 -16.89 8.10 -31.83
N VAL A 230 -17.92 7.26 -31.64
CA VAL A 230 -19.31 7.69 -31.69
C VAL A 230 -19.60 8.64 -30.54
N ILE A 231 -19.24 8.17 -29.32
CA ILE A 231 -19.43 8.96 -28.11
C ILE A 231 -18.70 10.28 -28.25
N LEU A 232 -17.46 10.21 -28.70
CA LEU A 232 -16.65 11.44 -28.86
C LEU A 232 -17.33 12.48 -29.76
N ASN A 233 -17.78 12.03 -30.94
CA ASN A 233 -18.54 12.85 -31.86
C ASN A 233 -19.86 13.35 -31.25
N TYR A 234 -20.61 12.45 -30.60
CA TYR A 234 -21.83 12.81 -29.87
C TYR A 234 -21.69 13.97 -28.87
N ILE A 235 -20.68 13.91 -27.99
CA ILE A 235 -20.47 14.98 -27.02
C ILE A 235 -20.24 16.30 -27.74
N ALA A 236 -19.53 16.25 -28.86
CA ALA A 236 -19.26 17.48 -29.59
C ALA A 236 -20.58 18.09 -30.10
N ASN A 237 -21.41 17.21 -30.66
CA ASN A 237 -22.75 17.54 -31.06
C ASN A 237 -23.51 18.20 -29.92
N TYR A 238 -23.55 17.52 -28.78
CA TYR A 238 -24.23 17.99 -27.59
C TYR A 238 -23.80 19.39 -27.21
N ILE A 239 -22.50 19.63 -27.15
CA ILE A 239 -21.99 20.96 -26.87
C ILE A 239 -22.56 22.04 -27.82
N ILE A 240 -22.66 21.75 -29.12
CA ILE A 240 -23.20 22.73 -30.09
C ILE A 240 -24.70 22.93 -29.83
N GLN A 241 -25.43 21.82 -29.87
CA GLN A 241 -26.86 21.70 -29.58
C GLN A 241 -27.25 22.46 -28.32
N ASN A 242 -26.34 22.54 -27.35
CA ASN A 242 -26.67 23.21 -26.10
C ASN A 242 -26.03 24.57 -25.96
N ASN A 243 -25.76 25.23 -27.08
CA ASN A 243 -25.05 26.54 -27.09
C ASN A 243 -23.95 26.65 -26.03
N ALA A 244 -23.07 25.64 -25.98
CA ALA A 244 -22.02 25.58 -24.95
C ALA A 244 -20.60 25.87 -25.47
N ILE A 245 -20.48 26.24 -26.73
CA ILE A 245 -19.20 26.70 -27.26
C ILE A 245 -18.72 27.92 -26.50
N ASN A 246 -17.50 27.86 -26.00
CA ASN A 246 -16.89 29.02 -25.38
C ASN A 246 -16.45 29.94 -26.54
N GLN A 247 -17.26 30.96 -26.82
CA GLN A 247 -17.14 31.74 -28.06
C GLN A 247 -15.81 32.41 -28.18
N ASP A 248 -15.38 33.04 -27.09
CA ASP A 248 -14.18 33.85 -27.09
C ASP A 248 -12.97 32.98 -27.44
N PHE A 249 -12.83 31.85 -26.75
CA PHE A 249 -11.72 30.92 -27.00
C PHE A 249 -11.74 30.38 -28.43
N PHE A 250 -12.91 29.90 -28.85
CA PHE A 250 -13.18 29.44 -30.21
C PHE A 250 -12.76 30.43 -31.32
N SER A 251 -12.84 31.73 -31.04
CA SER A 251 -12.69 32.75 -32.06
C SER A 251 -11.24 33.06 -32.34
N LYS A 252 -10.49 33.19 -31.25
CA LYS A 252 -9.09 33.55 -31.35
C LYS A 252 -8.18 32.35 -31.53
N HIS A 253 -8.58 31.15 -31.09
CA HIS A 253 -7.60 30.08 -30.86
C HIS A 253 -7.77 28.73 -31.57
N VAL A 254 -8.82 28.59 -32.37
CA VAL A 254 -9.14 27.30 -33.02
C VAL A 254 -9.32 27.44 -34.53
N ASN A 255 -8.81 26.49 -35.29
CA ASN A 255 -9.16 26.28 -36.70
C ASN A 255 -9.93 24.97 -36.83
N LEU A 256 -10.73 24.83 -37.89
CA LEU A 256 -11.41 23.58 -38.15
C LEU A 256 -10.94 22.97 -39.47
N ARG A 257 -10.69 21.67 -39.42
CA ARG A 257 -10.30 20.93 -40.61
C ARG A 257 -11.15 19.66 -40.70
N LYS A 258 -11.24 19.11 -41.90
CA LYS A 258 -11.86 17.81 -42.12
C LYS A 258 -10.79 16.78 -42.50
N GLY A 259 -10.78 15.65 -41.83
CA GLY A 259 -9.80 14.65 -42.13
C GLY A 259 -10.24 13.64 -43.17
N ALA A 260 -9.24 13.07 -43.85
CA ALA A 260 -9.47 12.09 -44.91
C ALA A 260 -9.94 10.78 -44.29
N THR A 261 -10.87 10.12 -44.95
CA THR A 261 -11.50 8.93 -44.33
C THR A 261 -11.18 7.66 -45.10
N ASP A 262 -11.64 6.53 -44.60
CA ASP A 262 -11.59 5.22 -45.28
C ASP A 262 -10.13 4.86 -45.53
N ILE A 263 -9.37 4.80 -44.44
CA ILE A 263 -7.90 4.77 -44.49
C ILE A 263 -7.21 3.40 -44.35
N GLY A 264 -7.98 2.31 -44.29
CA GLY A 264 -7.35 1.01 -44.14
C GLY A 264 -6.85 0.71 -42.72
N TYR A 265 -5.99 -0.29 -42.61
CA TYR A 265 -5.62 -0.73 -41.28
C TYR A 265 -4.16 -1.09 -41.14
N GLY A 266 -3.30 -0.36 -41.86
CA GLY A 266 -1.87 -0.50 -41.73
C GLY A 266 -1.39 -1.94 -41.69
N LEU A 267 -2.07 -2.79 -42.49
CA LEU A 267 -1.70 -4.20 -42.75
C LEU A 267 -0.90 -4.27 -44.03
N ARG A 268 -0.35 -5.45 -44.35
CA ARG A 268 0.32 -5.68 -45.63
C ARG A 268 -0.64 -5.34 -46.78
N PRO A 269 -0.15 -4.63 -47.81
CA PRO A 269 -0.98 -4.13 -48.92
C PRO A 269 -1.81 -5.17 -49.65
N THR A 270 -1.35 -6.43 -49.68
CA THR A 270 -2.12 -7.56 -50.23
C THR A 270 -3.43 -7.83 -49.50
N HIS A 271 -3.60 -7.25 -48.31
CA HIS A 271 -4.67 -7.69 -47.40
C HIS A 271 -6.03 -7.12 -47.87
N PRO A 272 -7.13 -7.92 -47.77
CA PRO A 272 -8.45 -7.43 -48.16
C PRO A 272 -8.77 -6.01 -47.68
N LEU A 273 -8.41 -5.65 -46.46
CA LEU A 273 -8.80 -4.37 -45.93
C LEU A 273 -7.97 -3.22 -46.53
N GLU A 274 -6.83 -3.56 -47.14
CA GLU A 274 -5.96 -2.56 -47.78
C GLU A 274 -6.40 -2.35 -49.23
N LYS A 275 -6.64 -3.46 -49.94
CA LYS A 275 -7.26 -3.41 -51.24
C LYS A 275 -8.58 -2.66 -51.18
N ALA A 276 -9.30 -2.77 -50.06
CA ALA A 276 -10.64 -2.16 -49.94
C ALA A 276 -10.57 -0.67 -49.54
N ALA A 277 -9.38 -0.24 -49.11
CA ALA A 277 -9.17 1.08 -48.66
C ALA A 277 -9.35 2.08 -49.79
N LYS A 278 -9.93 3.24 -49.49
CA LYS A 278 -10.05 4.31 -50.45
C LYS A 278 -8.84 5.20 -50.38
N ASN A 279 -8.43 5.52 -49.17
CA ASN A 279 -7.41 6.53 -48.92
C ASN A 279 -6.35 5.98 -48.01
N PRO A 280 -5.74 4.84 -48.39
CA PRO A 280 -4.99 3.96 -47.47
C PRO A 280 -3.82 4.64 -46.77
N GLY A 281 -3.94 4.87 -45.46
CA GLY A 281 -2.83 5.48 -44.75
C GLY A 281 -2.71 6.98 -44.90
N SER A 282 -3.74 7.64 -45.41
CA SER A 282 -3.63 9.09 -45.50
C SER A 282 -4.11 9.90 -44.28
N ASP A 283 -3.27 10.83 -43.84
CA ASP A 283 -3.53 11.76 -42.77
C ASP A 283 -3.97 13.12 -43.30
N ALA A 284 -4.42 13.19 -44.55
CA ALA A 284 -4.72 14.46 -45.20
C ALA A 284 -5.98 15.19 -44.67
N SER A 285 -6.00 16.51 -44.77
CA SER A 285 -7.12 17.25 -44.24
C SER A 285 -7.28 18.58 -44.94
N GLU A 286 -8.50 19.09 -44.92
CA GLU A 286 -8.77 20.39 -45.52
C GLU A 286 -9.49 21.28 -44.50
N PRO A 287 -9.27 22.62 -44.57
CA PRO A 287 -9.99 23.58 -43.73
C PRO A 287 -11.46 23.31 -43.92
N MET A 288 -12.26 23.53 -42.87
CA MET A 288 -13.68 23.15 -42.88
C MET A 288 -14.48 24.30 -42.29
N SER A 289 -15.65 24.60 -42.84
CA SER A 289 -16.49 25.68 -42.31
C SER A 289 -17.13 25.23 -40.99
N PHE A 290 -17.49 26.19 -40.15
CA PHE A 290 -18.23 25.85 -38.95
C PHE A 290 -19.52 25.06 -39.19
N GLU A 291 -20.32 25.45 -40.17
CA GLU A 291 -21.59 24.75 -40.37
C GLU A 291 -21.35 23.37 -40.97
N ASP A 292 -20.28 23.24 -41.76
CA ASP A 292 -19.83 21.93 -42.23
C ASP A 292 -19.64 21.00 -41.04
N TYR A 293 -18.92 21.48 -40.03
CA TYR A 293 -18.60 20.72 -38.83
C TYR A 293 -19.88 20.38 -38.04
N LYS A 294 -20.68 21.41 -37.78
CA LYS A 294 -21.95 21.29 -37.06
C LYS A 294 -22.88 20.27 -37.73
N ALA A 295 -22.95 20.29 -39.06
CA ALA A 295 -23.65 19.25 -39.81
C ALA A 295 -22.99 17.89 -39.58
N PHE A 296 -21.66 17.87 -39.59
CA PHE A 296 -20.91 16.62 -39.44
C PHE A 296 -21.23 15.90 -38.13
N VAL A 297 -21.23 16.63 -37.01
CA VAL A 297 -21.42 15.96 -35.73
C VAL A 297 -22.89 15.76 -35.42
N ALA A 298 -23.75 16.53 -36.11
CA ALA A 298 -25.22 16.36 -36.00
C ALA A 298 -25.67 14.93 -36.36
N GLU A 299 -24.89 14.26 -37.20
CA GLU A 299 -25.16 12.87 -37.53
C GLU A 299 -25.18 12.04 -36.26
N TYR A 300 -24.34 12.42 -35.30
CA TYR A 300 -24.18 11.70 -34.03
C TYR A 300 -25.22 12.03 -32.94
N THR A 301 -26.41 11.45 -33.12
CA THR A 301 -27.55 11.73 -32.25
C THR A 301 -27.53 10.87 -30.99
N LEU A 302 -27.94 11.45 -29.86
CA LEU A 302 -28.17 10.65 -28.65
C LEU A 302 -28.71 9.23 -28.97
N GLU A 303 -29.75 9.16 -29.80
CA GLU A 303 -30.36 7.89 -30.18
C GLU A 303 -29.41 6.91 -30.88
N LYS A 304 -28.71 7.40 -31.92
CA LYS A 304 -27.72 6.57 -32.65
C LYS A 304 -26.54 6.13 -31.76
N THR A 305 -26.06 7.09 -30.95
CA THR A 305 -24.99 6.83 -30.00
C THR A 305 -25.36 5.69 -29.06
N ALA A 306 -26.54 5.77 -28.46
CA ALA A 306 -27.00 4.73 -27.56
C ALA A 306 -26.97 3.36 -28.21
N GLU A 307 -27.43 3.30 -29.46
CA GLU A 307 -27.49 2.04 -30.18
C GLU A 307 -26.08 1.54 -30.49
N MET A 308 -25.24 2.41 -31.05
CA MET A 308 -23.94 1.97 -31.57
C MET A 308 -22.97 1.53 -30.46
N THR A 309 -23.26 1.90 -29.21
CA THR A 309 -22.33 1.70 -28.11
C THR A 309 -22.87 0.77 -27.04
N GLY A 310 -24.18 0.49 -27.07
CA GLY A 310 -24.85 -0.23 -25.99
C GLY A 310 -24.97 0.49 -24.65
N VAL A 311 -24.73 1.81 -24.60
CA VAL A 311 -24.76 2.53 -23.33
C VAL A 311 -26.02 3.41 -23.14
N PRO A 312 -26.64 3.33 -21.94
CA PRO A 312 -27.91 4.01 -21.68
C PRO A 312 -27.88 5.48 -22.01
N LYS A 313 -28.99 5.94 -22.58
CA LYS A 313 -29.12 7.26 -23.12
C LYS A 313 -28.83 8.34 -22.06
N ASP A 314 -29.24 8.07 -20.81
CA ASP A 314 -29.19 9.09 -19.77
C ASP A 314 -27.76 9.23 -19.23
N GLN A 315 -27.07 8.10 -19.19
CA GLN A 315 -25.65 8.07 -18.87
C GLN A 315 -24.80 8.82 -19.92
N LEU A 316 -25.10 8.65 -21.21
CA LEU A 316 -24.44 9.45 -22.25
C LEU A 316 -24.66 10.95 -22.06
N GLU A 317 -25.88 11.34 -21.70
CA GLU A 317 -26.21 12.74 -21.39
C GLU A 317 -25.54 13.26 -20.10
N GLN A 318 -25.55 12.47 -19.04
CA GLN A 318 -24.81 12.87 -17.83
C GLN A 318 -23.34 13.21 -18.19
N LEU A 319 -22.75 12.37 -19.04
CA LEU A 319 -21.34 12.47 -19.47
C LEU A 319 -21.03 13.70 -20.28
N ALA A 320 -21.85 13.98 -21.29
CA ALA A 320 -21.62 15.11 -22.20
C ALA A 320 -21.91 16.40 -21.47
N GLN A 321 -22.74 16.28 -20.43
CA GLN A 321 -23.13 17.41 -19.62
C GLN A 321 -21.95 17.98 -18.82
N LEU A 322 -21.00 17.14 -18.44
CA LEU A 322 -19.75 17.62 -17.81
C LEU A 322 -18.88 18.52 -18.70
N TYR A 323 -18.78 18.17 -19.97
CA TYR A 323 -18.02 18.98 -20.92
C TYR A 323 -18.73 20.28 -21.19
N ALA A 324 -20.06 20.21 -21.28
CA ALA A 324 -20.84 21.36 -21.68
C ALA A 324 -20.97 22.39 -20.57
N ASP A 325 -20.94 21.95 -19.31
CA ASP A 325 -21.11 22.87 -18.19
C ASP A 325 -19.94 23.84 -18.12
N PRO A 326 -20.23 25.15 -18.23
CA PRO A 326 -19.14 26.14 -18.35
C PRO A 326 -18.35 26.34 -17.06
N ASN A 327 -18.90 25.89 -15.94
CA ASN A 327 -18.19 25.99 -14.66
C ASN A 327 -17.51 24.69 -14.19
N LYS A 328 -17.65 23.59 -14.93
CA LYS A 328 -16.96 22.34 -14.54
C LYS A 328 -15.53 22.22 -15.08
N LYS A 329 -14.53 22.41 -14.21
CA LYS A 329 -13.13 22.08 -14.54
C LYS A 329 -13.06 20.57 -14.80
N VAL A 330 -12.70 20.18 -16.03
CA VAL A 330 -12.69 18.75 -16.42
C VAL A 330 -11.28 18.28 -16.78
N ILE A 331 -10.94 17.10 -16.28
CA ILE A 331 -9.79 16.41 -16.81
C ILE A 331 -10.21 15.18 -17.55
N SER A 332 -9.71 15.07 -18.79
CA SER A 332 -9.89 13.85 -19.55
C SER A 332 -8.60 13.00 -19.55
N TYR A 333 -8.73 11.72 -19.24
CA TYR A 333 -7.60 10.79 -19.24
C TYR A 333 -7.74 9.64 -20.23
N TRP A 334 -6.65 9.34 -20.93
CA TRP A 334 -6.64 8.13 -21.77
C TRP A 334 -5.27 7.47 -21.84
N THR A 335 -5.29 6.16 -22.15
CA THR A 335 -4.09 5.38 -22.26
C THR A 335 -4.17 4.50 -23.54
N MET A 336 -4.04 3.20 -23.42
CA MET A 336 -3.96 2.37 -24.59
C MET A 336 -5.29 2.20 -25.30
N GLY A 337 -6.38 2.35 -24.57
CA GLY A 337 -7.72 2.27 -25.15
C GLY A 337 -7.81 3.20 -26.33
N PHE A 338 -7.37 4.44 -26.14
CA PHE A 338 -7.40 5.39 -27.23
C PHE A 338 -6.23 5.18 -28.21
N ASN A 339 -5.07 4.74 -27.70
CA ASN A 339 -3.83 4.75 -28.47
C ASN A 339 -3.59 3.48 -29.30
N GLN A 340 -3.86 2.30 -28.70
CA GLN A 340 -3.80 1.00 -29.35
C GLN A 340 -5.17 0.74 -29.95
N HIS A 341 -5.40 1.31 -31.13
CA HIS A 341 -6.74 1.54 -31.68
C HIS A 341 -6.56 1.87 -33.15
N THR A 342 -7.37 1.25 -34.03
CA THR A 342 -7.12 1.43 -35.47
C THR A 342 -7.52 2.83 -35.97
N ARG A 343 -8.29 3.56 -35.16
CA ARG A 343 -8.47 4.99 -35.41
C ARG A 343 -8.05 5.83 -34.19
N GLY A 344 -6.90 5.50 -33.61
CA GLY A 344 -6.46 6.13 -32.38
C GLY A 344 -6.03 7.58 -32.56
N VAL A 345 -5.41 7.91 -33.69
CA VAL A 345 -5.07 9.29 -33.90
C VAL A 345 -6.40 10.05 -33.89
N TRP A 346 -7.38 9.51 -34.64
CA TRP A 346 -8.71 10.16 -34.70
C TRP A 346 -9.27 10.30 -33.29
N ALA A 347 -9.21 9.21 -32.53
CA ALA A 347 -9.61 9.27 -31.10
C ALA A 347 -8.99 10.47 -30.42
N ASN A 348 -7.68 10.61 -30.56
CA ASN A 348 -6.93 11.65 -29.86
C ASN A 348 -7.42 13.04 -30.22
N ASN A 349 -7.36 13.37 -31.51
CA ASN A 349 -7.99 14.56 -32.06
C ASN A 349 -9.44 14.71 -31.62
N LEU A 350 -10.20 13.62 -31.66
CA LEU A 350 -11.63 13.75 -31.29
C LEU A 350 -11.81 14.23 -29.82
N VAL A 351 -11.02 13.69 -28.90
CA VAL A 351 -11.15 14.12 -27.53
C VAL A 351 -10.64 15.57 -27.35
N TYR A 352 -9.69 16.01 -28.18
CA TYR A 352 -9.20 17.38 -28.04
C TYR A 352 -10.25 18.37 -28.41
N ASN A 353 -11.02 18.04 -29.44
CA ASN A 353 -12.11 18.88 -29.90
C ASN A 353 -12.98 19.23 -28.70
N LEU A 354 -13.38 18.21 -27.94
CA LEU A 354 -14.25 18.42 -26.79
C LEU A 354 -13.70 19.53 -25.90
N HIS A 355 -12.40 19.50 -25.64
CA HIS A 355 -11.73 20.51 -24.80
C HIS A 355 -11.59 21.86 -25.53
N LEU A 356 -11.44 21.78 -26.85
CA LEU A 356 -11.17 22.96 -27.67
C LEU A 356 -12.43 23.77 -27.99
N LEU A 357 -13.58 23.11 -28.03
CA LEU A 357 -14.84 23.79 -28.23
C LEU A 357 -15.25 24.54 -26.96
N THR A 358 -14.87 23.99 -25.82
CA THR A 358 -15.37 24.45 -24.53
C THR A 358 -14.39 25.37 -23.87
N GLY A 359 -13.17 25.42 -24.42
CA GLY A 359 -12.10 26.23 -23.87
C GLY A 359 -11.50 25.66 -22.60
N LYS A 360 -11.65 24.36 -22.37
CA LYS A 360 -11.17 23.73 -21.14
C LYS A 360 -9.79 23.12 -21.35
N ILE A 361 -8.74 23.92 -21.17
CA ILE A 361 -7.37 23.49 -21.50
C ILE A 361 -6.32 24.43 -20.92
N SER A 362 -5.14 23.89 -20.57
CA SER A 362 -4.01 24.66 -20.04
C SER A 362 -4.30 25.53 -18.79
N GLN A 363 -5.26 25.09 -17.99
CA GLN A 363 -5.59 25.72 -16.71
C GLN A 363 -5.55 24.69 -15.58
N PRO A 364 -5.11 25.10 -14.38
CA PRO A 364 -5.09 24.20 -13.23
C PRO A 364 -6.44 23.55 -13.03
N GLY A 365 -6.48 22.23 -12.90
CA GLY A 365 -7.73 21.47 -12.70
C GLY A 365 -8.55 21.16 -13.95
N CYS A 366 -8.11 21.66 -15.10
CA CYS A 366 -8.95 21.65 -16.30
C CYS A 366 -8.15 21.44 -17.57
N GLY A 367 -8.29 20.26 -18.23
CA GLY A 367 -7.50 19.93 -19.44
C GLY A 367 -7.56 18.49 -19.97
N PRO A 368 -7.29 18.27 -21.28
CA PRO A 368 -7.15 16.89 -21.74
C PRO A 368 -5.74 16.40 -21.44
N PHE A 369 -5.62 15.24 -20.79
CA PHE A 369 -4.31 14.73 -20.40
C PHE A 369 -4.03 13.28 -20.87
N SER A 370 -3.37 13.17 -22.02
CA SER A 370 -2.84 11.90 -22.51
C SER A 370 -1.88 11.27 -21.50
N LEU A 371 -2.23 10.12 -20.94
CA LEU A 371 -1.33 9.45 -20.01
C LEU A 371 -0.30 8.69 -20.84
N THR A 372 0.92 8.51 -20.30
CA THR A 372 1.98 7.68 -20.88
C THR A 372 2.27 6.46 -20.03
N GLY A 373 2.40 5.31 -20.64
CA GLY A 373 2.60 4.07 -19.89
C GLY A 373 4.03 3.87 -19.38
N GLN A 374 5.00 4.07 -20.27
CA GLN A 374 6.41 3.82 -19.95
C GLN A 374 7.10 4.97 -19.20
N PRO A 375 8.11 4.63 -18.38
CA PRO A 375 8.76 5.57 -17.51
C PRO A 375 9.45 6.64 -18.28
N SER A 376 9.90 6.33 -19.49
CA SER A 376 10.62 7.32 -20.29
C SER A 376 10.28 7.26 -21.76
N ALA A 377 9.06 6.79 -22.00
CA ALA A 377 8.48 6.90 -23.33
C ALA A 377 8.53 8.35 -23.82
N CYS A 378 8.15 9.29 -22.95
CA CYS A 378 8.27 10.72 -23.22
C CYS A 378 9.70 11.26 -23.26
N GLY A 379 10.45 11.03 -22.18
CA GLY A 379 11.76 11.67 -22.03
C GLY A 379 12.80 11.09 -22.94
N THR A 380 12.70 9.78 -23.18
CA THR A 380 13.60 9.11 -24.08
C THR A 380 13.00 8.97 -25.48
N ALA A 381 12.03 8.06 -25.64
CA ALA A 381 11.59 7.71 -26.99
C ALA A 381 11.05 8.89 -27.80
N ARG A 382 10.17 9.67 -27.18
CA ARG A 382 9.51 10.79 -27.86
C ARG A 382 10.36 12.05 -27.84
N GLU A 383 10.94 12.43 -26.71
CA GLU A 383 11.73 13.66 -26.71
C GLU A 383 13.08 13.58 -27.49
N VAL A 384 13.80 12.47 -27.37
CA VAL A 384 15.04 12.31 -28.17
C VAL A 384 14.73 12.02 -29.63
N GLY A 385 13.63 11.33 -29.86
CA GLY A 385 13.23 10.97 -31.20
C GLY A 385 13.84 9.66 -31.66
N THR A 386 13.66 8.60 -30.88
CA THR A 386 14.10 7.26 -31.29
C THR A 386 13.05 6.54 -32.15
N PHE A 387 12.64 7.18 -33.24
CA PHE A 387 11.64 6.64 -34.17
C PHE A 387 12.17 6.77 -35.58
N ALA A 388 11.53 6.07 -36.51
CA ALA A 388 12.07 6.01 -37.87
C ALA A 388 11.99 7.33 -38.61
N HIS A 389 11.15 8.25 -38.14
CA HIS A 389 10.93 9.52 -38.85
C HIS A 389 11.48 10.74 -38.12
N ARG A 390 12.30 10.49 -37.10
CA ARG A 390 12.56 11.52 -36.09
C ARG A 390 13.96 12.04 -35.90
N LEU A 391 14.04 13.29 -35.44
CA LEU A 391 15.28 13.89 -34.97
C LEU A 391 14.88 14.54 -33.65
N PRO A 392 15.84 14.90 -32.79
CA PRO A 392 15.48 15.52 -31.51
C PRO A 392 14.42 16.62 -31.54
N ALA A 393 13.74 16.80 -30.40
CA ALA A 393 12.89 17.99 -30.17
C ALA A 393 11.71 18.16 -31.16
N ASP A 394 11.03 17.05 -31.47
CA ASP A 394 9.91 17.04 -32.43
C ASP A 394 10.30 17.17 -33.91
N MET A 395 11.61 17.18 -34.19
CA MET A 395 12.14 17.33 -35.55
C MET A 395 11.99 16.03 -36.37
N VAL A 396 11.87 16.18 -37.69
CA VAL A 396 11.63 15.06 -38.57
C VAL A 396 12.75 14.90 -39.64
N VAL A 397 13.15 13.65 -39.93
CA VAL A 397 14.23 13.39 -40.91
C VAL A 397 13.83 13.90 -42.31
N THR A 398 12.54 14.19 -42.45
CA THR A 398 11.86 14.47 -43.68
C THR A 398 12.06 15.92 -44.07
N ASN A 399 12.53 16.71 -43.11
CA ASN A 399 12.66 18.12 -43.23
C ASN A 399 14.13 18.49 -43.40
N GLU A 400 14.49 18.99 -44.59
CA GLU A 400 15.88 19.31 -44.89
C GLU A 400 16.48 20.34 -43.91
N LYS A 401 15.62 21.22 -43.37
CA LYS A 401 16.09 22.23 -42.44
C LYS A 401 16.41 21.57 -41.08
N HIS A 402 15.56 20.65 -40.65
CA HIS A 402 15.81 19.83 -39.48
C HIS A 402 17.10 19.02 -39.59
N ARG A 403 17.31 18.43 -40.75
CA ARG A 403 18.51 17.64 -41.02
C ARG A 403 19.76 18.49 -40.92
N ASP A 404 19.59 19.75 -41.27
CA ASP A 404 20.67 20.71 -41.27
C ASP A 404 21.14 21.11 -39.92
N ILE A 405 20.18 21.27 -39.03
CA ILE A 405 20.47 21.73 -37.71
C ILE A 405 21.25 20.65 -37.05
N CYS A 406 20.80 19.42 -37.24
CA CYS A 406 21.39 18.31 -36.57
C CYS A 406 22.76 18.02 -37.16
N GLU A 407 22.86 17.96 -38.49
CA GLU A 407 24.17 17.74 -39.11
C GLU A 407 25.22 18.81 -38.69
N LYS A 408 24.78 20.07 -38.56
CA LYS A 408 25.65 21.19 -38.16
C LYS A 408 26.09 21.06 -36.72
N LYS A 409 25.12 20.81 -35.84
CA LYS A 409 25.43 20.63 -34.42
C LYS A 409 26.32 19.44 -34.15
N TRP A 410 26.08 18.34 -34.82
CA TRP A 410 26.80 17.09 -34.58
C TRP A 410 28.15 17.11 -35.31
N ASN A 411 28.32 18.11 -36.16
CA ASN A 411 29.52 18.31 -36.97
C ASN A 411 29.85 17.12 -37.88
N ILE A 412 28.86 16.72 -38.64
CA ILE A 412 29.01 15.68 -39.65
C ILE A 412 28.73 16.30 -41.03
N PRO A 413 29.15 15.66 -42.14
CA PRO A 413 28.96 16.29 -43.44
C PRO A 413 27.51 16.66 -43.75
N SER A 414 27.35 17.67 -44.58
CA SER A 414 26.03 17.99 -45.05
C SER A 414 25.48 16.83 -45.87
N GLY A 415 24.29 16.38 -45.51
CA GLY A 415 23.59 15.37 -46.26
C GLY A 415 23.84 13.99 -45.74
N THR A 416 24.40 13.84 -44.53
CA THR A 416 24.72 12.48 -44.11
C THR A 416 23.50 11.83 -43.49
N ILE A 417 22.74 12.59 -42.70
CA ILE A 417 21.48 12.11 -42.15
C ILE A 417 20.56 11.78 -43.33
N PRO A 418 20.01 10.56 -43.37
CA PRO A 418 19.17 10.20 -44.54
C PRO A 418 17.78 10.83 -44.48
N ALA A 419 17.23 11.14 -45.65
CA ALA A 419 15.93 11.80 -45.76
C ALA A 419 14.73 10.86 -45.78
N LYS A 420 14.95 9.61 -46.18
CA LYS A 420 13.84 8.65 -46.35
C LYS A 420 13.44 8.09 -44.97
N ILE A 421 12.15 8.09 -44.64
CA ILE A 421 11.63 7.52 -43.36
C ILE A 421 12.02 6.04 -43.25
N GLY A 422 12.53 5.60 -42.08
CA GLY A 422 12.94 4.21 -41.88
C GLY A 422 11.75 3.31 -41.61
N LEU A 423 12.01 2.09 -41.17
CA LEU A 423 10.97 1.13 -40.93
C LEU A 423 10.41 1.22 -39.50
N HIS A 424 9.09 1.46 -39.40
CA HIS A 424 8.40 1.37 -38.10
C HIS A 424 8.34 -0.07 -37.55
N ALA A 425 8.01 -0.19 -36.25
CA ALA A 425 7.93 -1.47 -35.50
C ALA A 425 7.35 -2.66 -36.25
N VAL A 426 6.11 -2.54 -36.68
CA VAL A 426 5.51 -3.64 -37.41
C VAL A 426 6.14 -3.82 -38.77
N ALA A 427 6.59 -2.74 -39.37
CA ALA A 427 7.24 -2.86 -40.67
C ALA A 427 8.57 -3.62 -40.57
N GLN A 428 9.30 -3.43 -39.45
CA GLN A 428 10.52 -4.22 -39.17
C GLN A 428 10.19 -5.70 -39.07
N ASP A 429 9.08 -6.04 -38.41
CA ASP A 429 8.56 -7.40 -38.42
C ASP A 429 8.44 -7.90 -39.86
N ARG A 430 7.76 -7.09 -40.68
CA ARG A 430 7.48 -7.47 -42.07
C ARG A 430 8.75 -7.57 -42.90
N ALA A 431 9.70 -6.69 -42.67
CA ALA A 431 10.92 -6.70 -43.43
C ALA A 431 11.78 -7.92 -43.08
N LEU A 432 11.82 -8.27 -41.79
CA LEU A 432 12.54 -9.46 -41.31
C LEU A 432 11.97 -10.70 -42.00
N LYS A 433 10.64 -10.83 -41.97
CA LYS A 433 9.95 -11.97 -42.55
C LYS A 433 10.38 -12.10 -44.01
N ASP A 434 10.62 -10.95 -44.61
CA ASP A 434 10.97 -10.88 -46.02
C ASP A 434 12.44 -11.00 -46.37
N GLY A 435 13.30 -11.15 -45.37
CA GLY A 435 14.75 -11.15 -45.63
C GLY A 435 15.25 -9.78 -46.10
N LYS A 436 14.40 -8.76 -45.97
CA LYS A 436 14.88 -7.46 -46.35
C LYS A 436 15.69 -6.87 -45.25
N LEU A 437 15.34 -7.16 -43.98
CA LEU A 437 16.12 -6.67 -42.84
C LEU A 437 16.96 -7.78 -42.23
N ASN A 438 18.28 -7.68 -42.36
CA ASN A 438 19.15 -8.81 -42.08
C ASN A 438 19.97 -8.72 -40.81
N VAL A 439 20.14 -7.49 -40.33
CA VAL A 439 20.81 -7.29 -39.05
C VAL A 439 19.95 -6.44 -38.12
N TYR A 440 19.68 -6.98 -36.94
CA TYR A 440 18.65 -6.45 -36.11
C TYR A 440 19.02 -6.54 -34.62
N TRP A 441 19.24 -5.40 -34.00
CA TRP A 441 19.68 -5.35 -32.62
C TRP A 441 18.55 -4.81 -31.76
N THR A 442 18.03 -5.64 -30.87
CA THR A 442 16.96 -5.24 -29.94
C THR A 442 17.59 -4.85 -28.60
N MET A 443 17.11 -3.74 -28.01
CA MET A 443 17.57 -3.32 -26.70
C MET A 443 16.43 -2.94 -25.79
N CYS A 444 16.44 -3.50 -24.57
CA CYS A 444 15.56 -3.05 -23.50
C CYS A 444 14.10 -3.21 -23.91
N THR A 445 13.87 -4.32 -24.61
CA THR A 445 12.55 -4.70 -25.10
C THR A 445 12.41 -6.25 -25.18
N ASN A 446 11.17 -6.71 -25.06
CA ASN A 446 10.85 -8.10 -25.17
C ASN A 446 9.82 -8.30 -26.33
N ASN A 447 10.28 -8.04 -27.54
CA ASN A 447 9.37 -7.94 -28.67
C ASN A 447 8.86 -9.29 -29.22
N MET A 448 9.61 -10.37 -29.07
CA MET A 448 9.02 -11.66 -29.42
C MET A 448 7.71 -11.90 -28.63
N GLN A 449 7.60 -11.34 -27.42
CA GLN A 449 6.46 -11.56 -26.56
C GLN A 449 5.51 -10.35 -26.55
N ALA A 450 6.03 -9.14 -26.67
CA ALA A 450 5.21 -7.92 -26.60
C ALA A 450 4.59 -7.48 -27.94
N GLY A 451 5.26 -7.72 -29.05
CA GLY A 451 4.72 -7.30 -30.33
C GLY A 451 3.62 -8.22 -30.83
N PRO A 452 2.72 -7.68 -31.66
CA PRO A 452 1.51 -8.38 -32.05
C PRO A 452 1.80 -9.54 -33.00
N ASN A 453 0.91 -10.53 -33.04
CA ASN A 453 0.90 -11.55 -34.09
C ASN A 453 2.24 -12.28 -34.30
N ILE A 454 2.76 -12.84 -33.23
CA ILE A 454 4.05 -13.55 -33.24
C ILE A 454 4.26 -14.56 -34.40
N ASN A 455 3.26 -15.37 -34.71
CA ASN A 455 3.47 -16.54 -35.57
C ASN A 455 3.73 -16.15 -37.01
N GLU A 456 3.19 -15.01 -37.39
CA GLU A 456 3.06 -14.70 -38.81
C GLU A 456 4.29 -14.04 -39.38
N GLU A 457 4.80 -13.05 -38.65
CA GLU A 457 5.93 -12.28 -39.15
C GLU A 457 7.19 -12.49 -38.32
N ARG A 458 7.11 -12.19 -37.02
CA ARG A 458 8.32 -11.94 -36.18
C ARG A 458 9.10 -13.22 -35.90
N MET A 459 8.44 -14.28 -35.48
CA MET A 459 9.14 -15.54 -35.22
C MET A 459 9.84 -16.10 -36.47
N PRO A 460 9.11 -16.28 -37.59
CA PRO A 460 9.77 -16.73 -38.80
C PRO A 460 10.90 -15.77 -39.25
N GLY A 461 10.67 -14.45 -39.13
CA GLY A 461 11.71 -13.47 -39.48
C GLY A 461 12.97 -13.55 -38.63
N TRP A 462 12.79 -13.69 -37.31
CA TRP A 462 13.90 -13.74 -36.39
C TRP A 462 14.63 -15.03 -36.63
N ARG A 463 13.88 -16.10 -36.92
CA ARG A 463 14.53 -17.39 -37.05
C ARG A 463 15.07 -17.64 -38.46
N ASP A 464 14.87 -16.70 -39.35
CA ASP A 464 15.29 -16.84 -40.74
C ASP A 464 16.82 -16.78 -40.85
N PRO A 465 17.43 -17.77 -41.56
CA PRO A 465 18.91 -17.86 -41.60
C PRO A 465 19.61 -16.74 -42.36
N ARG A 466 18.82 -15.90 -43.05
CA ARG A 466 19.34 -14.68 -43.75
C ARG A 466 19.52 -13.52 -42.77
N ASN A 467 19.02 -13.73 -41.55
CA ASN A 467 18.97 -12.69 -40.55
C ASN A 467 19.80 -12.97 -39.31
N PHE A 468 20.30 -11.89 -38.72
CA PHE A 468 21.10 -11.94 -37.52
C PHE A 468 20.50 -11.05 -36.44
N ILE A 469 20.02 -11.69 -35.37
CA ILE A 469 19.33 -10.99 -34.28
C ILE A 469 20.19 -10.95 -33.01
N ILE A 470 20.23 -9.74 -32.46
CA ILE A 470 20.97 -9.38 -31.27
C ILE A 470 19.96 -8.85 -30.28
N VAL A 471 19.96 -9.39 -29.06
CA VAL A 471 19.23 -8.75 -28.00
C VAL A 471 20.09 -8.55 -26.74
N SER A 472 19.95 -7.33 -26.22
CA SER A 472 20.54 -6.87 -24.99
C SER A 472 19.45 -6.84 -23.93
N ASP A 473 19.70 -7.58 -22.85
CA ASP A 473 18.74 -7.75 -21.78
C ASP A 473 19.43 -8.26 -20.52
N PRO A 474 18.95 -7.82 -19.32
CA PRO A 474 19.48 -8.43 -18.10
C PRO A 474 19.05 -9.88 -17.92
N TYR A 475 18.00 -10.34 -18.61
CA TYR A 475 17.49 -11.73 -18.41
C TYR A 475 17.27 -12.53 -19.70
N PRO A 476 17.30 -13.85 -19.59
CA PRO A 476 17.10 -14.64 -20.78
C PRO A 476 15.61 -14.79 -21.09
N THR A 477 15.07 -13.86 -21.87
CA THR A 477 13.66 -13.81 -22.18
C THR A 477 13.30 -14.72 -23.36
N VAL A 478 12.01 -14.80 -23.64
CA VAL A 478 11.49 -15.25 -24.91
C VAL A 478 12.23 -14.59 -26.11
N SER A 479 12.43 -13.28 -26.08
CA SER A 479 13.22 -12.61 -27.11
C SER A 479 14.70 -13.07 -27.17
N ALA A 480 15.38 -13.05 -26.04
CA ALA A 480 16.76 -13.49 -25.99
C ALA A 480 16.92 -14.94 -26.54
N LEU A 481 16.01 -15.82 -26.14
CA LEU A 481 16.07 -17.22 -26.55
C LEU A 481 15.81 -17.40 -28.03
N ALA A 482 15.26 -16.35 -28.68
CA ALA A 482 14.89 -16.44 -30.11
C ALA A 482 15.92 -15.76 -30.98
N ALA A 483 16.93 -15.19 -30.33
CA ALA A 483 17.96 -14.38 -31.00
C ALA A 483 19.15 -15.26 -31.43
N ASP A 484 20.26 -14.64 -31.85
CA ASP A 484 21.48 -15.37 -32.21
C ASP A 484 22.66 -14.93 -31.35
N LEU A 485 22.56 -13.72 -30.82
CA LEU A 485 23.54 -13.17 -29.88
C LEU A 485 22.74 -12.47 -28.75
N ILE A 486 23.06 -12.78 -27.49
CA ILE A 486 22.47 -12.15 -26.31
C ILE A 486 23.56 -11.38 -25.58
N LEU A 487 23.35 -10.09 -25.37
CA LEU A 487 24.37 -9.25 -24.73
C LEU A 487 23.87 -8.93 -23.32
N PRO A 488 24.65 -9.28 -22.30
CA PRO A 488 24.23 -9.13 -20.90
C PRO A 488 24.23 -7.65 -20.46
N THR A 489 23.11 -7.17 -19.93
CA THR A 489 22.97 -5.72 -19.75
C THR A 489 22.76 -5.16 -18.31
N ALA A 490 23.50 -4.10 -17.98
CA ALA A 490 23.25 -3.35 -16.76
C ALA A 490 21.83 -2.76 -16.73
N MET A 491 21.20 -2.82 -15.57
CA MET A 491 19.85 -2.29 -15.47
C MET A 491 19.64 -1.22 -14.36
N TRP A 492 18.56 -0.47 -14.52
CA TRP A 492 18.12 0.55 -13.59
C TRP A 492 19.25 1.31 -12.87
N VAL A 493 19.49 0.96 -11.62
CA VAL A 493 20.32 1.73 -10.72
C VAL A 493 21.82 1.24 -10.72
N GLU A 494 22.09 0.29 -11.62
CA GLU A 494 23.44 -0.13 -11.93
C GLU A 494 24.07 0.84 -12.88
N LYS A 495 23.39 1.94 -13.19
CA LYS A 495 23.95 2.96 -14.11
C LYS A 495 23.42 4.37 -13.81
N GLU A 496 24.04 5.41 -14.37
CA GLU A 496 23.53 6.76 -14.21
C GLU A 496 22.41 6.90 -15.21
N GLY A 497 21.32 7.52 -14.80
CA GLY A 497 20.06 7.42 -15.53
C GLY A 497 19.25 8.67 -15.56
N ALA A 498 18.24 8.63 -16.41
CA ALA A 498 17.35 9.76 -16.61
C ALA A 498 16.12 9.25 -17.31
N TYR A 499 14.98 9.62 -16.76
CA TYR A 499 13.71 9.17 -17.26
C TYR A 499 12.79 10.40 -17.30
N GLY A 500 11.88 10.46 -18.27
CA GLY A 500 10.96 11.58 -18.31
C GLY A 500 9.56 11.05 -18.34
N ASN A 501 8.75 11.47 -17.38
CA ASN A 501 7.41 10.92 -17.19
C ASN A 501 6.29 11.66 -17.95
N ALA A 502 5.05 11.25 -17.67
CA ALA A 502 3.88 11.70 -18.44
C ALA A 502 3.56 13.21 -18.33
N GLU A 503 3.93 13.84 -17.21
CA GLU A 503 3.74 15.27 -17.02
C GLU A 503 4.99 16.09 -17.28
N ARG A 504 5.82 15.59 -18.20
CA ARG A 504 7.03 16.30 -18.69
C ARG A 504 8.13 16.44 -17.67
N ARG A 505 7.99 15.77 -16.53
CA ARG A 505 9.01 15.80 -15.49
C ARG A 505 10.18 14.86 -15.80
N THR A 506 11.34 15.48 -15.98
CA THR A 506 12.57 14.75 -16.16
C THR A 506 13.19 14.41 -14.78
N GLN A 507 13.54 13.15 -14.56
CA GLN A 507 14.13 12.72 -13.28
C GLN A 507 15.45 11.93 -13.48
N PHE A 508 16.51 12.39 -12.83
CA PHE A 508 17.82 11.78 -12.92
C PHE A 508 17.94 10.80 -11.77
N TRP A 509 18.99 9.97 -11.84
CA TRP A 509 19.47 9.16 -10.74
C TRP A 509 20.92 8.82 -10.93
N ARG A 510 21.71 8.96 -9.87
CA ARG A 510 23.09 8.52 -9.87
C ARG A 510 23.16 6.98 -9.86
N GLN A 511 24.29 6.41 -10.31
CA GLN A 511 24.56 4.99 -10.21
C GLN A 511 24.77 4.68 -8.73
N GLN A 512 24.11 3.66 -8.19
CA GLN A 512 24.24 3.30 -6.76
C GLN A 512 24.92 1.98 -6.54
N VAL A 513 24.87 1.10 -7.55
CA VAL A 513 25.43 -0.27 -7.46
C VAL A 513 26.13 -0.68 -8.76
N GLN A 514 26.58 -1.92 -8.82
CA GLN A 514 27.29 -2.37 -10.02
C GLN A 514 26.71 -3.65 -10.53
N ALA A 515 26.68 -3.77 -11.86
CA ALA A 515 26.11 -4.94 -12.52
C ALA A 515 26.86 -6.23 -12.22
N PRO A 516 26.18 -7.38 -12.11
CA PRO A 516 26.89 -8.67 -12.01
C PRO A 516 27.78 -8.99 -13.23
N GLY A 517 28.87 -9.72 -13.02
CA GLY A 517 29.62 -10.27 -14.16
C GLY A 517 30.09 -9.19 -15.11
N GLU A 518 29.87 -9.38 -16.39
CA GLU A 518 30.34 -8.43 -17.39
C GLU A 518 29.19 -7.75 -18.02
N ALA A 519 28.05 -7.71 -17.35
CA ALA A 519 26.91 -6.91 -17.82
C ALA A 519 27.27 -5.44 -18.01
N LYS A 520 26.94 -4.91 -19.18
CA LYS A 520 27.20 -3.51 -19.42
C LYS A 520 25.89 -2.83 -19.76
N SER A 521 25.81 -1.52 -19.54
CA SER A 521 24.62 -0.77 -19.84
C SER A 521 24.45 -0.62 -21.34
N ASP A 522 23.24 -0.29 -21.77
CA ASP A 522 23.00 -0.06 -23.17
C ASP A 522 23.89 1.04 -23.67
N LEU A 523 24.19 2.03 -22.83
CA LEU A 523 25.02 3.17 -23.28
C LEU A 523 26.43 2.71 -23.64
N TRP A 524 27.02 1.87 -22.78
CA TRP A 524 28.33 1.28 -23.06
C TRP A 524 28.34 0.46 -24.33
N GLN A 525 27.40 -0.47 -24.42
CA GLN A 525 27.24 -1.26 -25.62
C GLN A 525 27.30 -0.39 -26.86
N LEU A 526 26.36 0.53 -27.00
CA LEU A 526 26.28 1.36 -28.19
C LEU A 526 27.54 2.17 -28.46
N VAL A 527 28.10 2.74 -27.42
CA VAL A 527 29.25 3.62 -27.58
C VAL A 527 30.54 2.86 -27.81
N GLN A 528 30.74 1.74 -27.11
CA GLN A 528 31.91 0.92 -27.47
C GLN A 528 31.83 0.36 -28.89
N PHE A 529 30.62 0.12 -29.39
CA PHE A 529 30.50 -0.48 -30.73
C PHE A 529 30.94 0.53 -31.77
N SER A 530 30.70 1.79 -31.49
CA SER A 530 30.93 2.80 -32.47
C SER A 530 32.40 2.88 -32.82
N ARG A 531 33.27 2.35 -31.97
CA ARG A 531 34.67 2.44 -32.27
C ARG A 531 35.12 1.44 -33.35
N ARG A 532 34.21 0.50 -33.69
CA ARG A 532 34.50 -0.58 -34.64
C ARG A 532 34.34 -0.15 -36.10
N PHE A 533 34.08 1.13 -36.33
CA PHE A 533 33.77 1.61 -37.66
C PHE A 533 34.50 2.90 -37.97
N LYS A 534 35.11 2.97 -39.14
CA LYS A 534 35.74 4.18 -39.64
C LYS A 534 34.73 4.92 -40.50
N THR A 535 34.76 6.24 -40.46
CA THR A 535 33.95 7.01 -41.39
C THR A 535 33.94 6.44 -42.85
N GLU A 536 35.10 6.11 -43.40
CA GLU A 536 35.15 5.50 -44.77
C GLU A 536 34.37 4.18 -44.90
N GLU A 537 33.95 3.61 -43.80
CA GLU A 537 33.23 2.34 -43.88
C GLU A 537 31.71 2.48 -43.83
N VAL A 538 31.24 3.69 -43.52
CA VAL A 538 29.81 3.97 -43.31
C VAL A 538 29.36 5.16 -44.14
N TRP A 539 30.23 6.14 -44.33
CA TRP A 539 29.86 7.28 -45.18
C TRP A 539 30.42 7.12 -46.57
N PRO A 540 29.61 7.44 -47.60
CA PRO A 540 30.12 7.54 -48.99
C PRO A 540 31.18 8.65 -49.20
N GLU A 541 32.13 8.42 -50.11
CA GLU A 541 33.27 9.31 -50.41
C GLU A 541 32.94 10.79 -50.56
N ASP A 542 31.90 11.10 -51.32
CA ASP A 542 31.61 12.49 -51.59
C ASP A 542 30.90 13.19 -50.43
N LEU A 543 30.58 12.41 -49.40
CA LEU A 543 30.21 13.00 -48.10
C LEU A 543 31.46 13.41 -47.38
N LEU A 544 32.46 12.53 -47.41
CA LEU A 544 33.75 12.79 -46.78
C LEU A 544 34.51 13.97 -47.41
N ALA A 545 34.38 14.12 -48.73
CA ALA A 545 35.03 15.20 -49.46
C ALA A 545 34.53 16.58 -49.01
N LYS A 546 33.46 16.61 -48.21
CA LYS A 546 32.91 17.87 -47.67
C LYS A 546 33.62 18.27 -46.38
N LYS A 547 34.05 17.29 -45.59
CA LYS A 547 34.91 17.54 -44.42
C LYS A 547 35.98 16.45 -44.35
N PRO A 548 37.07 16.63 -45.13
CA PRO A 548 38.14 15.58 -45.24
C PRO A 548 38.94 15.42 -43.93
N GLU A 549 38.56 16.20 -42.92
CA GLU A 549 39.23 16.21 -41.63
C GLU A 549 38.67 15.12 -40.72
N LEU A 550 37.64 14.47 -41.21
CA LEU A 550 37.00 13.35 -40.53
C LEU A 550 37.40 12.00 -41.14
N ARG A 551 38.17 12.01 -42.22
CA ARG A 551 38.69 10.76 -42.79
C ARG A 551 39.51 10.05 -41.71
N GLY A 552 39.43 8.71 -41.67
CA GLY A 552 40.16 7.88 -40.72
C GLY A 552 39.67 7.93 -39.27
N LYS A 553 38.61 8.69 -39.03
CA LYS A 553 37.98 8.79 -37.73
C LYS A 553 36.89 7.72 -37.53
N THR A 554 36.73 7.28 -36.28
CA THR A 554 35.74 6.26 -35.97
C THR A 554 34.41 6.91 -35.61
N LEU A 555 33.32 6.15 -35.64
CA LEU A 555 32.07 6.71 -35.20
C LEU A 555 32.12 7.10 -33.71
N TYR A 556 32.96 6.37 -32.96
CA TYR A 556 33.30 6.77 -31.60
C TYR A 556 33.80 8.22 -31.56
N GLU A 557 34.96 8.52 -32.18
CA GLU A 557 35.53 9.91 -32.19
C GLU A 557 34.53 10.90 -32.73
N VAL A 558 33.70 10.47 -33.67
CA VAL A 558 32.87 11.42 -34.37
C VAL A 558 31.55 11.74 -33.67
N LEU A 559 30.96 10.77 -32.97
CA LEU A 559 29.64 10.95 -32.30
C LEU A 559 29.68 11.07 -30.74
N TYR A 560 30.75 10.55 -30.11
CA TYR A 560 30.78 10.46 -28.64
C TYR A 560 32.03 11.01 -27.94
N ALA A 561 33.14 11.15 -28.65
CA ALA A 561 34.33 11.63 -27.99
C ALA A 561 34.81 12.84 -28.71
N THR A 562 33.86 13.65 -29.17
CA THR A 562 34.19 14.93 -29.78
C THR A 562 34.55 15.93 -28.69
N PRO A 563 35.26 16.98 -29.06
CA PRO A 563 35.52 17.98 -28.01
C PRO A 563 34.26 18.40 -27.23
N GLU A 564 33.13 18.54 -27.93
CA GLU A 564 31.86 18.93 -27.31
C GLU A 564 31.29 17.86 -26.38
N VAL A 565 31.14 16.62 -26.86
CA VAL A 565 30.59 15.62 -25.99
C VAL A 565 31.54 15.34 -24.83
N SER A 566 32.84 15.58 -25.03
CA SER A 566 33.78 15.33 -23.94
C SER A 566 34.31 16.58 -23.16
N LYS A 567 33.59 17.71 -23.23
CA LYS A 567 33.94 18.93 -22.50
C LYS A 567 34.14 18.57 -21.06
N PHE A 568 33.27 17.70 -20.54
CA PHE A 568 33.09 17.56 -19.09
C PHE A 568 33.98 16.49 -18.40
N PRO A 569 34.90 16.96 -17.52
CA PRO A 569 35.87 16.01 -16.90
C PRO A 569 35.28 15.11 -15.81
N VAL A 570 35.83 13.91 -15.65
CA VAL A 570 35.48 13.04 -14.53
C VAL A 570 35.61 13.68 -13.11
N SER A 571 36.48 14.68 -12.96
CA SER A 571 36.63 15.38 -11.67
C SER A 571 35.33 16.00 -11.17
N GLU A 572 34.41 16.29 -12.08
CA GLU A 572 33.06 16.72 -11.72
C GLU A 572 32.29 15.68 -10.90
N LEU A 573 32.51 14.39 -11.10
CA LEU A 573 31.87 13.40 -10.22
C LEU A 573 32.43 13.40 -8.76
N ALA A 574 31.54 13.24 -7.78
CA ALA A 574 31.94 12.93 -6.40
C ALA A 574 32.97 11.81 -6.40
N GLU A 575 33.93 11.91 -5.49
CA GLU A 575 35.04 10.95 -5.36
C GLU A 575 34.59 9.47 -5.20
N ASP A 576 33.46 9.24 -4.56
CA ASP A 576 32.99 7.88 -4.27
C ASP A 576 31.79 7.55 -5.12
N GLN A 577 31.51 8.40 -6.10
CA GLN A 577 30.39 8.18 -7.01
C GLN A 577 30.74 7.19 -8.14
N LEU A 578 29.92 6.15 -8.26
CA LEU A 578 29.97 5.21 -9.37
C LEU A 578 29.55 5.85 -10.71
N ASN A 579 30.31 5.52 -11.74
CA ASN A 579 29.93 5.84 -13.12
C ASN A 579 30.81 5.07 -14.04
N ASP A 580 30.46 3.80 -14.26
CA ASP A 580 31.31 2.87 -14.98
C ASP A 580 31.77 3.38 -16.36
N GLU A 581 30.82 3.86 -17.16
CA GLU A 581 31.08 4.37 -18.53
C GLU A 581 32.08 5.56 -18.53
N SER A 582 31.74 6.60 -17.75
CA SER A 582 32.53 7.82 -17.68
C SER A 582 33.89 7.55 -17.06
N ARG A 583 33.91 6.73 -16.03
CA ARG A 583 35.19 6.36 -15.41
C ARG A 583 36.00 5.52 -16.39
N GLU A 584 35.34 4.76 -17.26
CA GLU A 584 36.12 4.05 -18.24
C GLU A 584 36.64 4.99 -19.33
N LEU A 585 35.77 5.72 -19.98
CA LEU A 585 36.16 6.52 -21.14
C LEU A 585 36.88 7.82 -20.75
N GLY A 586 36.90 8.10 -19.45
CA GLY A 586 37.67 9.20 -18.95
C GLY A 586 37.05 10.58 -19.12
N PHE A 587 35.72 10.64 -19.34
CA PHE A 587 35.01 11.92 -19.28
C PHE A 587 33.57 11.75 -18.93
N TYR A 588 32.93 12.81 -18.49
CA TYR A 588 31.55 12.71 -18.08
C TYR A 588 30.61 12.55 -19.28
N LEU A 589 30.59 11.33 -19.83
CA LEU A 589 29.83 10.98 -21.04
C LEU A 589 28.35 11.32 -20.99
N GLN A 590 27.65 10.95 -19.92
CA GLN A 590 26.21 11.27 -19.80
C GLN A 590 25.90 12.77 -19.90
N LYS A 591 26.67 13.59 -19.22
CA LYS A 591 26.37 15.01 -19.25
C LYS A 591 26.71 15.63 -20.59
N GLY A 592 27.77 15.17 -21.24
CA GLY A 592 28.17 15.80 -22.49
C GLY A 592 27.15 15.55 -23.58
N LEU A 593 26.69 14.29 -23.63
CA LEU A 593 25.60 13.88 -24.47
C LEU A 593 24.35 14.62 -24.09
N PHE A 594 24.05 14.70 -22.80
CA PHE A 594 22.87 15.40 -22.40
C PHE A 594 22.92 16.87 -22.83
N GLU A 595 24.06 17.49 -22.67
CA GLU A 595 24.14 18.92 -22.92
C GLU A 595 24.13 19.25 -24.42
N GLU A 596 24.60 18.32 -25.25
CA GLU A 596 24.54 18.48 -26.67
C GLU A 596 23.11 18.24 -27.14
N TYR A 597 22.44 17.29 -26.50
CA TYR A 597 21.07 16.97 -26.86
C TYR A 597 20.11 18.05 -26.44
N ALA A 598 20.28 18.57 -25.23
CA ALA A 598 19.37 19.58 -24.69
C ALA A 598 19.36 20.82 -25.57
N TRP A 599 20.49 21.09 -26.20
CA TRP A 599 20.67 22.25 -27.07
C TRP A 599 19.59 22.40 -28.14
N PHE A 600 19.11 21.29 -28.70
CA PHE A 600 18.14 21.40 -29.78
C PHE A 600 16.88 22.10 -29.28
N GLY A 601 16.38 21.71 -28.10
CA GLY A 601 15.05 22.12 -27.63
C GLY A 601 15.02 23.40 -26.84
N ARG A 602 16.12 23.69 -26.15
CA ARG A 602 16.30 24.96 -25.46
C ARG A 602 15.99 26.10 -26.45
N GLY A 603 15.16 27.02 -26.00
CA GLY A 603 14.76 28.15 -26.81
C GLY A 603 13.78 27.82 -27.92
N HIS A 604 13.31 26.58 -27.97
CA HIS A 604 12.32 26.17 -28.95
C HIS A 604 11.12 25.46 -28.34
N GLY A 605 10.78 25.80 -27.10
CA GLY A 605 9.56 25.30 -26.43
C GLY A 605 9.71 23.99 -25.67
N HIS A 606 10.87 23.37 -25.77
CA HIS A 606 11.09 22.04 -25.19
C HIS A 606 12.12 22.09 -24.03
N ASP A 607 12.49 23.31 -23.62
CA ASP A 607 13.60 23.57 -22.72
C ASP A 607 13.87 22.61 -21.56
N LEU A 608 14.96 21.87 -21.69
CA LEU A 608 15.47 21.11 -20.58
C LEU A 608 16.44 21.93 -19.72
N ALA A 609 16.33 21.76 -18.40
CA ALA A 609 17.19 22.43 -17.43
C ALA A 609 18.68 22.06 -17.56
N PRO A 610 19.57 22.92 -17.04
CA PRO A 610 20.98 22.51 -17.00
C PRO A 610 21.09 21.12 -16.40
N PHE A 611 21.76 20.21 -17.10
CA PHE A 611 22.08 18.88 -16.57
C PHE A 611 22.10 18.78 -15.05
N ASP A 612 23.02 19.53 -14.41
CA ASP A 612 23.26 19.47 -12.96
C ASP A 612 22.06 19.85 -12.10
N ASP A 613 21.10 20.57 -12.68
CA ASP A 613 19.93 20.90 -11.89
C ASP A 613 19.11 19.69 -11.56
N TYR A 614 19.06 18.70 -12.47
CA TYR A 614 18.21 17.50 -12.22
C TYR A 614 18.78 16.59 -11.15
N HIS A 615 20.10 16.54 -11.07
CA HIS A 615 20.76 15.83 -9.99
C HIS A 615 20.53 16.36 -8.57
N LYS A 616 19.99 17.59 -8.44
CA LYS A 616 19.60 18.15 -7.16
C LYS A 616 18.11 17.99 -6.90
N ALA A 617 17.29 18.37 -7.88
CA ALA A 617 15.82 18.35 -7.83
C ALA A 617 15.21 16.95 -7.78
N ARG A 618 13.99 16.87 -7.27
CA ARG A 618 13.12 15.71 -7.50
C ARG A 618 12.37 15.86 -8.84
N GLY A 619 13.14 16.18 -9.88
CA GLY A 619 12.63 16.34 -11.21
C GLY A 619 12.18 17.74 -11.53
N LEU A 620 12.18 18.06 -12.82
CA LEU A 620 11.69 19.32 -13.32
C LEU A 620 10.91 19.04 -14.59
N ARG A 621 9.73 19.66 -14.67
CA ARG A 621 8.81 19.67 -15.81
C ARG A 621 9.15 20.79 -16.83
N TRP A 622 9.45 20.39 -18.07
CA TRP A 622 9.84 21.35 -19.11
C TRP A 622 8.62 22.02 -19.76
N PRO A 623 8.80 23.18 -20.43
CA PRO A 623 10.05 23.95 -20.56
C PRO A 623 10.51 24.54 -19.22
N VAL A 624 11.80 24.39 -18.92
CA VAL A 624 12.43 24.97 -17.75
C VAL A 624 13.22 26.14 -18.27
N VAL A 625 12.80 27.34 -17.87
CA VAL A 625 13.28 28.60 -18.46
C VAL A 625 13.60 29.53 -17.31
N ASN A 626 14.87 29.95 -17.26
CA ASN A 626 15.37 30.80 -16.20
C ASN A 626 15.05 30.24 -14.83
N GLY A 627 15.38 28.96 -14.65
CA GLY A 627 15.27 28.29 -13.35
C GLY A 627 13.90 27.73 -13.04
N LYS A 628 12.88 28.07 -13.81
CA LYS A 628 11.48 27.95 -13.43
C LYS A 628 10.77 26.92 -14.30
N GLU A 629 10.20 25.92 -13.68
CA GLU A 629 9.64 24.80 -14.41
C GLU A 629 8.25 25.21 -14.89
N THR A 630 7.73 24.52 -15.91
CA THR A 630 6.41 24.87 -16.47
C THR A 630 5.38 23.80 -16.14
N GLN A 631 4.29 24.23 -15.51
CA GLN A 631 3.18 23.33 -15.15
C GLN A 631 2.09 23.31 -16.21
N TRP A 632 1.72 24.48 -16.74
CA TRP A 632 0.71 24.58 -17.82
C TRP A 632 1.25 25.27 -19.05
N ARG A 633 1.08 24.60 -20.18
CA ARG A 633 1.65 25.06 -21.43
C ARG A 633 0.56 25.70 -22.26
N TYR A 634 0.89 26.83 -22.86
CA TYR A 634 0.05 27.45 -23.89
C TYR A 634 -0.94 28.44 -23.32
N SER A 635 -0.94 28.61 -21.99
CA SER A 635 -1.77 29.66 -21.39
C SER A 635 -0.95 30.81 -20.85
N GLU A 636 -1.43 32.04 -21.04
CA GLU A 636 -0.78 33.25 -20.51
C GLU A 636 -0.53 33.18 -19.00
N GLY A 637 0.62 33.69 -18.56
CA GLY A 637 0.99 33.58 -17.15
C GLY A 637 1.78 32.31 -16.80
N ASN A 638 1.32 31.15 -17.27
CA ASN A 638 1.96 29.87 -16.92
C ASN A 638 3.17 29.46 -17.79
N ASP A 639 3.16 29.90 -19.04
CA ASP A 639 4.15 29.46 -20.02
C ASP A 639 4.87 30.67 -20.56
N PRO A 640 6.20 30.75 -20.37
CA PRO A 640 6.95 31.96 -20.75
C PRO A 640 7.03 32.18 -22.25
N TYR A 641 6.44 31.28 -23.02
CA TYR A 641 6.40 31.41 -24.47
C TYR A 641 5.14 32.10 -24.96
N VAL A 642 4.23 32.39 -24.03
CA VAL A 642 3.03 33.15 -24.32
C VAL A 642 3.26 34.63 -23.90
N LYS A 643 3.11 35.57 -24.83
CA LYS A 643 3.32 37.00 -24.54
C LYS A 643 2.16 37.57 -23.69
N ALA A 644 2.34 38.77 -23.14
CA ALA A 644 1.27 39.45 -22.41
C ALA A 644 0.05 39.67 -23.30
N GLY A 645 -1.10 39.26 -22.78
CA GLY A 645 -2.38 39.56 -23.42
C GLY A 645 -2.83 38.62 -24.52
N GLU A 646 -2.07 37.57 -24.78
CA GLU A 646 -2.44 36.63 -25.83
C GLU A 646 -3.47 35.64 -25.34
N GLY A 647 -3.59 35.46 -24.02
CA GLY A 647 -4.50 34.48 -23.43
C GLY A 647 -4.05 33.03 -23.68
N TYR A 648 -4.04 32.60 -24.94
CA TYR A 648 -3.58 31.27 -25.29
C TYR A 648 -2.76 31.32 -26.57
N LYS A 649 -1.56 30.76 -26.52
CA LYS A 649 -0.81 30.54 -27.75
C LYS A 649 -0.42 29.09 -27.88
N PHE A 650 -0.95 28.46 -28.91
CA PHE A 650 -0.50 27.14 -29.29
C PHE A 650 0.61 27.31 -30.33
N TYR A 651 1.78 27.71 -29.86
CA TYR A 651 2.90 28.09 -30.73
C TYR A 651 3.52 26.92 -31.50
N GLY A 652 2.87 25.76 -31.46
CA GLY A 652 3.31 24.63 -32.24
C GLY A 652 2.83 24.71 -33.67
N LYS A 653 1.83 25.57 -33.90
CA LYS A 653 1.30 25.88 -35.23
C LYS A 653 1.68 27.30 -35.63
N PRO A 654 2.08 27.49 -36.91
CA PRO A 654 2.53 28.80 -37.38
C PRO A 654 1.69 29.95 -36.89
N ASP A 655 0.36 29.77 -36.84
CA ASP A 655 -0.54 30.87 -36.55
C ASP A 655 -1.00 30.83 -35.10
N GLY A 656 -0.44 29.93 -34.32
CA GLY A 656 -0.74 29.95 -32.89
C GLY A 656 -2.08 29.38 -32.46
N LYS A 657 -2.82 28.77 -33.38
CA LYS A 657 -4.12 28.16 -33.04
C LYS A 657 -4.11 26.64 -33.06
N ALA A 658 -4.80 26.04 -32.09
CA ALA A 658 -5.07 24.61 -32.08
C ALA A 658 -6.07 24.20 -33.18
N VAL A 659 -6.02 22.92 -33.60
CA VAL A 659 -6.87 22.43 -34.69
C VAL A 659 -7.84 21.32 -34.24
N ILE A 660 -9.14 21.57 -34.45
CA ILE A 660 -10.23 20.60 -34.34
C ILE A 660 -10.37 19.87 -35.67
N PHE A 661 -10.42 18.54 -35.63
CA PHE A 661 -10.54 17.72 -36.84
C PHE A 661 -11.86 16.95 -36.81
N ALA A 662 -12.67 17.10 -37.86
CA ALA A 662 -13.91 16.35 -37.94
C ALA A 662 -13.54 15.00 -38.53
N LEU A 663 -13.84 13.94 -37.78
CA LEU A 663 -13.43 12.60 -38.13
C LEU A 663 -14.52 11.66 -37.67
N PRO A 664 -14.91 10.72 -38.56
CA PRO A 664 -16.03 9.83 -38.33
C PRO A 664 -15.63 8.63 -37.48
N PHE A 665 -16.62 7.86 -37.01
CA PHE A 665 -16.42 6.49 -36.56
C PHE A 665 -16.12 5.60 -37.78
N GLU A 666 -15.19 4.66 -37.63
CA GLU A 666 -14.98 3.59 -38.63
C GLU A 666 -14.76 2.31 -37.84
N PRO A 667 -15.11 1.14 -38.40
CA PRO A 667 -15.08 -0.02 -37.52
C PRO A 667 -13.66 -0.61 -37.24
N ALA A 668 -13.53 -1.30 -36.12
CA ALA A 668 -12.33 -2.06 -35.83
C ALA A 668 -11.95 -2.96 -37.02
N ALA A 669 -10.66 -3.17 -37.24
CA ALA A 669 -10.19 -4.13 -38.25
C ALA A 669 -10.83 -5.52 -38.19
N GLU A 670 -11.00 -6.06 -37.01
CA GLU A 670 -11.56 -7.41 -36.89
C GLU A 670 -12.59 -7.42 -35.78
N ALA A 671 -13.85 -7.63 -36.13
CA ALA A 671 -14.94 -7.74 -35.16
C ALA A 671 -15.40 -9.21 -35.02
N PRO A 672 -16.13 -9.54 -33.92
CA PRO A 672 -16.53 -10.93 -33.85
C PRO A 672 -17.49 -11.27 -35.01
N ASP A 673 -17.37 -12.51 -35.52
CA ASP A 673 -18.30 -13.08 -36.50
C ASP A 673 -18.84 -14.45 -36.02
N GLU A 674 -19.31 -15.29 -36.94
CA GLU A 674 -19.97 -16.53 -36.52
C GLU A 674 -18.99 -17.51 -35.87
N GLU A 675 -17.81 -17.67 -36.46
CA GLU A 675 -16.82 -18.59 -35.92
C GLU A 675 -16.17 -18.01 -34.68
N TYR A 676 -15.51 -16.86 -34.84
CA TYR A 676 -14.83 -16.19 -33.75
C TYR A 676 -15.82 -15.20 -33.11
N ASP A 677 -16.63 -15.74 -32.20
CA ASP A 677 -17.79 -15.07 -31.62
C ASP A 677 -17.56 -14.07 -30.48
N LEU A 678 -16.33 -14.03 -29.96
CA LEU A 678 -16.03 -13.12 -28.85
C LEU A 678 -15.04 -12.00 -29.16
N TRP A 679 -15.27 -10.81 -28.60
CA TRP A 679 -14.24 -9.77 -28.56
C TRP A 679 -13.09 -10.22 -27.64
N LEU A 680 -11.85 -10.02 -28.11
CA LEU A 680 -10.66 -10.16 -27.25
C LEU A 680 -10.03 -8.80 -27.00
N SER A 681 -9.91 -8.45 -25.73
CA SER A 681 -9.11 -7.30 -25.37
C SER A 681 -7.92 -7.80 -24.56
N THR A 682 -6.86 -7.00 -24.49
CA THR A 682 -5.64 -7.40 -23.79
C THR A 682 -5.10 -6.20 -23.06
N GLY A 683 -4.17 -6.47 -22.13
CA GLY A 683 -3.54 -5.44 -21.33
C GLY A 683 -2.75 -6.02 -20.17
N ARG A 684 -2.84 -5.32 -19.05
CA ARG A 684 -1.99 -5.63 -17.92
C ARG A 684 -2.79 -5.92 -16.67
N VAL A 685 -2.05 -6.11 -15.60
CA VAL A 685 -2.60 -6.39 -14.29
C VAL A 685 -1.69 -5.65 -13.32
N LEU A 686 -2.25 -5.13 -12.21
CA LEU A 686 -1.50 -4.42 -11.15
C LEU A 686 -0.14 -4.99 -10.83
N GLU A 687 -0.07 -6.29 -10.62
CA GLU A 687 1.13 -6.89 -10.06
C GLU A 687 2.22 -7.29 -11.06
N HIS A 688 1.90 -7.15 -12.34
CA HIS A 688 2.90 -7.46 -13.36
C HIS A 688 3.23 -6.31 -14.30
N TRP A 689 4.48 -6.25 -14.72
CA TRP A 689 4.90 -5.30 -15.75
C TRP A 689 5.16 -6.00 -17.08
N HIS A 690 4.37 -5.64 -18.08
CA HIS A 690 4.61 -6.03 -19.46
C HIS A 690 4.75 -7.54 -19.64
N THR A 691 5.95 -8.00 -19.95
CA THR A 691 6.12 -9.42 -20.28
C THR A 691 6.55 -10.21 -19.05
N GLY A 692 6.65 -9.54 -17.92
CA GLY A 692 6.87 -10.23 -16.66
C GLY A 692 8.30 -10.68 -16.40
N SER A 693 9.18 -10.55 -17.41
CA SER A 693 10.57 -10.97 -17.29
C SER A 693 11.22 -10.42 -16.01
N MET A 694 10.80 -9.24 -15.58
CA MET A 694 11.22 -8.69 -14.29
C MET A 694 10.30 -9.10 -13.13
N THR A 695 8.99 -8.82 -13.23
CA THR A 695 8.10 -9.02 -12.11
C THR A 695 7.83 -10.50 -11.76
N ARG A 696 7.94 -11.39 -12.76
CA ARG A 696 7.75 -12.82 -12.52
C ARG A 696 9.03 -13.37 -11.86
N ARG A 697 10.13 -12.63 -11.94
CA ARG A 697 11.36 -13.01 -11.24
C ARG A 697 11.37 -12.46 -9.79
N VAL A 698 10.22 -11.96 -9.37
CA VAL A 698 10.00 -11.57 -7.98
C VAL A 698 9.09 -12.60 -7.30
N PRO A 699 9.64 -13.43 -6.39
CA PRO A 699 8.91 -14.58 -5.80
C PRO A 699 7.42 -14.32 -5.47
N GLU A 700 7.16 -13.13 -4.91
CA GLU A 700 5.87 -12.82 -4.30
C GLU A 700 4.90 -12.10 -5.24
N LEU A 701 5.46 -11.52 -6.30
CA LEU A 701 4.67 -10.99 -7.39
C LEU A 701 4.19 -12.21 -8.18
N HIS A 702 5.11 -13.13 -8.47
CA HIS A 702 4.71 -14.38 -9.05
C HIS A 702 3.65 -15.10 -8.20
N ARG A 703 3.76 -15.01 -6.89
CA ARG A 703 2.85 -15.76 -6.04
C ARG A 703 1.50 -15.08 -5.88
N ALA A 704 1.34 -13.89 -6.44
CA ALA A 704 0.12 -13.15 -6.24
C ALA A 704 -0.69 -13.36 -7.48
N PHE A 705 0.01 -13.67 -8.57
CA PHE A 705 -0.60 -13.84 -9.88
C PHE A 705 0.35 -14.69 -10.70
N PRO A 706 0.39 -16.00 -10.42
CA PRO A 706 1.38 -16.93 -11.04
C PRO A 706 1.21 -17.13 -12.55
N GLU A 707 -0.02 -16.96 -13.04
CA GLU A 707 -0.39 -17.28 -14.41
C GLU A 707 -1.41 -16.32 -14.95
N ALA A 708 -1.38 -16.15 -16.26
CA ALA A 708 -2.41 -15.42 -16.96
C ALA A 708 -3.73 -16.17 -16.92
N VAL A 709 -4.80 -15.47 -16.62
CA VAL A 709 -6.12 -16.09 -16.78
C VAL A 709 -6.91 -15.49 -17.96
N LEU A 710 -8.10 -16.04 -18.21
CA LEU A 710 -9.01 -15.48 -19.21
C LEU A 710 -10.20 -14.99 -18.46
N PHE A 711 -10.42 -13.68 -18.43
CA PHE A 711 -11.58 -13.11 -17.75
C PHE A 711 -12.82 -13.16 -18.69
N ILE A 712 -13.87 -13.84 -18.24
CA ILE A 712 -15.04 -14.16 -19.08
C ILE A 712 -16.30 -14.00 -18.26
N HIS A 713 -17.40 -13.56 -18.89
CA HIS A 713 -18.71 -13.36 -18.22
C HIS A 713 -19.34 -14.71 -17.87
N PRO A 714 -19.86 -14.85 -16.64
CA PRO A 714 -20.53 -16.09 -16.19
C PRO A 714 -21.30 -16.87 -17.30
N LEU A 715 -22.15 -16.16 -18.02
CA LEU A 715 -23.02 -16.84 -18.95
C LEU A 715 -22.27 -17.27 -20.21
N ASP A 716 -21.20 -16.56 -20.56
CA ASP A 716 -20.35 -16.94 -21.73
C ASP A 716 -19.60 -18.24 -21.46
N ALA A 717 -19.21 -18.42 -20.20
CA ALA A 717 -18.66 -19.69 -19.73
C ALA A 717 -19.76 -20.73 -19.62
N LYS A 718 -20.88 -20.35 -18.96
CA LYS A 718 -22.05 -21.23 -18.80
C LYS A 718 -22.40 -21.84 -20.15
N ALA A 719 -22.59 -20.98 -21.15
CA ALA A 719 -23.03 -21.40 -22.48
C ALA A 719 -21.98 -22.23 -23.23
N ARG A 720 -20.86 -22.54 -22.60
CA ARG A 720 -19.78 -23.15 -23.35
C ARG A 720 -19.25 -24.39 -22.67
N ASP A 721 -19.83 -24.66 -21.50
CA ASP A 721 -19.48 -25.80 -20.65
C ASP A 721 -18.12 -25.61 -19.99
N LEU A 722 -17.94 -24.39 -19.49
CA LEU A 722 -16.70 -23.94 -18.93
C LEU A 722 -16.99 -23.47 -17.53
N ARG A 723 -16.16 -23.92 -16.58
CA ARG A 723 -16.31 -23.50 -15.19
C ARG A 723 -15.06 -22.78 -14.73
N ARG A 724 -15.27 -21.73 -13.99
CA ARG A 724 -14.18 -21.13 -13.23
C ARG A 724 -13.13 -22.20 -12.83
N GLY A 725 -11.89 -22.00 -13.27
CA GLY A 725 -10.79 -22.94 -13.00
C GLY A 725 -10.47 -23.89 -14.14
N ASP A 726 -11.38 -24.00 -15.09
CA ASP A 726 -11.13 -24.86 -16.24
C ASP A 726 -10.01 -24.35 -17.12
N LYS A 727 -9.23 -25.31 -17.62
CA LYS A 727 -8.25 -25.11 -18.66
C LYS A 727 -9.05 -24.79 -19.91
N VAL A 728 -8.63 -23.77 -20.66
CA VAL A 728 -9.40 -23.27 -21.79
C VAL A 728 -8.50 -22.86 -22.96
N LYS A 729 -8.89 -23.24 -24.18
CA LYS A 729 -8.09 -22.90 -25.33
C LYS A 729 -8.68 -21.69 -26.07
N VAL A 730 -7.88 -20.62 -26.13
CA VAL A 730 -8.29 -19.42 -26.86
C VAL A 730 -7.65 -19.43 -28.26
N VAL A 731 -8.48 -19.23 -29.29
CA VAL A 731 -8.08 -19.40 -30.71
C VAL A 731 -8.58 -18.19 -31.50
N SER A 732 -7.66 -17.56 -32.23
CA SER A 732 -7.94 -16.57 -33.30
C SER A 732 -7.48 -17.12 -34.66
N ARG A 733 -7.72 -16.39 -35.76
CA ARG A 733 -7.30 -16.85 -37.09
C ARG A 733 -5.78 -16.95 -37.22
N ARG A 734 -5.07 -16.51 -36.20
CA ARG A 734 -3.65 -16.29 -36.29
C ARG A 734 -2.87 -17.21 -35.39
N GLY A 735 -3.54 -17.79 -34.39
CA GLY A 735 -2.89 -18.71 -33.44
C GLY A 735 -3.72 -19.03 -32.21
N GLU A 736 -3.11 -19.68 -31.23
CA GLU A 736 -3.86 -20.18 -30.08
C GLU A 736 -3.03 -20.19 -28.83
N VAL A 737 -3.70 -20.04 -27.69
CA VAL A 737 -3.09 -20.27 -26.36
C VAL A 737 -4.03 -21.00 -25.40
N ILE A 738 -3.43 -21.66 -24.41
CA ILE A 738 -4.16 -22.39 -23.39
C ILE A 738 -4.08 -21.56 -22.09
N SER A 739 -5.24 -21.17 -21.59
CA SER A 739 -5.36 -20.35 -20.38
C SER A 739 -6.30 -21.01 -19.35
N ILE A 740 -6.64 -20.25 -18.31
CA ILE A 740 -7.50 -20.71 -17.22
C ILE A 740 -8.73 -19.81 -17.09
N VAL A 741 -9.89 -20.45 -16.98
CA VAL A 741 -11.17 -19.73 -16.88
C VAL A 741 -11.34 -18.88 -15.60
N GLU A 742 -11.68 -17.61 -15.75
CA GLU A 742 -11.96 -16.77 -14.59
C GLU A 742 -13.30 -16.05 -14.74
N THR A 743 -14.30 -16.49 -14.00
CA THR A 743 -15.62 -15.87 -14.03
C THR A 743 -15.81 -14.87 -12.88
N ARG A 744 -14.86 -14.82 -11.96
CA ARG A 744 -15.10 -14.06 -10.73
C ARG A 744 -13.89 -13.23 -10.31
N GLY A 745 -13.09 -12.80 -11.29
CA GLY A 745 -11.91 -11.97 -11.06
C GLY A 745 -12.25 -10.49 -10.97
N ARG A 746 -11.21 -9.66 -10.99
CA ARG A 746 -11.30 -8.19 -10.87
C ARG A 746 -11.91 -7.52 -12.13
N ASN A 747 -11.75 -8.20 -13.27
CA ASN A 747 -12.30 -7.73 -14.53
C ASN A 747 -13.53 -8.55 -14.90
N ARG A 748 -14.67 -7.88 -15.05
CA ARG A 748 -15.92 -8.57 -15.35
C ARG A 748 -16.35 -8.11 -16.69
N PRO A 749 -15.99 -8.83 -17.74
CA PRO A 749 -16.42 -8.37 -19.03
C PRO A 749 -17.94 -8.57 -19.25
N PRO A 750 -18.60 -7.68 -20.03
CA PRO A 750 -19.99 -7.95 -20.41
C PRO A 750 -20.01 -9.17 -21.30
N GLN A 751 -21.18 -9.77 -21.51
CA GLN A 751 -21.26 -10.95 -22.37
C GLN A 751 -20.76 -10.57 -23.77
N GLY A 752 -20.03 -11.47 -24.41
CA GLY A 752 -19.55 -11.22 -25.77
C GLY A 752 -18.12 -10.71 -25.85
N LEU A 753 -17.55 -10.37 -24.67
CA LEU A 753 -16.20 -9.84 -24.58
C LEU A 753 -15.32 -10.57 -23.60
N VAL A 754 -14.19 -11.05 -24.12
CA VAL A 754 -13.20 -11.71 -23.30
C VAL A 754 -11.90 -10.88 -23.17
N TYR A 755 -11.24 -10.94 -22.01
CA TYR A 755 -10.03 -10.12 -21.73
C TYR A 755 -8.82 -10.91 -21.19
N MET A 756 -7.62 -10.62 -21.68
CA MET A 756 -6.43 -11.43 -21.32
C MET A 756 -5.12 -10.64 -21.19
N PRO A 757 -4.36 -10.80 -20.07
CA PRO A 757 -3.12 -10.00 -19.86
C PRO A 757 -1.89 -10.70 -20.48
N PHE A 758 -0.87 -9.94 -20.84
CA PHE A 758 0.26 -10.55 -21.57
C PHE A 758 1.55 -10.88 -20.79
N PHE A 759 1.53 -10.80 -19.46
CA PHE A 759 2.77 -11.01 -18.65
C PHE A 759 3.36 -12.41 -18.60
N ASP A 760 2.61 -13.39 -19.06
CA ASP A 760 2.91 -14.77 -18.76
C ASP A 760 3.53 -15.43 -20.02
N ALA A 761 4.83 -15.76 -19.93
CA ALA A 761 5.63 -16.24 -21.05
C ALA A 761 5.23 -17.62 -21.58
N ALA A 762 4.45 -18.36 -20.79
CA ALA A 762 3.88 -19.65 -21.20
C ALA A 762 2.55 -19.52 -21.95
N GLN A 763 1.85 -18.40 -21.74
CA GLN A 763 0.59 -18.09 -22.39
C GLN A 763 0.77 -16.85 -23.26
N LEU A 764 1.28 -17.07 -24.46
CA LEU A 764 1.65 -15.98 -25.32
C LEU A 764 0.47 -15.33 -26.05
N VAL A 765 -0.24 -14.40 -25.40
CA VAL A 765 -1.46 -13.86 -26.02
C VAL A 765 -1.24 -13.21 -27.37
N ASN A 766 -0.02 -12.67 -27.62
CA ASN A 766 0.31 -12.08 -28.92
C ASN A 766 0.55 -13.12 -30.05
N LYS A 767 0.34 -14.39 -29.77
CA LYS A 767 0.14 -15.31 -30.89
C LYS A 767 -1.27 -15.13 -31.51
N LEU A 768 -2.22 -14.59 -30.72
CA LEU A 768 -3.58 -14.37 -31.14
C LEU A 768 -3.83 -13.04 -31.81
N THR A 769 -3.20 -11.98 -31.32
CA THR A 769 -3.54 -10.60 -31.74
C THR A 769 -3.28 -10.28 -33.24
N LEU A 770 -4.06 -9.34 -33.78
CA LEU A 770 -3.89 -8.91 -35.16
C LEU A 770 -3.04 -7.65 -35.24
N ASP A 771 -1.91 -7.79 -35.93
CA ASP A 771 -1.00 -6.66 -36.23
C ASP A 771 -1.55 -5.60 -37.18
N ALA A 772 -2.84 -5.25 -37.01
CA ALA A 772 -3.44 -4.10 -37.67
C ALA A 772 -3.13 -2.85 -36.85
N THR A 773 -2.77 -1.77 -37.52
CA THR A 773 -2.39 -0.60 -36.80
C THR A 773 -3.25 0.53 -37.21
N ASP A 774 -3.15 1.61 -36.46
CA ASP A 774 -3.64 2.89 -36.89
C ASP A 774 -2.79 3.17 -38.11
N PRO A 775 -3.42 3.48 -39.25
CA PRO A 775 -2.57 3.69 -40.43
C PRO A 775 -1.72 4.96 -40.40
N LEU A 776 -2.02 5.90 -39.50
CA LEU A 776 -1.28 7.17 -39.38
C LEU A 776 -0.10 7.07 -38.37
N SER A 777 -0.32 6.40 -37.23
CA SER A 777 0.70 6.38 -36.17
C SER A 777 1.49 5.13 -36.29
N LYS A 778 0.94 4.18 -37.06
CA LYS A 778 1.40 2.78 -37.10
C LYS A 778 1.31 2.03 -35.77
N GLU A 779 0.42 2.44 -34.87
CA GLU A 779 0.28 1.76 -33.57
C GLU A 779 -0.69 0.59 -33.61
N THR A 780 -0.24 -0.55 -33.12
CA THR A 780 -1.07 -1.76 -33.13
C THR A 780 -2.25 -1.71 -32.16
N ASP A 781 -3.40 -2.11 -32.69
CA ASP A 781 -4.63 -2.23 -31.94
C ASP A 781 -4.64 -3.59 -31.23
N PHE A 782 -4.05 -3.62 -30.05
CA PHE A 782 -4.04 -4.80 -29.23
C PHE A 782 -5.38 -5.03 -28.54
N LYS A 783 -6.24 -4.01 -28.49
CA LYS A 783 -7.42 -4.10 -27.62
C LYS A 783 -8.63 -4.84 -28.21
N LYS A 784 -8.54 -5.22 -29.48
CA LYS A 784 -9.72 -5.49 -30.29
C LYS A 784 -9.48 -6.57 -31.36
N CYS A 785 -9.89 -7.80 -31.10
CA CYS A 785 -9.90 -8.77 -32.19
C CYS A 785 -10.91 -9.86 -31.89
N ALA A 786 -11.05 -10.80 -32.82
CA ALA A 786 -12.09 -11.81 -32.72
C ALA A 786 -11.49 -13.16 -32.38
N VAL A 787 -12.23 -13.89 -31.54
CA VAL A 787 -11.73 -15.07 -30.89
C VAL A 787 -12.81 -16.08 -30.56
N LYS A 788 -12.38 -17.33 -30.40
CA LYS A 788 -13.23 -18.44 -29.97
C LYS A 788 -12.56 -19.33 -28.89
N LEU A 789 -13.40 -19.97 -28.09
CA LEU A 789 -12.95 -20.87 -27.06
C LEU A 789 -13.36 -22.29 -27.40
N GLU A 790 -12.43 -23.22 -27.31
CA GLU A 790 -12.78 -24.61 -27.22
C GLU A 790 -12.34 -25.12 -25.84
N LYS A 791 -13.00 -26.15 -25.32
CA LYS A 791 -12.52 -26.83 -24.10
C LYS A 791 -11.28 -27.68 -24.43
N GLU B 1 -28.57 2.43 -5.96
CA GLU B 1 -27.42 1.47 -5.92
C GLU B 1 -26.11 1.96 -6.60
N ALA B 2 -25.82 3.26 -6.50
CA ALA B 2 -24.43 3.72 -6.53
C ALA B 2 -23.84 3.26 -5.17
N ILE B 3 -22.53 3.11 -5.05
CA ILE B 3 -21.98 2.75 -3.74
C ILE B 3 -22.35 3.85 -2.69
N LYS B 4 -22.75 3.42 -1.49
CA LYS B 4 -22.91 4.37 -0.40
C LYS B 4 -21.69 4.34 0.54
N TRP B 5 -21.01 5.48 0.64
CA TRP B 5 -19.83 5.62 1.51
C TRP B 5 -20.15 6.33 2.82
N ASP B 6 -19.78 5.70 3.93
CA ASP B 6 -19.89 6.34 5.24
C ASP B 6 -18.67 6.01 6.13
N LYS B 7 -18.35 6.91 7.06
CA LYS B 7 -17.18 6.70 7.95
C LYS B 7 -17.25 5.52 8.98
N ALA B 8 -16.08 5.10 9.44
CA ALA B 8 -15.93 4.08 10.47
C ALA B 8 -14.45 4.05 10.78
N PRO B 9 -14.09 3.74 12.04
CA PRO B 9 -12.67 3.45 12.25
C PRO B 9 -12.39 2.05 11.79
N CYS B 10 -11.14 1.80 11.41
CA CYS B 10 -10.76 0.50 10.96
C CYS B 10 -11.04 -0.51 12.06
N ARG B 11 -11.39 -1.73 11.65
CA ARG B 11 -11.72 -2.79 12.59
C ARG B 11 -10.49 -3.30 13.34
N PHE B 12 -9.30 -2.95 12.83
CA PHE B 12 -8.11 -3.58 13.33
C PHE B 12 -7.31 -2.84 14.39
N CYS B 13 -6.07 -2.49 14.07
CA CYS B 13 -5.13 -2.13 15.14
C CYS B 13 -5.40 -0.78 15.81
N GLY B 14 -4.69 -0.55 16.92
CA GLY B 14 -4.92 0.59 17.79
C GLY B 14 -4.58 1.93 17.16
N THR B 15 -4.09 1.89 15.94
CA THR B 15 -3.71 3.11 15.28
C THR B 15 -5.01 3.92 15.14
N GLY B 16 -6.08 3.26 14.71
CA GLY B 16 -7.38 3.92 14.53
C GLY B 16 -7.54 4.72 13.24
N CYS B 17 -6.97 4.20 12.16
CA CYS B 17 -7.16 4.80 10.82
C CYS B 17 -8.62 4.99 10.58
N GLY B 18 -8.95 6.17 10.05
CA GLY B 18 -10.28 6.48 9.58
C GLY B 18 -10.51 5.81 8.24
N VAL B 19 -11.73 5.36 8.05
CA VAL B 19 -12.05 4.58 6.87
C VAL B 19 -13.39 5.08 6.32
N LEU B 20 -13.54 5.00 5.00
CA LEU B 20 -14.84 5.22 4.33
C LEU B 20 -15.31 3.89 3.81
N VAL B 21 -16.45 3.44 4.32
CA VAL B 21 -16.96 2.13 3.98
C VAL B 21 -18.01 2.29 2.87
N GLY B 22 -17.84 1.51 1.81
CA GLY B 22 -18.73 1.60 0.66
C GLY B 22 -19.64 0.39 0.62
N THR B 23 -20.94 0.67 0.71
CA THR B 23 -21.92 -0.41 0.73
C THR B 23 -22.80 -0.35 -0.49
N GLN B 24 -23.18 -1.53 -0.93
CA GLN B 24 -24.09 -1.62 -2.04
C GLN B 24 -24.96 -2.85 -1.82
N GLN B 25 -26.27 -2.59 -1.79
CA GLN B 25 -27.29 -3.64 -1.71
C GLN B 25 -27.10 -4.53 -0.50
N GLY B 26 -26.92 -3.88 0.66
CA GLY B 26 -26.77 -4.57 1.93
C GLY B 26 -25.48 -5.32 2.12
N ARG B 27 -24.48 -5.09 1.26
CA ARG B 27 -23.11 -5.55 1.52
C ARG B 27 -22.05 -4.45 1.50
N VAL B 28 -20.97 -4.67 2.25
CA VAL B 28 -19.77 -3.86 2.13
C VAL B 28 -19.08 -4.34 0.87
N VAL B 29 -18.88 -3.46 -0.10
CA VAL B 29 -18.26 -3.92 -1.35
C VAL B 29 -16.93 -3.24 -1.60
N ALA B 30 -16.70 -2.13 -0.92
CA ALA B 30 -15.46 -1.40 -1.07
C ALA B 30 -15.08 -0.84 0.30
N CYS B 31 -13.81 -0.48 0.44
CA CYS B 31 -13.37 0.29 1.58
C CYS B 31 -12.17 1.16 1.16
N GLN B 32 -12.02 2.33 1.78
CA GLN B 32 -10.95 3.29 1.41
C GLN B 32 -10.51 4.07 2.62
N GLY B 33 -9.22 4.39 2.69
CA GLY B 33 -8.77 5.33 3.71
C GLY B 33 -9.59 6.60 3.57
N ASP B 34 -10.05 7.14 4.69
CA ASP B 34 -10.73 8.43 4.71
C ASP B 34 -9.73 9.57 4.59
N PRO B 35 -9.72 10.28 3.44
CA PRO B 35 -8.87 11.47 3.27
C PRO B 35 -8.95 12.47 4.41
N ASP B 36 -10.11 12.58 5.06
CA ASP B 36 -10.34 13.64 6.03
C ASP B 36 -10.07 13.22 7.48
N ALA B 37 -9.78 11.93 7.67
CA ALA B 37 -9.45 11.39 8.99
C ALA B 37 -8.01 11.78 9.31
N PRO B 38 -7.81 12.62 10.34
CA PRO B 38 -6.48 13.14 10.74
C PRO B 38 -5.46 12.05 11.05
N VAL B 39 -5.92 10.88 11.49
CA VAL B 39 -5.03 9.75 11.83
C VAL B 39 -4.11 9.32 10.66
N ASN B 40 -4.72 9.08 9.50
CA ASN B 40 -4.09 8.41 8.36
C ASN B 40 -4.18 9.21 7.06
N ARG B 41 -5.03 10.24 7.05
CA ARG B 41 -5.13 11.15 5.92
C ARG B 41 -5.14 10.37 4.58
N GLY B 42 -5.98 9.33 4.53
CA GLY B 42 -6.15 8.52 3.32
C GLY B 42 -5.41 7.20 3.32
N LEU B 43 -4.33 7.09 4.10
CA LEU B 43 -3.47 5.91 4.03
C LEU B 43 -4.07 4.62 4.59
N ASN B 44 -3.43 3.49 4.27
CA ASN B 44 -4.01 2.17 4.47
C ASN B 44 -2.96 1.07 4.46
N CYS B 45 -3.25 -0.02 5.18
CA CYS B 45 -2.34 -1.16 5.17
C CYS B 45 -3.03 -2.35 4.52
N ILE B 46 -2.28 -3.41 4.29
CA ILE B 46 -2.86 -4.58 3.65
C ILE B 46 -4.12 -5.12 4.37
N LYS B 47 -4.15 -5.03 5.70
CA LYS B 47 -5.33 -5.48 6.46
C LYS B 47 -6.54 -4.54 6.27
N GLY B 48 -6.30 -3.24 6.35
CA GLY B 48 -7.34 -2.26 6.05
C GLY B 48 -7.94 -2.44 4.66
N TYR B 49 -7.08 -2.73 3.67
CA TYR B 49 -7.51 -2.96 2.29
C TYR B 49 -8.56 -4.06 2.19
N PHE B 50 -8.42 -5.13 2.97
CA PHE B 50 -9.34 -6.27 2.84
C PHE B 50 -10.52 -6.29 3.84
N LEU B 51 -10.78 -5.13 4.43
CA LEU B 51 -11.92 -4.92 5.31
C LEU B 51 -13.23 -5.39 4.68
N PRO B 52 -13.47 -5.07 3.39
CA PRO B 52 -14.72 -5.59 2.80
C PRO B 52 -14.83 -7.12 2.69
N LYS B 53 -13.85 -7.87 3.22
CA LYS B 53 -13.91 -9.35 3.16
C LYS B 53 -14.15 -10.07 4.50
N ILE B 54 -14.01 -9.37 5.61
CA ILE B 54 -13.93 -10.07 6.93
C ILE B 54 -15.31 -10.52 7.48
N MET B 55 -16.39 -9.97 6.92
CA MET B 55 -17.72 -10.36 7.38
C MET B 55 -18.31 -11.54 6.66
N TYR B 56 -17.66 -11.92 5.55
CA TYR B 56 -18.28 -12.77 4.52
C TYR B 56 -17.55 -14.06 4.39
N GLY B 57 -16.78 -14.36 5.42
CA GLY B 57 -16.00 -15.59 5.51
C GLY B 57 -16.86 -16.81 5.37
N LYS B 58 -16.35 -17.96 5.55
CA LYS B 58 -16.86 -19.09 4.82
C LYS B 58 -18.12 -19.58 5.53
N ASP B 59 -18.04 -19.47 6.82
CA ASP B 59 -18.92 -20.26 7.61
C ASP B 59 -19.33 -19.38 8.77
N ARG B 60 -19.60 -18.10 8.47
CA ARG B 60 -20.26 -17.22 9.41
C ARG B 60 -21.26 -18.07 10.18
N LEU B 61 -21.36 -17.77 11.46
CA LEU B 61 -22.35 -18.38 12.28
C LEU B 61 -23.66 -17.63 12.07
N THR B 62 -24.73 -18.41 11.90
CA THR B 62 -26.07 -17.88 11.66
C THR B 62 -27.06 -18.33 12.74
N GLN B 63 -26.66 -19.24 13.61
CA GLN B 63 -27.61 -19.80 14.56
C GLN B 63 -26.95 -20.28 15.88
N PRO B 64 -27.64 -20.10 17.03
CA PRO B 64 -27.16 -20.67 18.29
C PRO B 64 -27.00 -22.19 18.22
N LEU B 65 -25.80 -22.65 18.60
CA LEU B 65 -25.47 -24.07 18.59
C LEU B 65 -25.21 -24.58 20.00
N LEU B 66 -26.00 -25.56 20.45
CA LEU B 66 -25.78 -26.22 21.77
C LEU B 66 -25.35 -27.68 21.59
N ARG B 67 -24.48 -28.16 22.47
CA ARG B 67 -24.06 -29.57 22.49
C ARG B 67 -25.20 -30.40 23.05
N MET B 68 -25.58 -31.47 22.36
CA MET B 68 -26.73 -32.28 22.80
C MET B 68 -26.61 -33.81 22.61
N LYS B 69 -27.23 -34.54 23.54
CA LYS B 69 -27.51 -35.95 23.36
C LYS B 69 -29.00 -36.11 23.61
N ASN B 70 -29.69 -36.74 22.65
CA ASN B 70 -31.16 -36.72 22.57
C ASN B 70 -31.83 -35.56 23.29
N GLY B 71 -32.22 -34.54 22.54
CA GLY B 71 -33.08 -33.46 23.07
C GLY B 71 -32.79 -33.04 24.50
N LYS B 72 -31.52 -32.82 24.80
CA LYS B 72 -31.08 -32.26 26.10
C LYS B 72 -29.61 -31.92 26.06
N TYR B 73 -29.26 -30.83 26.71
CA TYR B 73 -27.88 -30.40 26.77
C TYR B 73 -26.97 -31.49 27.33
N ASP B 74 -25.77 -31.61 26.75
CA ASP B 74 -24.77 -32.56 27.21
C ASP B 74 -23.37 -32.07 26.88
N LYS B 75 -22.51 -32.04 27.89
CA LYS B 75 -21.13 -31.53 27.78
C LYS B 75 -20.31 -32.26 26.73
N GLU B 76 -20.66 -33.51 26.46
CA GLU B 76 -19.99 -34.29 25.44
C GLU B 76 -20.83 -34.45 24.19
N GLY B 77 -21.97 -33.77 24.15
CA GLY B 77 -22.90 -33.82 23.02
C GLY B 77 -22.38 -33.25 21.70
N GLU B 78 -23.26 -33.21 20.71
CA GLU B 78 -22.90 -32.70 19.39
C GLU B 78 -23.51 -31.32 19.19
N PHE B 79 -22.75 -30.39 18.58
CA PHE B 79 -23.33 -29.06 18.30
C PHE B 79 -24.58 -29.24 17.45
N THR B 80 -25.66 -28.63 17.90
CA THR B 80 -26.93 -28.79 17.25
C THR B 80 -27.69 -27.47 17.40
N PRO B 81 -28.37 -27.00 16.32
CA PRO B 81 -29.02 -25.68 16.28
C PRO B 81 -30.19 -25.61 17.24
N ILE B 82 -30.35 -24.46 17.90
CA ILE B 82 -31.43 -24.22 18.86
C ILE B 82 -31.84 -22.78 18.72
N THR B 83 -32.92 -22.37 19.34
CA THR B 83 -33.32 -20.96 19.22
C THR B 83 -32.70 -20.02 20.27
N TRP B 84 -32.72 -18.72 19.98
CA TRP B 84 -32.32 -17.70 20.94
C TRP B 84 -33.08 -17.85 22.26
N ASP B 85 -34.41 -18.00 22.19
CA ASP B 85 -35.23 -18.32 23.35
C ASP B 85 -34.65 -19.52 24.07
N GLN B 86 -34.24 -20.54 23.35
CA GLN B 86 -33.71 -21.74 24.00
C GLN B 86 -32.30 -21.55 24.53
N ALA B 87 -31.48 -20.82 23.78
CA ALA B 87 -30.13 -20.50 24.24
C ALA B 87 -30.21 -19.70 25.55
N PHE B 88 -31.11 -18.74 25.62
CA PHE B 88 -31.23 -17.94 26.82
C PHE B 88 -31.80 -18.75 27.97
N ASP B 89 -32.61 -19.77 27.67
CA ASP B 89 -33.17 -20.67 28.70
C ASP B 89 -32.06 -21.41 29.45
N VAL B 90 -31.19 -22.07 28.70
CA VAL B 90 -30.08 -22.86 29.26
C VAL B 90 -29.11 -21.96 30.03
N MET B 91 -28.73 -20.83 29.41
CA MET B 91 -27.96 -19.80 30.07
C MET B 91 -28.62 -19.27 31.34
N GLU B 92 -29.94 -19.14 31.34
CA GLU B 92 -30.66 -18.66 32.54
C GLU B 92 -30.52 -19.60 33.74
N GLU B 93 -30.78 -20.87 33.50
CA GLU B 93 -30.76 -21.88 34.53
C GLU B 93 -29.30 -22.01 35.04
N LYS B 94 -28.35 -22.06 34.11
CA LYS B 94 -26.96 -22.27 34.47
C LYS B 94 -26.47 -21.12 35.36
N PHE B 95 -26.77 -19.87 35.00
CA PHE B 95 -26.33 -18.74 35.84
C PHE B 95 -27.05 -18.81 37.19
N LYS B 96 -28.36 -19.02 37.16
CA LYS B 96 -29.18 -19.01 38.39
C LYS B 96 -28.82 -20.08 39.44
N THR B 97 -28.60 -21.31 38.93
CA THR B 97 -28.02 -22.43 39.69
C THR B 97 -26.65 -22.10 40.27
N ALA B 98 -25.74 -21.59 39.43
CA ALA B 98 -24.45 -21.15 39.93
C ALA B 98 -24.61 -20.11 41.06
N LEU B 99 -25.45 -19.10 40.89
CA LEU B 99 -25.66 -18.15 41.97
C LEU B 99 -26.28 -18.82 43.18
N LYS B 100 -27.14 -19.80 42.97
CA LYS B 100 -27.75 -20.47 44.09
C LYS B 100 -26.70 -21.27 44.89
N GLU B 101 -25.89 -22.04 44.17
CA GLU B 101 -25.02 -23.03 44.76
C GLU B 101 -23.70 -22.47 45.27
N LYS B 102 -23.12 -21.50 44.55
CA LYS B 102 -21.84 -20.94 44.98
C LYS B 102 -21.86 -19.42 44.95
N GLY B 103 -22.78 -18.81 44.20
CA GLY B 103 -22.88 -17.36 44.17
C GLY B 103 -22.03 -16.66 43.12
N PRO B 104 -22.05 -15.32 43.12
CA PRO B 104 -21.45 -14.53 42.06
C PRO B 104 -20.04 -14.95 41.73
N GLU B 105 -19.24 -15.31 42.72
CA GLU B 105 -17.85 -15.72 42.45
C GLU B 105 -17.66 -16.85 41.42
N SER B 106 -18.72 -17.63 41.18
CA SER B 106 -18.64 -18.87 40.43
C SER B 106 -19.10 -18.76 38.95
N ILE B 107 -19.57 -17.57 38.57
CA ILE B 107 -19.83 -17.21 37.19
C ILE B 107 -18.86 -16.10 36.75
N GLY B 108 -18.64 -15.96 35.44
CA GLY B 108 -17.80 -14.89 34.93
C GLY B 108 -17.87 -14.64 33.43
N MET B 109 -17.32 -13.49 33.03
CA MET B 109 -17.30 -13.08 31.64
C MET B 109 -15.87 -12.78 31.20
N PHE B 110 -15.60 -13.05 29.92
CA PHE B 110 -14.32 -12.70 29.35
C PHE B 110 -14.47 -11.75 28.16
N GLY B 111 -14.37 -10.45 28.44
CA GLY B 111 -14.57 -9.42 27.42
C GLY B 111 -13.35 -9.03 26.61
N SER B 112 -13.43 -7.90 25.92
CA SER B 112 -12.54 -7.67 24.77
C SER B 112 -12.31 -6.20 24.48
N GLY B 113 -11.07 -5.86 24.10
CA GLY B 113 -10.77 -4.50 23.58
C GLY B 113 -11.27 -4.25 22.15
N GLN B 114 -11.95 -5.23 21.59
CA GLN B 114 -12.58 -5.04 20.34
C GLN B 114 -14.07 -4.85 20.51
N TRP B 115 -14.51 -4.70 21.75
CA TRP B 115 -15.92 -4.35 21.95
C TRP B 115 -16.10 -2.90 21.70
N THR B 116 -17.35 -2.63 21.41
CA THR B 116 -17.90 -1.33 21.27
C THR B 116 -17.97 -0.76 22.69
N ILE B 117 -17.73 0.54 22.81
CA ILE B 117 -17.76 1.18 24.12
C ILE B 117 -19.02 0.78 24.91
N TRP B 118 -20.19 0.95 24.31
CA TRP B 118 -21.45 0.63 24.98
C TRP B 118 -21.59 -0.86 25.28
N GLU B 119 -21.10 -1.71 24.38
CA GLU B 119 -20.97 -3.13 24.66
C GLU B 119 -20.17 -3.36 25.96
N GLY B 120 -18.98 -2.76 26.05
CA GLY B 120 -18.18 -2.85 27.27
C GLY B 120 -18.89 -2.32 28.50
N TYR B 121 -19.54 -1.15 28.34
CA TYR B 121 -20.34 -0.55 29.43
C TYR B 121 -21.49 -1.45 29.86
N ALA B 122 -22.16 -2.06 28.90
CA ALA B 122 -23.36 -2.84 29.22
C ALA B 122 -22.96 -4.14 29.94
N ALA B 123 -21.85 -4.73 29.49
CA ALA B 123 -21.31 -5.95 30.08
C ALA B 123 -21.02 -5.71 31.54
N SER B 124 -20.38 -4.59 31.79
CA SER B 124 -19.91 -4.27 33.10
C SER B 124 -21.10 -4.07 33.99
N LYS B 125 -22.16 -3.41 33.49
CA LYS B 125 -23.30 -3.14 34.38
C LYS B 125 -23.96 -4.48 34.73
N LEU B 126 -23.99 -5.36 33.75
CA LEU B 126 -24.67 -6.59 33.89
C LEU B 126 -23.99 -7.24 35.06
N PHE B 127 -22.67 -7.38 34.99
CA PHE B 127 -21.96 -8.20 35.96
C PHE B 127 -21.82 -7.52 37.28
N LYS B 128 -21.44 -6.26 37.26
CA LYS B 128 -21.14 -5.58 38.49
C LYS B 128 -22.41 -5.08 39.21
N ALA B 129 -23.37 -4.57 38.45
CA ALA B 129 -24.58 -4.03 39.06
C ALA B 129 -25.71 -5.05 39.10
N GLY B 130 -25.73 -5.94 38.12
CA GLY B 130 -26.83 -6.91 38.02
C GLY B 130 -26.55 -8.10 38.87
N PHE B 131 -25.48 -8.80 38.54
CA PHE B 131 -25.17 -10.12 39.12
C PHE B 131 -24.31 -10.06 40.35
N ARG B 132 -23.78 -8.87 40.65
CA ARG B 132 -22.86 -8.68 41.76
C ARG B 132 -21.63 -9.60 41.73
N SER B 133 -21.00 -9.70 40.55
CA SER B 133 -19.74 -10.42 40.36
C SER B 133 -18.79 -9.51 39.64
N ASN B 134 -17.52 -9.55 40.04
CA ASN B 134 -16.45 -8.78 39.42
C ASN B 134 -15.63 -9.69 38.49
N ASN B 135 -16.03 -10.94 38.35
CA ASN B 135 -15.35 -11.81 37.40
C ASN B 135 -15.57 -11.37 35.92
N ILE B 136 -15.31 -10.10 35.61
CA ILE B 136 -15.33 -9.60 34.25
C ILE B 136 -13.96 -9.02 33.91
N ASP B 137 -13.30 -9.66 32.95
CA ASP B 137 -11.96 -9.27 32.58
C ASP B 137 -11.73 -9.48 31.09
N PRO B 138 -10.90 -8.64 30.46
CA PRO B 138 -10.78 -8.69 29.02
C PRO B 138 -9.51 -9.32 28.50
N ASN B 139 -9.45 -9.54 27.18
CA ASN B 139 -8.19 -9.80 26.50
C ASN B 139 -7.18 -8.66 26.63
N ALA B 140 -7.64 -7.43 26.87
CA ALA B 140 -6.74 -6.30 27.18
C ALA B 140 -5.84 -6.64 28.37
N ARG B 141 -6.23 -7.63 29.16
CA ARG B 141 -5.41 -8.03 30.28
C ARG B 141 -4.17 -8.74 29.78
N HIS B 142 -4.24 -9.31 28.59
CA HIS B 142 -3.03 -9.92 27.99
C HIS B 142 -2.09 -8.90 27.36
N CYS B 143 -2.40 -7.61 27.50
CA CYS B 143 -1.92 -6.57 26.61
C CYS B 143 -1.55 -5.26 27.29
N MET B 144 -2.54 -4.54 27.81
CA MET B 144 -2.36 -3.17 28.28
C MET B 144 -2.30 -2.97 29.80
N ALA B 145 -2.63 -4.01 30.56
CA ALA B 145 -2.58 -3.95 32.03
C ALA B 145 -1.27 -3.41 32.62
N SER B 146 -0.12 -3.90 32.16
CA SER B 146 1.19 -3.36 32.61
C SER B 146 1.33 -1.85 32.30
N ALA B 147 0.75 -1.40 31.21
CA ALA B 147 0.88 0.00 30.86
C ALA B 147 -0.10 0.85 31.69
N VAL B 148 -1.29 0.31 31.93
CA VAL B 148 -2.33 0.96 32.75
C VAL B 148 -1.81 1.15 34.18
N VAL B 149 -1.42 0.05 34.80
CA VAL B 149 -0.90 0.11 36.16
C VAL B 149 0.28 1.09 36.23
N GLY B 150 1.10 1.10 35.16
CA GLY B 150 2.23 2.02 35.04
C GLY B 150 1.76 3.46 35.01
N PHE B 151 0.71 3.70 34.25
CA PHE B 151 0.12 5.02 34.16
C PHE B 151 -0.37 5.45 35.56
N MET B 152 -1.03 4.51 36.25
CA MET B 152 -1.64 4.81 37.54
C MET B 152 -0.61 5.11 38.62
N ARG B 153 0.44 4.31 38.67
CA ARG B 153 1.54 4.53 39.61
C ARG B 153 2.21 5.86 39.38
N THR B 154 2.50 6.18 38.12
CA THR B 154 3.27 7.38 37.77
C THR B 154 2.42 8.67 37.72
N PHE B 155 1.20 8.56 37.22
CA PHE B 155 0.46 9.76 36.85
C PHE B 155 -0.88 9.79 37.54
N GLY B 156 -1.36 8.62 37.99
CA GLY B 156 -2.71 8.54 38.57
C GLY B 156 -3.91 8.67 37.60
N MET B 157 -3.64 8.89 36.32
CA MET B 157 -4.66 8.74 35.28
C MET B 157 -4.15 7.89 34.15
N ASP B 158 -5.03 7.12 33.53
CA ASP B 158 -4.65 6.26 32.43
C ASP B 158 -4.30 7.03 31.15
N GLU B 159 -3.50 6.37 30.30
CA GLU B 159 -3.40 6.72 28.87
C GLU B 159 -2.47 7.89 28.56
N PRO B 160 -1.86 7.89 27.35
CA PRO B 160 -0.80 8.84 26.96
C PRO B 160 -1.14 10.35 27.04
N MET B 161 -0.17 11.17 27.47
CA MET B 161 -0.34 12.64 27.46
C MET B 161 0.03 13.29 26.11
N GLY B 162 0.47 12.47 25.14
CA GLY B 162 0.76 12.93 23.78
C GLY B 162 -0.21 12.44 22.72
N CYS B 163 0.13 12.70 21.45
CA CYS B 163 -0.73 12.30 20.32
C CYS B 163 0.11 12.13 19.08
N TYR B 164 -0.46 11.51 18.04
CA TYR B 164 0.26 11.16 16.81
C TYR B 164 0.92 12.35 16.11
N ASP B 165 0.34 13.54 16.33
CA ASP B 165 0.79 14.78 15.74
C ASP B 165 2.23 15.08 16.18
N ASP B 166 2.71 14.35 17.19
CA ASP B 166 4.10 14.50 17.65
C ASP B 166 5.05 13.86 16.67
N ILE B 167 4.54 12.98 15.83
CA ILE B 167 5.41 12.31 14.88
C ILE B 167 6.03 13.35 13.99
N GLU B 168 5.25 14.27 13.45
CA GLU B 168 5.84 15.21 12.51
C GLU B 168 6.63 16.34 13.17
N GLN B 169 6.72 16.33 14.50
CA GLN B 169 7.59 17.29 15.21
C GLN B 169 8.74 16.75 16.05
N ALA B 170 8.96 15.46 15.98
CA ALA B 170 9.96 14.82 16.81
C ALA B 170 11.36 14.93 16.20
N ASP B 171 12.38 14.90 17.04
CA ASP B 171 13.75 14.89 16.59
C ASP B 171 14.28 13.48 16.64
N ALA B 172 13.84 12.70 17.63
CA ALA B 172 14.22 11.28 17.73
C ALA B 172 13.02 10.35 18.07
N PHE B 173 13.11 9.11 17.60
CA PHE B 173 12.15 8.07 17.92
C PHE B 173 12.95 6.96 18.56
N VAL B 174 12.51 6.49 19.72
CA VAL B 174 13.09 5.31 20.31
C VAL B 174 12.00 4.27 20.41
N LEU B 175 12.15 3.16 19.68
CA LEU B 175 11.13 2.13 19.71
C LEU B 175 11.66 1.07 20.62
N TRP B 176 10.96 0.85 21.73
CA TRP B 176 11.45 -0.02 22.78
C TRP B 176 10.96 -1.46 22.63
N GLY B 177 11.26 -2.07 21.48
CA GLY B 177 10.77 -3.40 21.17
C GLY B 177 9.48 -3.41 20.36
N ALA B 178 8.96 -2.23 20.06
CA ALA B 178 7.77 -2.10 19.22
C ALA B 178 8.11 -2.28 17.75
N ASN B 179 7.67 -3.41 17.17
CA ASN B 179 7.82 -3.65 15.72
C ASN B 179 6.77 -2.86 14.91
N MET B 180 6.91 -1.53 14.91
CA MET B 180 5.91 -0.64 14.35
C MET B 180 5.69 -0.80 12.83
N ALA B 181 6.70 -1.29 12.12
CA ALA B 181 6.59 -1.52 10.68
C ALA B 181 5.43 -2.45 10.32
N GLU B 182 5.24 -3.48 11.15
CA GLU B 182 4.17 -4.45 10.91
C GLU B 182 2.91 -4.26 11.76
N MET B 183 3.02 -3.67 12.96
CA MET B 183 1.88 -3.62 13.88
C MET B 183 1.20 -2.25 14.06
N HIS B 184 1.86 -1.17 13.65
CA HIS B 184 1.21 0.16 13.62
C HIS B 184 1.59 0.86 12.31
N PRO B 185 1.35 0.19 11.18
CA PRO B 185 1.96 0.53 9.89
C PRO B 185 1.82 2.00 9.52
N ILE B 186 0.62 2.52 9.71
CA ILE B 186 0.31 3.92 9.42
C ILE B 186 1.11 4.88 10.31
N LEU B 187 1.30 4.51 11.57
CA LEU B 187 2.17 5.26 12.45
C LEU B 187 3.60 5.24 11.92
N TRP B 188 4.06 4.04 11.55
CA TRP B 188 5.39 3.84 10.92
C TRP B 188 5.62 4.70 9.67
N SER B 189 4.63 4.68 8.78
CA SER B 189 4.64 5.47 7.57
C SER B 189 4.81 6.99 7.83
N ARG B 190 4.08 7.55 8.81
CA ARG B 190 4.35 8.93 9.18
C ARG B 190 5.76 9.06 9.77
N ILE B 191 6.24 8.03 10.47
CA ILE B 191 7.56 8.12 11.10
C ILE B 191 8.61 8.14 9.97
N THR B 192 8.60 7.10 9.13
CA THR B 192 9.42 7.03 7.92
C THR B 192 9.44 8.38 7.18
N ASN B 193 8.29 8.90 6.80
CA ASN B 193 8.23 10.24 6.19
C ASN B 193 9.07 11.29 6.91
N ARG B 194 8.90 11.35 8.23
CA ARG B 194 9.60 12.31 9.07
C ARG B 194 11.13 12.04 9.05
N ARG B 195 11.52 10.81 9.35
CA ARG B 195 12.93 10.44 9.23
C ARG B 195 13.46 10.72 7.84
N LEU B 196 12.77 10.21 6.81
CA LEU B 196 13.25 10.25 5.43
C LEU B 196 13.30 11.63 4.78
N SER B 197 12.64 12.62 5.37
CA SER B 197 12.70 13.99 4.85
C SER B 197 13.43 14.93 5.79
N ASN B 198 14.36 14.37 6.56
CA ASN B 198 15.09 15.12 7.57
C ASN B 198 16.29 14.33 8.05
N GLN B 199 17.47 14.78 7.61
CA GLN B 199 18.75 14.20 8.03
C GLN B 199 19.02 14.49 9.51
N ASN B 200 18.33 15.49 10.06
CA ASN B 200 18.49 15.97 11.46
C ASN B 200 17.60 15.26 12.49
N VAL B 201 16.97 14.17 12.03
CA VAL B 201 16.08 13.35 12.83
C VAL B 201 16.68 11.95 12.94
N THR B 202 16.64 11.42 14.15
CA THR B 202 17.26 10.14 14.44
C THR B 202 16.20 9.16 14.86
N VAL B 203 16.46 7.89 14.57
CA VAL B 203 15.56 6.81 14.82
C VAL B 203 16.35 5.65 15.39
N ALA B 204 16.01 5.25 16.62
CA ALA B 204 16.62 4.11 17.27
C ALA B 204 15.58 3.03 17.50
N VAL B 205 15.86 1.84 17.00
CA VAL B 205 14.96 0.70 17.17
C VAL B 205 15.73 -0.34 17.93
N LEU B 206 15.24 -0.69 19.12
CA LEU B 206 15.82 -1.77 19.90
C LEU B 206 14.85 -2.90 19.81
N SER B 207 15.40 -4.10 19.81
CA SER B 207 14.61 -5.28 19.62
C SER B 207 15.39 -6.54 20.00
N THR B 208 14.65 -7.61 20.13
CA THR B 208 15.17 -8.88 20.49
C THR B 208 15.55 -9.69 19.25
N TYR B 209 15.03 -9.27 18.10
CA TYR B 209 15.36 -9.91 16.81
C TYR B 209 15.23 -8.83 15.74
N GLN B 210 15.99 -8.97 14.67
CA GLN B 210 15.85 -8.03 13.56
C GLN B 210 14.50 -8.26 12.87
N HIS B 211 13.83 -7.17 12.52
CA HIS B 211 12.56 -7.25 11.79
C HIS B 211 12.50 -6.02 10.88
N ARG B 212 11.41 -5.82 10.15
CA ARG B 212 11.29 -4.69 9.18
C ARG B 212 11.44 -3.28 9.75
N SER B 213 11.41 -3.12 11.06
CA SER B 213 11.45 -1.77 11.61
C SER B 213 12.86 -1.23 11.60
N PHE B 214 13.83 -2.13 11.39
CA PHE B 214 15.27 -1.82 11.45
C PHE B 214 15.84 -1.09 10.24
N GLU B 215 15.52 -1.60 9.05
CA GLU B 215 15.52 -0.84 7.80
C GLU B 215 15.65 0.68 7.99
N LEU B 216 14.81 1.26 8.86
CA LEU B 216 14.90 2.70 9.11
C LEU B 216 15.71 3.13 10.33
N ALA B 217 16.20 2.19 11.14
CA ALA B 217 17.01 2.56 12.30
C ALA B 217 18.40 3.17 12.01
N ASP B 218 18.56 4.45 12.32
CA ASP B 218 19.87 5.05 12.48
C ASP B 218 20.69 4.22 13.47
N ASN B 219 20.11 3.95 14.64
CA ASN B 219 20.72 3.15 15.70
C ASN B 219 19.89 1.90 15.99
N GLY B 220 20.32 0.77 15.47
CA GLY B 220 19.53 -0.44 15.55
C GLY B 220 20.17 -1.44 16.47
N ILE B 221 19.48 -1.82 17.55
CA ILE B 221 20.06 -2.58 18.66
C ILE B 221 19.31 -3.91 18.88
N ILE B 222 20.07 -4.99 18.97
CA ILE B 222 19.53 -6.27 19.38
C ILE B 222 20.02 -6.52 20.81
N PHE B 223 19.08 -6.82 21.70
CA PHE B 223 19.40 -6.96 23.13
C PHE B 223 18.76 -8.22 23.62
N THR B 224 19.31 -8.75 24.70
CA THR B 224 18.89 -10.01 25.30
C THR B 224 17.53 -9.78 26.06
N PRO B 225 16.59 -10.72 25.97
CA PRO B 225 15.33 -10.63 26.73
C PRO B 225 15.47 -10.26 28.24
N GLN B 226 14.62 -9.34 28.70
CA GLN B 226 14.62 -8.71 30.05
C GLN B 226 15.61 -7.57 30.24
N SER B 227 16.66 -7.52 29.41
CA SER B 227 17.78 -6.57 29.63
C SER B 227 17.46 -5.11 29.38
N ASP B 228 16.23 -4.87 28.90
CA ASP B 228 15.74 -3.52 28.73
C ASP B 228 15.74 -2.74 30.05
N LEU B 229 15.47 -3.48 31.14
CA LEU B 229 15.46 -2.95 32.51
C LEU B 229 16.84 -2.41 32.84
N VAL B 230 17.88 -3.19 32.51
CA VAL B 230 19.25 -2.69 32.62
C VAL B 230 19.45 -1.40 31.84
N ILE B 231 19.15 -1.45 30.54
CA ILE B 231 19.27 -0.29 29.64
C ILE B 231 18.56 0.93 30.19
N LEU B 232 17.31 0.73 30.64
CA LEU B 232 16.44 1.82 31.13
C LEU B 232 17.06 2.57 32.31
N ASN B 233 17.52 1.78 33.29
CA ASN B 233 18.30 2.26 34.40
C ASN B 233 19.60 2.93 33.94
N TYR B 234 20.37 2.23 33.10
CA TYR B 234 21.62 2.81 32.57
C TYR B 234 21.44 4.23 32.02
N ILE B 235 20.42 4.44 31.19
CA ILE B 235 20.17 5.74 30.58
C ILE B 235 19.91 6.78 31.66
N ALA B 236 19.23 6.37 32.75
CA ALA B 236 18.90 7.28 33.83
C ALA B 236 20.17 7.70 34.61
N ASN B 237 21.03 6.70 34.85
CA ASN B 237 22.39 6.89 35.33
C ASN B 237 23.13 7.92 34.47
N TYR B 238 23.28 7.59 33.19
CA TYR B 238 23.84 8.49 32.17
C TYR B 238 23.34 9.93 32.29
N ILE B 239 22.03 10.13 32.40
CA ILE B 239 21.46 11.49 32.56
C ILE B 239 22.02 12.28 33.76
N ILE B 240 21.97 11.68 34.96
CA ILE B 240 22.60 12.24 36.16
C ILE B 240 24.09 12.49 35.85
N GLN B 241 24.80 11.40 35.57
CA GLN B 241 26.21 11.36 35.21
C GLN B 241 26.67 12.51 34.29
N ASN B 242 25.73 13.12 33.57
CA ASN B 242 26.04 14.24 32.68
C ASN B 242 25.32 15.54 33.06
N ASN B 243 25.06 15.73 34.35
CA ASN B 243 24.31 16.88 34.86
C ASN B 243 23.12 17.27 33.93
N ALA B 244 22.52 16.26 33.31
CA ALA B 244 21.47 16.47 32.29
C ALA B 244 20.02 16.60 32.82
N ILE B 245 19.86 16.68 34.14
CA ILE B 245 18.53 16.80 34.74
C ILE B 245 17.98 18.21 34.53
N ASN B 246 16.79 18.28 33.95
CA ASN B 246 16.01 19.49 33.91
C ASN B 246 15.66 19.87 35.34
N GLN B 247 16.43 20.77 35.94
CA GLN B 247 16.28 21.08 37.38
C GLN B 247 14.94 21.71 37.70
N ASP B 248 14.48 22.61 36.85
CA ASP B 248 13.26 23.35 37.11
C ASP B 248 12.06 22.38 37.20
N PHE B 249 11.90 21.57 36.15
CA PHE B 249 10.80 20.61 36.07
C PHE B 249 10.92 19.60 37.21
N PHE B 250 12.10 19.00 37.32
CA PHE B 250 12.38 17.97 38.32
C PHE B 250 11.98 18.44 39.71
N SER B 251 12.04 19.74 39.91
CA SER B 251 11.82 20.37 41.21
C SER B 251 10.35 20.61 41.50
N LYS B 252 9.68 21.23 40.55
CA LYS B 252 8.29 21.60 40.72
C LYS B 252 7.35 20.40 40.55
N HIS B 253 7.82 19.34 39.88
CA HIS B 253 6.88 18.42 39.24
C HIS B 253 7.09 16.90 39.44
N VAL B 254 8.15 16.50 40.14
CA VAL B 254 8.48 15.08 40.30
C VAL B 254 8.61 14.64 41.76
N ASN B 255 8.24 13.40 42.08
CA ASN B 255 8.55 12.77 43.37
C ASN B 255 9.35 11.48 43.13
N LEU B 256 10.18 11.07 44.10
CA LEU B 256 10.93 9.82 43.96
C LEU B 256 10.47 8.74 44.92
N ARG B 257 10.36 7.53 44.41
CA ARG B 257 9.99 6.43 45.28
C ARG B 257 10.91 5.25 45.03
N LYS B 258 11.13 4.43 46.05
CA LYS B 258 11.70 3.10 45.87
C LYS B 258 10.58 2.08 45.88
N GLY B 259 10.50 1.28 44.82
CA GLY B 259 9.52 0.20 44.75
C GLY B 259 10.02 -1.07 45.39
N ALA B 260 9.06 -1.88 45.88
CA ALA B 260 9.34 -3.20 46.42
C ALA B 260 9.92 -4.10 45.35
N THR B 261 10.87 -4.94 45.73
CA THR B 261 11.54 -5.83 44.76
C THR B 261 11.24 -7.28 45.05
N ASP B 262 11.67 -8.15 44.15
CA ASP B 262 11.65 -9.58 44.38
C ASP B 262 10.20 -10.03 44.58
N ILE B 263 9.40 -9.80 43.55
CA ILE B 263 7.92 -9.95 43.61
C ILE B 263 7.28 -11.18 42.96
N GLY B 264 8.04 -12.22 42.67
CA GLY B 264 7.47 -13.44 42.06
C GLY B 264 7.08 -13.32 40.57
N TYR B 265 6.28 -14.26 40.06
CA TYR B 265 5.94 -14.25 38.62
C TYR B 265 4.47 -14.48 38.30
N GLY B 266 3.63 -14.28 39.30
CA GLY B 266 2.17 -14.42 39.14
C GLY B 266 1.76 -15.82 38.72
N LEU B 267 2.54 -16.82 39.17
CA LEU B 267 2.21 -18.23 38.94
C LEU B 267 1.36 -18.74 40.11
N ARG B 268 0.84 -19.97 40.00
CA ARG B 268 0.09 -20.57 41.09
C ARG B 268 1.09 -20.62 42.24
N PRO B 269 0.65 -20.37 43.47
CA PRO B 269 1.61 -20.16 44.57
C PRO B 269 2.36 -21.44 44.99
N THR B 270 1.88 -22.59 44.51
CA THR B 270 2.62 -23.83 44.65
C THR B 270 3.96 -23.77 43.89
N HIS B 271 4.06 -22.90 42.90
CA HIS B 271 5.18 -22.92 41.98
C HIS B 271 6.50 -22.46 42.64
N PRO B 272 7.61 -23.16 42.34
CA PRO B 272 8.92 -22.79 42.90
C PRO B 272 9.22 -21.29 42.83
N LEU B 273 8.87 -20.60 41.75
CA LEU B 273 9.18 -19.19 41.74
C LEU B 273 8.27 -18.36 42.71
N GLU B 274 7.15 -18.91 43.17
CA GLU B 274 6.30 -18.16 44.09
C GLU B 274 6.74 -18.35 45.54
N LYS B 275 7.05 -19.61 45.86
CA LYS B 275 7.62 -19.97 47.15
C LYS B 275 8.89 -19.17 47.39
N ALA B 276 9.68 -18.95 46.34
CA ALA B 276 10.98 -18.24 46.41
C ALA B 276 10.86 -16.71 46.54
N ALA B 277 9.67 -16.19 46.29
CA ALA B 277 9.47 -14.77 46.31
C ALA B 277 9.54 -14.12 47.71
N LYS B 278 10.16 -12.96 47.82
CA LYS B 278 10.20 -12.23 49.09
C LYS B 278 8.90 -11.47 49.33
N ASN B 279 8.37 -10.90 48.26
CA ASN B 279 7.28 -9.96 48.32
C ASN B 279 6.34 -10.25 47.21
N PRO B 280 5.77 -11.46 47.21
CA PRO B 280 5.10 -11.91 45.99
C PRO B 280 3.95 -10.95 45.61
N GLY B 281 4.09 -10.25 44.48
CA GLY B 281 2.99 -9.43 43.96
C GLY B 281 2.82 -8.09 44.64
N SER B 282 3.75 -7.69 45.49
CA SER B 282 3.58 -6.35 46.04
C SER B 282 4.03 -5.24 45.09
N ASP B 283 3.18 -4.24 44.99
CA ASP B 283 3.44 -2.99 44.29
C ASP B 283 3.83 -1.92 45.30
N ALA B 284 4.02 -2.33 46.55
CA ALA B 284 4.48 -1.45 47.63
C ALA B 284 5.64 -0.53 47.21
N SER B 285 5.63 0.70 47.77
CA SER B 285 6.73 1.60 47.57
C SER B 285 6.77 2.67 48.68
N GLU B 286 7.97 3.24 48.87
CA GLU B 286 8.22 4.29 49.87
C GLU B 286 8.99 5.48 49.24
N PRO B 287 8.77 6.71 49.77
CA PRO B 287 9.59 7.85 49.31
C PRO B 287 11.10 7.52 49.38
N MET B 288 11.91 8.19 48.56
CA MET B 288 13.34 7.90 48.42
C MET B 288 14.10 9.23 48.16
N SER B 289 15.23 9.46 48.83
CA SER B 289 16.00 10.73 48.61
C SER B 289 16.67 10.72 47.24
N PHE B 290 16.94 11.92 46.70
CA PHE B 290 17.60 12.02 45.40
C PHE B 290 18.93 11.28 45.39
N GLU B 291 19.68 11.46 46.46
CA GLU B 291 20.99 10.84 46.58
C GLU B 291 20.84 9.32 46.50
N ASP B 292 19.83 8.81 47.21
CA ASP B 292 19.52 7.39 47.20
C ASP B 292 19.29 6.89 45.77
N TYR B 293 18.41 7.58 45.05
CA TYR B 293 18.09 7.24 43.64
C TYR B 293 19.38 7.19 42.79
N LYS B 294 20.17 8.26 42.93
CA LYS B 294 21.48 8.48 42.26
C LYS B 294 22.44 7.29 42.50
N ALA B 295 22.50 6.85 43.74
CA ALA B 295 23.26 5.66 44.09
C ALA B 295 22.68 4.46 43.36
N PHE B 296 21.34 4.36 43.37
CA PHE B 296 20.62 3.18 42.85
C PHE B 296 20.95 2.93 41.38
N VAL B 297 20.89 3.99 40.59
CA VAL B 297 21.11 3.88 39.13
C VAL B 297 22.60 3.82 38.79
N ALA B 298 23.44 4.33 39.71
CA ALA B 298 24.91 4.25 39.63
C ALA B 298 25.35 2.80 39.45
N GLU B 299 24.54 1.89 39.99
CA GLU B 299 24.83 0.48 39.84
C GLU B 299 24.79 0.10 38.39
N TYR B 300 24.03 0.84 37.60
CA TYR B 300 23.84 0.49 36.19
C TYR B 300 24.85 1.20 35.27
N THR B 301 25.98 0.52 35.05
CA THR B 301 27.15 1.10 34.39
C THR B 301 27.21 0.69 32.92
N LEU B 302 27.65 1.62 32.08
CA LEU B 302 27.90 1.34 30.65
C LEU B 302 28.45 -0.08 30.42
N GLU B 303 29.49 -0.41 31.19
CA GLU B 303 30.23 -1.65 31.04
C GLU B 303 29.40 -2.91 31.38
N LYS B 304 28.57 -2.78 32.41
CA LYS B 304 27.68 -3.88 32.84
C LYS B 304 26.41 -3.96 32.00
N THR B 305 25.85 -2.79 31.65
CA THR B 305 24.71 -2.71 30.73
C THR B 305 25.08 -3.46 29.48
N ALA B 306 26.22 -3.06 28.90
CA ALA B 306 26.84 -3.73 27.74
C ALA B 306 26.98 -5.22 27.93
N GLU B 307 27.36 -5.66 29.12
CA GLU B 307 27.54 -7.10 29.34
C GLU B 307 26.21 -7.83 29.37
N MET B 308 25.28 -7.27 30.13
CA MET B 308 23.96 -7.86 30.33
C MET B 308 23.08 -7.84 29.04
N THR B 309 23.14 -6.73 28.29
CA THR B 309 22.34 -6.58 27.08
C THR B 309 22.95 -7.34 25.90
N GLY B 310 24.28 -7.45 25.91
CA GLY B 310 25.02 -7.97 24.79
C GLY B 310 25.02 -6.97 23.64
N VAL B 311 24.92 -5.68 23.96
CA VAL B 311 24.89 -4.66 22.92
C VAL B 311 26.09 -3.72 23.02
N PRO B 312 26.68 -3.35 21.86
CA PRO B 312 27.85 -2.46 21.86
C PRO B 312 27.65 -1.20 22.72
N LYS B 313 28.80 -0.63 23.10
CA LYS B 313 28.91 0.21 24.27
C LYS B 313 28.74 1.65 23.77
N ASP B 314 29.51 1.96 22.74
CA ASP B 314 29.04 2.50 21.48
C ASP B 314 27.55 2.92 21.41
N GLN B 315 26.73 2.00 20.91
CA GLN B 315 25.33 2.30 20.62
C GLN B 315 24.55 2.73 21.86
N LEU B 316 24.79 2.06 22.99
CA LEU B 316 24.20 2.46 24.26
C LEU B 316 24.35 3.94 24.56
N GLU B 317 25.54 4.48 24.27
CA GLU B 317 25.85 5.88 24.55
C GLU B 317 25.10 6.80 23.59
N GLN B 318 25.12 6.46 22.29
CA GLN B 318 24.40 7.25 21.28
C GLN B 318 22.95 7.35 21.74
N LEU B 319 22.40 6.19 22.11
CA LEU B 319 21.01 6.03 22.56
C LEU B 319 20.66 6.89 23.80
N ALA B 320 21.50 6.82 24.82
CA ALA B 320 21.27 7.56 26.04
C ALA B 320 21.46 9.05 25.78
N GLN B 321 22.28 9.34 24.78
CA GLN B 321 22.62 10.70 24.41
C GLN B 321 21.38 11.44 23.93
N LEU B 322 20.54 10.74 23.17
CA LEU B 322 19.20 11.27 22.77
C LEU B 322 18.35 11.79 23.93
N TYR B 323 18.30 11.02 25.01
CA TYR B 323 17.53 11.41 26.17
C TYR B 323 18.16 12.59 26.88
N ALA B 324 19.49 12.56 26.97
CA ALA B 324 20.25 13.56 27.75
C ALA B 324 20.17 14.96 27.15
N ASP B 325 20.25 15.01 25.82
CA ASP B 325 20.33 16.26 25.08
C ASP B 325 19.06 17.12 25.20
N PRO B 326 19.16 18.29 25.88
CA PRO B 326 17.95 19.12 26.13
C PRO B 326 17.27 19.73 24.90
N ASN B 327 17.85 19.52 23.72
CA ASN B 327 17.31 20.07 22.45
C ASN B 327 16.95 19.00 21.46
N LYS B 328 16.77 17.78 21.93
CA LYS B 328 16.16 16.79 21.09
C LYS B 328 14.77 16.46 21.67
N LYS B 329 13.71 16.80 20.94
CA LYS B 329 12.36 16.38 21.28
C LYS B 329 12.29 14.87 21.00
N VAL B 330 11.99 14.09 22.04
CA VAL B 330 12.05 12.63 21.93
C VAL B 330 10.70 11.98 22.09
N ILE B 331 10.40 11.07 21.18
CA ILE B 331 9.25 10.21 21.37
C ILE B 331 9.73 8.81 21.66
N SER B 332 9.27 8.26 22.77
CA SER B 332 9.53 6.86 23.07
C SER B 332 8.26 6.01 22.80
N TYR B 333 8.43 4.91 22.07
CA TYR B 333 7.31 4.08 21.70
C TYR B 333 7.55 2.70 22.27
N TRP B 334 6.48 2.15 22.86
CA TRP B 334 6.48 0.75 23.28
C TRP B 334 5.11 0.11 23.15
N THR B 335 5.13 -1.21 23.04
CA THR B 335 3.94 -1.99 22.84
C THR B 335 4.15 -3.21 23.72
N MET B 336 3.93 -4.40 23.18
CA MET B 336 3.96 -5.59 23.98
C MET B 336 5.30 -5.84 24.61
N GLY B 337 6.38 -5.43 23.93
CA GLY B 337 7.73 -5.68 24.40
C GLY B 337 7.86 -5.29 25.86
N PHE B 338 7.34 -4.11 26.18
CA PHE B 338 7.31 -3.66 27.55
C PHE B 338 6.18 -4.27 28.42
N ASN B 339 5.03 -4.55 27.79
CA ASN B 339 3.81 -4.88 28.53
C ASN B 339 3.66 -6.37 28.84
N GLN B 340 3.94 -7.22 27.85
CA GLN B 340 4.00 -8.68 28.02
C GLN B 340 5.39 -9.04 28.52
N HIS B 341 5.57 -9.01 29.83
CA HIS B 341 6.91 -8.89 30.42
C HIS B 341 6.71 -9.03 31.92
N THR B 342 7.53 -9.87 32.54
CA THR B 342 7.28 -10.25 33.92
C THR B 342 7.62 -9.09 34.85
N ARG B 343 8.29 -8.08 34.30
CA ARG B 343 8.51 -6.82 35.03
C ARG B 343 8.03 -5.64 34.18
N GLY B 344 6.99 -5.92 33.40
CA GLY B 344 6.31 -4.93 32.58
C GLY B 344 5.99 -3.57 33.21
N VAL B 345 5.36 -3.58 34.39
CA VAL B 345 4.91 -2.34 35.02
C VAL B 345 6.15 -1.54 35.39
N TRP B 346 7.23 -2.27 35.72
CA TRP B 346 8.51 -1.63 36.07
C TRP B 346 9.08 -1.01 34.79
N ALA B 347 9.11 -1.76 33.70
CA ALA B 347 9.56 -1.23 32.39
C ALA B 347 8.83 0.06 32.14
N ASN B 348 7.50 0.00 32.23
CA ASN B 348 6.66 1.16 31.97
C ASN B 348 7.07 2.32 32.89
N ASN B 349 7.19 2.03 34.18
CA ASN B 349 7.66 3.03 35.13
C ASN B 349 9.07 3.59 34.83
N LEU B 350 9.99 2.73 34.41
CA LEU B 350 11.38 3.14 34.18
C LEU B 350 11.53 4.07 32.97
N VAL B 351 10.92 3.67 31.85
CA VAL B 351 10.88 4.52 30.70
C VAL B 351 10.26 5.91 31.01
N TYR B 352 9.34 6.01 31.98
CA TYR B 352 8.83 7.35 32.38
C TYR B 352 9.88 8.21 33.10
N ASN B 353 10.72 7.56 33.91
CA ASN B 353 11.78 8.26 34.67
C ASN B 353 12.64 9.11 33.75
N LEU B 354 13.10 8.49 32.66
CA LEU B 354 13.94 9.09 31.63
C LEU B 354 13.28 10.36 31.14
N HIS B 355 11.99 10.29 30.82
CA HIS B 355 11.23 11.47 30.47
C HIS B 355 10.98 12.47 31.64
N LEU B 356 10.90 11.99 32.88
CA LEU B 356 10.65 12.89 34.01
C LEU B 356 11.94 13.53 34.52
N LEU B 357 13.05 12.82 34.39
CA LEU B 357 14.36 13.40 34.66
C LEU B 357 14.64 14.58 33.73
N THR B 358 14.25 14.43 32.46
CA THR B 358 14.61 15.40 31.44
C THR B 358 13.52 16.43 31.15
N GLY B 359 12.34 16.26 31.75
CA GLY B 359 11.18 17.12 31.47
C GLY B 359 10.63 17.06 30.05
N LYS B 360 10.99 16.02 29.30
CA LYS B 360 10.48 15.84 27.94
C LYS B 360 9.15 15.07 27.98
N ILE B 361 8.05 15.82 28.04
CA ILE B 361 6.72 15.24 28.20
C ILE B 361 5.62 16.28 27.87
N SER B 362 4.44 15.84 27.43
CA SER B 362 3.27 16.70 27.21
C SER B 362 3.54 17.92 26.30
N GLN B 363 4.46 17.75 25.36
CA GLN B 363 4.82 18.82 24.41
C GLN B 363 4.78 18.30 22.97
N PRO B 364 4.37 19.15 22.00
CA PRO B 364 4.42 18.77 20.60
C PRO B 364 5.80 18.21 20.23
N GLY B 365 5.84 16.95 19.79
CA GLY B 365 7.07 16.27 19.34
C GLY B 365 7.87 15.58 20.42
N CYS B 366 7.45 15.77 21.67
CA CYS B 366 8.24 15.41 22.85
C CYS B 366 7.44 14.64 23.94
N GLY B 367 7.73 13.35 24.13
CA GLY B 367 7.07 12.58 25.17
C GLY B 367 7.12 11.07 25.04
N PRO B 368 6.75 10.34 26.13
CA PRO B 368 6.58 8.88 26.13
C PRO B 368 5.19 8.46 25.65
N PHE B 369 5.14 7.47 24.76
CA PHE B 369 3.89 7.05 24.19
C PHE B 369 3.68 5.52 24.26
N SER B 370 2.95 5.09 25.30
CA SER B 370 2.50 3.71 25.33
C SER B 370 1.56 3.41 24.14
N LEU B 371 1.97 2.56 23.21
CA LEU B 371 1.07 2.23 22.08
C LEU B 371 0.03 1.20 22.50
N THR B 372 -1.22 1.36 22.04
CA THR B 372 -2.27 0.33 22.24
C THR B 372 -2.42 -0.58 21.04
N GLY B 373 -2.52 -1.89 21.24
CA GLY B 373 -2.68 -2.83 20.12
C GLY B 373 -4.10 -2.90 19.55
N GLN B 374 -5.08 -3.14 20.43
CA GLN B 374 -6.48 -3.24 20.05
C GLN B 374 -7.17 -1.88 19.75
N PRO B 375 -8.16 -1.90 18.82
CA PRO B 375 -8.87 -0.70 18.37
C PRO B 375 -9.63 0.00 19.47
N SER B 376 -10.11 -0.75 20.46
CA SER B 376 -10.77 -0.10 21.59
C SER B 376 -10.42 -0.70 22.95
N ALA B 377 -9.16 -1.09 23.12
CA ALA B 377 -8.63 -1.39 24.45
C ALA B 377 -8.63 -0.11 25.28
N CYS B 378 -8.11 0.98 24.74
CA CYS B 378 -8.32 2.27 25.39
C CYS B 378 -9.79 2.61 25.63
N GLY B 379 -10.57 2.77 24.56
CA GLY B 379 -11.91 3.36 24.68
C GLY B 379 -12.97 2.47 25.32
N THR B 380 -12.81 1.16 25.14
CA THR B 380 -13.71 0.25 25.78
C THR B 380 -13.08 -0.32 27.05
N ALA B 381 -12.10 -1.22 26.89
CA ALA B 381 -11.60 -2.02 28.02
C ALA B 381 -11.14 -1.12 29.16
N ARG B 382 -10.32 -0.16 28.80
CA ARG B 382 -9.70 0.74 29.76
C ARG B 382 -10.60 1.87 30.24
N GLU B 383 -11.29 2.57 29.35
CA GLU B 383 -12.06 3.73 29.84
C GLU B 383 -13.37 3.32 30.52
N VAL B 384 -14.05 2.30 29.97
CA VAL B 384 -15.25 1.81 30.63
C VAL B 384 -14.85 1.08 31.88
N GLY B 385 -13.75 0.35 31.84
CA GLY B 385 -13.28 -0.43 32.98
C GLY B 385 -13.79 -1.85 33.03
N THR B 386 -13.63 -2.60 31.94
CA THR B 386 -14.10 -3.98 31.91
C THR B 386 -13.05 -4.94 32.45
N PHE B 387 -12.64 -4.66 33.69
CA PHE B 387 -11.62 -5.42 34.39
C PHE B 387 -12.15 -5.78 35.77
N ALA B 388 -11.63 -6.88 36.33
CA ALA B 388 -12.06 -7.40 37.64
C ALA B 388 -11.98 -6.40 38.81
N HIS B 389 -11.20 -5.34 38.66
CA HIS B 389 -11.05 -4.39 39.77
C HIS B 389 -11.66 -3.04 39.50
N ARG B 390 -12.42 -2.95 38.41
CA ARG B 390 -12.71 -1.64 37.85
C ARG B 390 -14.15 -1.14 37.83
N LEU B 391 -14.28 0.19 37.89
CA LEU B 391 -15.52 0.89 37.64
C LEU B 391 -15.14 1.98 36.62
N PRO B 392 -16.10 2.62 35.91
CA PRO B 392 -15.72 3.63 34.89
C PRO B 392 -14.71 4.72 35.28
N ALA B 393 -14.13 5.40 34.28
CA ALA B 393 -13.33 6.62 34.50
C ALA B 393 -12.18 6.47 35.52
N ASP B 394 -11.43 5.37 35.38
CA ASP B 394 -10.29 5.07 36.25
C ASP B 394 -10.69 4.65 37.67
N MET B 395 -11.98 4.46 37.91
CA MET B 395 -12.47 4.12 39.26
C MET B 395 -12.21 2.66 39.60
N VAL B 396 -12.08 2.37 40.89
CA VAL B 396 -11.88 0.99 41.29
C VAL B 396 -12.98 0.53 42.24
N VAL B 397 -13.39 -0.74 42.09
CA VAL B 397 -14.46 -1.33 42.93
C VAL B 397 -14.06 -1.27 44.42
N THR B 398 -12.76 -1.15 44.64
CA THR B 398 -12.13 -1.23 45.92
C THR B 398 -12.30 0.06 46.70
N ASN B 399 -12.79 1.07 46.00
CA ASN B 399 -13.00 2.34 46.61
C ASN B 399 -14.48 2.61 46.87
N GLU B 400 -14.80 2.84 48.14
CA GLU B 400 -16.17 2.99 48.59
C GLU B 400 -16.88 4.26 48.08
N LYS B 401 -16.11 5.34 47.91
CA LYS B 401 -16.63 6.57 47.33
C LYS B 401 -16.95 6.35 45.85
N HIS B 402 -16.11 5.54 45.18
CA HIS B 402 -16.39 5.14 43.80
C HIS B 402 -17.65 4.31 43.68
N ARG B 403 -17.76 3.25 44.48
CA ARG B 403 -18.93 2.40 44.50
C ARG B 403 -20.21 3.20 44.72
N ASP B 404 -20.08 4.21 45.59
CA ASP B 404 -21.14 5.16 45.89
C ASP B 404 -21.64 5.91 44.69
N ILE B 405 -20.71 6.54 43.98
CA ILE B 405 -21.02 7.31 42.79
C ILE B 405 -21.77 6.43 41.80
N CYS B 406 -21.20 5.29 41.48
CA CYS B 406 -21.77 4.44 40.48
C CYS B 406 -23.15 3.92 40.89
N GLU B 407 -23.31 3.64 42.17
CA GLU B 407 -24.57 3.17 42.69
C GLU B 407 -25.60 4.28 42.64
N LYS B 408 -25.20 5.48 43.03
CA LYS B 408 -26.11 6.62 43.00
C LYS B 408 -26.54 6.88 41.58
N LYS B 409 -25.59 6.95 40.66
CA LYS B 409 -25.95 7.19 39.27
C LYS B 409 -26.80 6.08 38.68
N TRP B 410 -26.37 4.82 38.81
CA TRP B 410 -27.07 3.71 38.17
C TRP B 410 -28.46 3.41 38.76
N ASN B 411 -28.78 4.11 39.86
CA ASN B 411 -30.00 3.91 40.67
C ASN B 411 -30.22 2.50 41.20
N ILE B 412 -29.22 2.02 41.94
CA ILE B 412 -29.26 0.72 42.59
C ILE B 412 -29.00 0.87 44.11
N PRO B 413 -29.37 -0.15 44.93
CA PRO B 413 -29.15 -0.02 46.36
C PRO B 413 -27.72 0.36 46.78
N SER B 414 -27.62 1.14 47.86
CA SER B 414 -26.32 1.42 48.42
C SER B 414 -25.73 0.11 48.85
N GLY B 415 -24.57 -0.23 48.31
CA GLY B 415 -23.88 -1.46 48.66
C GLY B 415 -24.03 -2.62 47.66
N THR B 416 -24.71 -2.40 46.54
CA THR B 416 -24.89 -3.52 45.62
C THR B 416 -23.64 -3.95 44.86
N ILE B 417 -22.77 -3.02 44.47
CA ILE B 417 -21.54 -3.38 43.75
C ILE B 417 -20.57 -4.19 44.65
N PRO B 418 -20.05 -5.33 44.18
CA PRO B 418 -19.07 -6.03 45.04
C PRO B 418 -17.84 -5.18 45.37
N ALA B 419 -17.25 -5.38 46.55
CA ALA B 419 -16.05 -4.60 46.94
C ALA B 419 -14.77 -5.38 46.68
N LYS B 420 -14.88 -6.70 46.61
CA LYS B 420 -13.74 -7.57 46.42
C LYS B 420 -13.33 -7.75 44.94
N ILE B 421 -12.08 -7.40 44.63
CA ILE B 421 -11.49 -7.66 43.32
C ILE B 421 -11.85 -9.08 42.78
N GLY B 422 -12.40 -9.11 41.56
CA GLY B 422 -12.75 -10.33 40.88
C GLY B 422 -11.50 -11.02 40.34
N LEU B 423 -11.73 -12.02 39.50
CA LEU B 423 -10.68 -12.81 38.94
C LEU B 423 -10.21 -12.18 37.62
N HIS B 424 -8.90 -11.92 37.54
CA HIS B 424 -8.25 -11.56 36.25
C HIS B 424 -8.16 -12.75 35.25
N ALA B 425 -7.81 -12.48 34.00
CA ALA B 425 -7.72 -13.47 32.91
C ALA B 425 -7.07 -14.79 33.25
N VAL B 426 -5.83 -14.75 33.74
CA VAL B 426 -5.15 -15.99 34.03
C VAL B 426 -5.73 -16.63 35.30
N ALA B 427 -6.18 -15.79 36.23
CA ALA B 427 -6.90 -16.30 37.38
C ALA B 427 -8.19 -16.99 36.96
N GLN B 428 -8.92 -16.46 35.97
CA GLN B 428 -10.13 -17.17 35.45
C GLN B 428 -9.75 -18.54 34.90
N ASP B 429 -8.63 -18.64 34.16
CA ASP B 429 -8.05 -19.93 33.75
C ASP B 429 -7.83 -20.90 34.92
N ARG B 430 -7.31 -20.37 36.02
CA ARG B 430 -6.99 -21.24 37.16
C ARG B 430 -8.24 -21.71 37.87
N ALA B 431 -9.25 -20.83 37.94
CA ALA B 431 -10.55 -21.13 38.58
C ALA B 431 -11.39 -22.15 37.83
N LEU B 432 -11.35 -22.08 36.49
CA LEU B 432 -12.02 -23.04 35.62
C LEU B 432 -11.42 -24.42 35.87
N LYS B 433 -10.09 -24.47 35.85
CA LYS B 433 -9.32 -25.69 36.09
C LYS B 433 -9.73 -26.36 37.40
N ASP B 434 -9.94 -25.51 38.41
CA ASP B 434 -10.24 -25.92 39.78
C ASP B 434 -11.71 -26.20 40.08
N GLY B 435 -12.57 -25.99 39.09
CA GLY B 435 -14.01 -26.11 39.30
C GLY B 435 -14.57 -24.95 40.11
N LYS B 436 -13.73 -23.95 40.39
CA LYS B 436 -14.26 -22.82 41.11
C LYS B 436 -15.18 -21.95 40.26
N LEU B 437 -14.90 -21.84 38.95
CA LEU B 437 -15.68 -20.99 38.01
C LEU B 437 -16.48 -21.90 37.12
N ASN B 438 -17.81 -21.82 37.23
CA ASN B 438 -18.67 -22.82 36.61
C ASN B 438 -19.54 -22.31 35.45
N VAL B 439 -19.72 -20.99 35.36
CA VAL B 439 -20.36 -20.40 34.21
C VAL B 439 -19.52 -19.26 33.66
N TYR B 440 -19.26 -19.32 32.36
CA TYR B 440 -18.21 -18.54 31.78
C TYR B 440 -18.58 -18.16 30.37
N TRP B 441 -18.80 -16.88 30.17
CA TRP B 441 -19.26 -16.41 28.91
C TRP B 441 -18.20 -15.53 28.26
N THR B 442 -17.61 -16.03 27.18
CA THR B 442 -16.59 -15.31 26.45
C THR B 442 -17.15 -14.56 25.22
N MET B 443 -16.73 -13.31 25.07
CA MET B 443 -17.27 -12.45 24.03
C MET B 443 -16.20 -11.69 23.28
N CYS B 444 -16.18 -11.85 21.95
CA CYS B 444 -15.29 -11.07 21.10
C CYS B 444 -13.80 -11.37 21.36
N THR B 445 -13.55 -12.65 21.67
CA THR B 445 -12.25 -13.15 22.07
C THR B 445 -12.12 -14.61 21.59
N ASN B 446 -10.87 -15.03 21.38
CA ASN B 446 -10.57 -16.38 20.99
C ASN B 446 -9.50 -16.88 22.00
N ASN B 447 -9.91 -16.99 23.26
CA ASN B 447 -8.96 -17.20 24.34
C ASN B 447 -8.30 -18.54 24.33
N MET B 448 -8.88 -19.50 23.61
CA MET B 448 -8.29 -20.85 23.57
C MET B 448 -7.03 -20.85 22.68
N GLN B 449 -6.98 -19.95 21.71
CA GLN B 449 -5.79 -19.79 20.89
C GLN B 449 -4.89 -18.70 21.47
N ALA B 450 -5.49 -17.63 22.01
CA ALA B 450 -4.69 -16.47 22.44
C ALA B 450 -4.15 -16.51 23.88
N GLY B 451 -4.80 -17.25 24.77
CA GLY B 451 -4.36 -17.30 26.14
C GLY B 451 -3.19 -18.25 26.34
N PRO B 452 -2.30 -17.91 27.28
CA PRO B 452 -1.06 -18.66 27.48
C PRO B 452 -1.32 -20.07 27.99
N ASN B 453 -0.36 -20.95 27.77
CA ASN B 453 -0.34 -22.28 28.41
C ASN B 453 -1.60 -23.12 28.22
N ILE B 454 -2.08 -23.17 26.98
CA ILE B 454 -3.32 -23.81 26.63
C ILE B 454 -3.53 -25.13 27.37
N ASN B 455 -2.49 -25.98 27.43
CA ASN B 455 -2.60 -27.36 27.92
C ASN B 455 -2.92 -27.53 29.40
N GLU B 456 -2.42 -26.62 30.23
CA GLU B 456 -2.40 -26.81 31.68
C GLU B 456 -3.69 -26.41 32.38
N GLU B 457 -4.28 -25.31 31.95
CA GLU B 457 -5.38 -24.69 32.69
C GLU B 457 -6.64 -24.53 31.84
N ARG B 458 -6.56 -23.70 30.80
CA ARG B 458 -7.76 -23.40 29.95
C ARG B 458 -8.42 -24.63 29.32
N MET B 459 -7.69 -25.41 28.51
CA MET B 459 -8.25 -26.60 27.86
C MET B 459 -8.95 -27.63 28.78
N PRO B 460 -8.26 -28.09 29.84
CA PRO B 460 -8.96 -29.05 30.71
C PRO B 460 -10.13 -28.40 31.51
N GLY B 461 -9.96 -27.13 31.86
CA GLY B 461 -11.02 -26.36 32.55
C GLY B 461 -12.29 -26.12 31.74
N TRP B 462 -12.12 -25.62 30.53
CA TRP B 462 -13.22 -25.41 29.61
C TRP B 462 -13.94 -26.72 29.35
N ARG B 463 -13.18 -27.81 29.46
CA ARG B 463 -13.68 -29.13 29.10
C ARG B 463 -14.20 -29.91 30.31
N ASP B 464 -14.15 -29.27 31.47
CA ASP B 464 -14.50 -29.92 32.71
C ASP B 464 -16.01 -29.97 32.81
N PRO B 465 -16.58 -31.15 33.15
CA PRO B 465 -18.04 -31.30 33.22
C PRO B 465 -18.75 -30.49 34.32
N ARG B 466 -17.99 -29.79 35.15
CA ARG B 466 -18.58 -28.87 36.16
C ARG B 466 -18.81 -27.49 35.57
N ASN B 467 -18.31 -27.26 34.36
CA ASN B 467 -18.28 -25.93 33.79
C ASN B 467 -19.07 -25.86 32.53
N PHE B 468 -19.75 -24.73 32.37
CA PHE B 468 -20.52 -24.42 31.20
C PHE B 468 -19.92 -23.19 30.53
N ILE B 469 -19.45 -23.38 29.30
CA ILE B 469 -18.78 -22.33 28.50
C ILE B 469 -19.65 -21.81 27.34
N ILE B 470 -19.73 -20.48 27.24
CA ILE B 470 -20.47 -19.80 26.21
C ILE B 470 -19.50 -18.90 25.47
N VAL B 471 -19.42 -19.04 24.15
CA VAL B 471 -18.68 -18.07 23.37
C VAL B 471 -19.59 -17.48 22.34
N SER B 472 -19.47 -16.17 22.20
CA SER B 472 -20.13 -15.42 21.17
C SER B 472 -19.05 -15.03 20.15
N ASP B 473 -19.28 -15.40 18.91
CA ASP B 473 -18.31 -15.12 17.86
C ASP B 473 -19.06 -15.19 16.51
N PRO B 474 -18.62 -14.41 15.51
CA PRO B 474 -19.19 -14.61 14.17
C PRO B 474 -18.72 -15.91 13.55
N TYR B 475 -17.58 -16.43 13.98
CA TYR B 475 -17.00 -17.61 13.36
C TYR B 475 -16.71 -18.77 14.31
N PRO B 476 -16.62 -20.00 13.77
CA PRO B 476 -16.39 -21.20 14.55
C PRO B 476 -14.91 -21.42 14.85
N THR B 477 -14.42 -20.62 15.79
CA THR B 477 -13.02 -20.63 16.20
C THR B 477 -12.65 -21.91 16.94
N VAL B 478 -11.36 -21.99 17.27
CA VAL B 478 -10.87 -22.94 18.25
C VAL B 478 -11.62 -22.73 19.59
N SER B 479 -11.78 -21.47 20.03
CA SER B 479 -12.52 -21.23 21.29
C SER B 479 -13.97 -21.76 21.27
N ALA B 480 -14.67 -21.43 20.18
CA ALA B 480 -16.03 -21.89 19.95
C ALA B 480 -16.14 -23.41 19.90
N LEU B 481 -15.21 -24.06 19.22
CA LEU B 481 -15.24 -25.53 19.18
C LEU B 481 -15.11 -26.09 20.58
N ALA B 482 -14.33 -25.41 21.43
CA ALA B 482 -14.15 -25.85 22.82
C ALA B 482 -15.26 -25.41 23.77
N ALA B 483 -16.21 -24.59 23.29
CA ALA B 483 -17.28 -24.12 24.18
C ALA B 483 -18.38 -25.15 24.36
N ASP B 484 -19.48 -24.76 25.00
CA ASP B 484 -20.68 -25.62 25.11
C ASP B 484 -21.88 -24.94 24.45
N LEU B 485 -21.89 -23.61 24.47
CA LEU B 485 -22.87 -22.85 23.73
C LEU B 485 -22.13 -21.80 22.87
N ILE B 486 -22.43 -21.81 21.57
CA ILE B 486 -21.93 -20.80 20.63
C ILE B 486 -23.11 -19.91 20.26
N LEU B 487 -22.90 -18.60 20.32
CA LEU B 487 -23.93 -17.62 19.99
C LEU B 487 -23.44 -16.83 18.77
N PRO B 488 -24.24 -16.82 17.67
CA PRO B 488 -23.79 -16.25 16.41
C PRO B 488 -23.85 -14.76 16.51
N THR B 489 -22.75 -14.09 16.21
CA THR B 489 -22.65 -12.68 16.58
C THR B 489 -22.47 -11.66 15.43
N ALA B 490 -23.29 -10.62 15.45
CA ALA B 490 -23.09 -9.42 14.61
C ALA B 490 -21.73 -8.76 14.87
N MET B 491 -21.06 -8.30 13.80
CA MET B 491 -19.71 -7.76 13.92
C MET B 491 -19.50 -6.44 13.18
N TRP B 492 -18.48 -5.70 13.61
CA TRP B 492 -18.08 -4.43 12.99
C TRP B 492 -19.25 -3.57 12.50
N VAL B 493 -19.41 -3.47 11.18
CA VAL B 493 -20.24 -2.44 10.57
C VAL B 493 -21.71 -3.00 10.41
N GLU B 494 -21.89 -4.26 10.84
CA GLU B 494 -23.19 -4.85 11.09
C GLU B 494 -23.91 -4.24 12.31
N LYS B 495 -23.33 -3.20 12.94
CA LYS B 495 -23.89 -2.54 14.11
C LYS B 495 -23.34 -1.13 14.33
N GLU B 496 -24.09 -0.34 15.12
CA GLU B 496 -23.65 0.99 15.54
C GLU B 496 -22.60 0.80 16.57
N GLY B 497 -21.49 1.52 16.38
CA GLY B 497 -20.25 1.23 17.07
C GLY B 497 -19.53 2.45 17.56
N ALA B 498 -18.48 2.19 18.32
CA ALA B 498 -17.59 3.22 18.83
C ALA B 498 -16.32 2.55 19.32
N TYR B 499 -15.19 3.12 18.90
CA TYR B 499 -13.89 2.57 19.22
C TYR B 499 -13.04 3.73 19.71
N GLY B 500 -12.14 3.48 20.67
CA GLY B 500 -11.26 4.55 21.15
C GLY B 500 -9.82 4.18 20.94
N ASN B 501 -9.06 5.01 20.23
CA ASN B 501 -7.73 4.57 19.80
C ASN B 501 -6.63 4.91 20.80
N ALA B 502 -5.36 4.67 20.45
CA ALA B 502 -4.21 4.83 21.37
C ALA B 502 -3.92 6.28 21.80
N GLU B 503 -4.33 7.22 20.97
CA GLU B 503 -4.13 8.63 21.25
C GLU B 503 -5.43 9.29 21.73
N ARG B 504 -6.30 8.52 22.37
CA ARG B 504 -7.48 9.06 23.06
C ARG B 504 -8.61 9.45 22.12
N ARG B 505 -8.56 9.02 20.87
CA ARG B 505 -9.49 9.49 19.86
C ARG B 505 -10.67 8.54 19.78
N THR B 506 -11.85 9.03 20.16
CA THR B 506 -13.06 8.23 20.08
C THR B 506 -13.61 8.37 18.68
N GLN B 507 -13.96 7.26 18.03
CA GLN B 507 -14.50 7.27 16.68
C GLN B 507 -15.74 6.42 16.58
N PHE B 508 -16.87 7.07 16.25
CA PHE B 508 -18.14 6.40 16.08
C PHE B 508 -18.21 5.86 14.68
N TRP B 509 -19.11 4.89 14.49
CA TRP B 509 -19.60 4.48 13.18
C TRP B 509 -21.10 4.09 13.22
N ARG B 510 -21.85 4.44 12.17
CA ARG B 510 -23.25 4.06 12.08
C ARG B 510 -23.38 2.63 11.55
N GLN B 511 -24.51 1.94 11.78
CA GLN B 511 -24.73 0.62 11.19
C GLN B 511 -24.90 0.79 9.70
N GLN B 512 -24.22 -0.02 8.90
CA GLN B 512 -24.27 0.15 7.43
C GLN B 512 -24.93 -0.99 6.71
N VAL B 513 -24.79 -2.20 7.28
CA VAL B 513 -25.38 -3.42 6.76
C VAL B 513 -26.01 -4.18 7.92
N GLN B 514 -26.54 -5.37 7.61
CA GLN B 514 -27.16 -6.25 8.60
C GLN B 514 -26.56 -7.64 8.60
N ALA B 515 -26.55 -8.26 9.79
CA ALA B 515 -25.84 -9.52 10.03
C ALA B 515 -26.56 -10.62 9.33
N PRO B 516 -25.85 -11.67 8.89
CA PRO B 516 -26.49 -12.88 8.36
C PRO B 516 -27.42 -13.58 9.37
N GLY B 517 -28.39 -14.32 8.86
CA GLY B 517 -29.18 -15.23 9.67
C GLY B 517 -29.67 -14.59 10.95
N GLU B 518 -29.60 -15.34 12.03
CA GLU B 518 -29.98 -14.77 13.30
C GLU B 518 -28.80 -14.19 14.06
N ALA B 519 -27.67 -13.86 13.40
CA ALA B 519 -26.55 -13.24 14.14
C ALA B 519 -27.04 -12.01 14.87
N LYS B 520 -26.58 -11.83 16.10
CA LYS B 520 -26.97 -10.70 16.92
C LYS B 520 -25.72 -10.09 17.53
N SER B 521 -25.80 -8.80 17.87
CA SER B 521 -24.65 -8.11 18.37
C SER B 521 -24.44 -8.38 19.86
N ASP B 522 -23.19 -8.26 20.29
CA ASP B 522 -22.85 -8.43 21.69
C ASP B 522 -23.77 -7.58 22.56
N LEU B 523 -24.05 -6.34 22.15
CA LEU B 523 -24.96 -5.49 22.93
C LEU B 523 -26.36 -6.11 23.04
N TRP B 524 -26.87 -6.62 21.94
CA TRP B 524 -28.16 -7.27 21.94
C TRP B 524 -28.16 -8.49 22.86
N GLN B 525 -27.19 -9.37 22.68
CA GLN B 525 -27.00 -10.49 23.59
C GLN B 525 -27.04 -10.09 25.07
N LEU B 526 -26.25 -9.11 25.45
CA LEU B 526 -26.14 -8.75 26.84
C LEU B 526 -27.40 -8.11 27.37
N VAL B 527 -28.00 -7.22 26.59
CA VAL B 527 -29.21 -6.56 27.04
C VAL B 527 -30.44 -7.49 27.01
N GLN B 528 -30.60 -8.28 25.95
CA GLN B 528 -31.71 -9.23 25.96
C GLN B 528 -31.58 -10.16 27.13
N PHE B 529 -30.38 -10.66 27.41
CA PHE B 529 -30.23 -11.66 28.48
C PHE B 529 -30.64 -11.09 29.81
N SER B 530 -30.43 -9.78 29.98
CA SER B 530 -30.70 -9.16 31.25
C SER B 530 -32.16 -9.30 31.68
N ARG B 531 -33.05 -9.43 30.72
CA ARG B 531 -34.45 -9.48 31.05
C ARG B 531 -34.87 -10.85 31.66
N ARG B 532 -33.97 -11.83 31.65
CA ARG B 532 -34.23 -13.14 32.20
C ARG B 532 -34.10 -13.16 33.72
N PHE B 533 -33.80 -12.00 34.30
CA PHE B 533 -33.50 -11.91 35.72
C PHE B 533 -34.30 -10.87 36.49
N LYS B 534 -35.01 -11.35 37.51
CA LYS B 534 -35.65 -10.50 38.50
C LYS B 534 -34.59 -10.01 39.50
N THR B 535 -34.81 -8.84 40.11
CA THR B 535 -33.92 -8.38 41.17
C THR B 535 -33.92 -9.28 42.42
N GLU B 536 -35.09 -9.77 42.84
CA GLU B 536 -35.17 -10.81 43.91
C GLU B 536 -34.27 -12.00 43.60
N GLU B 537 -33.94 -12.22 42.34
CA GLU B 537 -33.15 -13.39 41.99
C GLU B 537 -31.63 -13.17 42.02
N VAL B 538 -31.20 -11.91 42.09
CA VAL B 538 -29.78 -11.57 42.00
C VAL B 538 -29.26 -10.77 43.16
N TRP B 539 -30.11 -9.95 43.76
CA TRP B 539 -29.75 -9.12 44.92
C TRP B 539 -30.31 -9.70 46.23
N PRO B 540 -29.49 -9.80 47.29
CA PRO B 540 -30.03 -10.16 48.61
C PRO B 540 -31.14 -9.21 49.11
N GLU B 541 -32.18 -9.80 49.70
CA GLU B 541 -33.33 -9.10 50.31
C GLU B 541 -33.04 -7.76 50.99
N ASP B 542 -31.96 -7.72 51.76
CA ASP B 542 -31.66 -6.55 52.59
C ASP B 542 -31.03 -5.41 51.77
N LEU B 543 -30.62 -5.71 50.54
CA LEU B 543 -30.34 -4.68 49.55
C LEU B 543 -31.62 -4.21 48.85
N LEU B 544 -32.53 -5.14 48.53
CA LEU B 544 -33.82 -4.74 47.97
C LEU B 544 -34.54 -3.84 48.95
N ALA B 545 -34.43 -4.20 50.23
CA ALA B 545 -35.14 -3.53 51.31
C ALA B 545 -34.76 -2.05 51.39
N LYS B 546 -33.69 -1.65 50.71
CA LYS B 546 -33.26 -0.27 50.74
C LYS B 546 -34.01 0.54 49.71
N LYS B 547 -34.51 -0.16 48.68
CA LYS B 547 -35.24 0.48 47.59
C LYS B 547 -36.28 -0.52 47.14
N PRO B 548 -37.40 -0.64 47.89
CA PRO B 548 -38.42 -1.64 47.55
C PRO B 548 -39.07 -1.39 46.20
N GLU B 549 -38.86 -0.21 45.63
CA GLU B 549 -39.46 0.15 44.33
C GLU B 549 -38.84 -0.62 43.17
N LEU B 550 -37.67 -1.19 43.42
CA LEU B 550 -37.02 -2.01 42.45
C LEU B 550 -37.40 -3.49 42.57
N ARG B 551 -38.43 -3.81 43.36
CA ARG B 551 -38.85 -5.21 43.52
C ARG B 551 -39.67 -5.70 42.32
N GLY B 552 -39.43 -6.95 41.94
CA GLY B 552 -40.11 -7.61 40.83
C GLY B 552 -39.73 -6.99 39.51
N LYS B 553 -38.57 -6.36 39.48
CA LYS B 553 -38.08 -5.71 38.28
C LYS B 553 -36.97 -6.58 37.67
N THR B 554 -36.83 -6.48 36.36
CA THR B 554 -35.80 -7.25 35.68
C THR B 554 -34.54 -6.43 35.55
N LEU B 555 -33.42 -7.14 35.37
CA LEU B 555 -32.14 -6.47 35.15
C LEU B 555 -32.23 -5.57 33.92
N TYR B 556 -32.95 -6.04 32.90
CA TYR B 556 -33.32 -5.15 31.81
C TYR B 556 -33.86 -3.77 32.28
N GLU B 557 -34.94 -3.73 33.06
CA GLU B 557 -35.62 -2.47 33.41
C GLU B 557 -34.73 -1.63 34.28
N VAL B 558 -33.98 -2.31 35.12
CA VAL B 558 -33.12 -1.69 36.14
C VAL B 558 -31.76 -1.14 35.59
N LEU B 559 -31.13 -1.84 34.65
CA LEU B 559 -29.84 -1.37 34.09
C LEU B 559 -29.90 -0.60 32.74
N TYR B 560 -30.87 -1.00 31.91
CA TYR B 560 -30.92 -0.59 30.50
C TYR B 560 -32.13 0.17 30.02
N ALA B 561 -33.26 -0.02 30.68
CA ALA B 561 -34.49 0.64 30.22
C ALA B 561 -35.00 1.66 31.22
N THR B 562 -34.13 2.18 32.08
CA THR B 562 -34.56 3.13 33.08
C THR B 562 -34.99 4.43 32.40
N PRO B 563 -35.67 5.32 33.11
CA PRO B 563 -35.92 6.59 32.41
C PRO B 563 -34.68 7.23 31.74
N GLU B 564 -33.53 7.26 32.43
CA GLU B 564 -32.29 7.88 31.93
C GLU B 564 -31.65 7.20 30.70
N VAL B 565 -31.47 5.90 30.75
CA VAL B 565 -30.90 5.27 29.59
C VAL B 565 -31.85 5.29 28.38
N SER B 566 -33.14 5.36 28.65
CA SER B 566 -34.14 5.42 27.58
C SER B 566 -34.63 6.85 27.27
N LYS B 567 -33.89 7.88 27.72
CA LYS B 567 -34.27 9.27 27.48
C LYS B 567 -34.50 9.48 26.01
N PHE B 568 -33.69 8.85 25.17
CA PHE B 568 -33.52 9.31 23.79
C PHE B 568 -34.38 8.56 22.76
N PRO B 569 -35.34 9.29 22.13
CA PRO B 569 -36.35 8.65 21.24
C PRO B 569 -35.70 8.09 19.97
N VAL B 570 -36.26 7.00 19.43
CA VAL B 570 -35.81 6.46 18.12
C VAL B 570 -35.94 7.45 16.94
N SER B 571 -36.83 8.42 17.06
CA SER B 571 -37.06 9.44 16.02
C SER B 571 -35.78 10.20 15.68
N GLU B 572 -34.89 10.26 16.67
CA GLU B 572 -33.58 10.94 16.53
C GLU B 572 -32.73 10.35 15.42
N LEU B 573 -32.94 9.08 15.12
CA LEU B 573 -32.27 8.46 14.00
C LEU B 573 -32.85 9.01 12.68
N ALA B 574 -31.99 9.08 11.67
CA ALA B 574 -32.39 9.23 10.27
C ALA B 574 -33.39 8.13 9.90
N GLU B 575 -34.35 8.51 9.06
CA GLU B 575 -35.39 7.60 8.60
C GLU B 575 -34.81 6.33 7.94
N ASP B 576 -33.65 6.43 7.28
CA ASP B 576 -33.15 5.28 6.58
C ASP B 576 -32.01 4.56 7.32
N GLN B 577 -31.57 5.14 8.43
CA GLN B 577 -30.48 4.57 9.24
C GLN B 577 -30.84 3.22 9.87
N LEU B 578 -29.91 2.26 9.77
CA LEU B 578 -30.05 1.01 10.49
C LEU B 578 -29.69 1.23 11.97
N ASN B 579 -30.38 0.47 12.82
CA ASN B 579 -30.03 0.33 14.23
C ASN B 579 -30.89 -0.77 14.83
N ASP B 580 -30.49 -2.01 14.59
CA ASP B 580 -31.31 -3.14 14.95
C ASP B 580 -31.74 -3.15 16.43
N GLU B 581 -30.76 -3.07 17.33
CA GLU B 581 -31.02 -3.08 18.78
C GLU B 581 -31.95 -1.97 19.19
N SER B 582 -31.61 -0.73 18.80
CA SER B 582 -32.39 0.42 19.18
C SER B 582 -33.76 0.33 18.55
N ARG B 583 -33.83 -0.04 17.26
CA ARG B 583 -35.12 -0.06 16.56
C ARG B 583 -36.00 -1.12 17.15
N GLU B 584 -35.38 -2.18 17.67
CA GLU B 584 -36.15 -3.24 18.29
C GLU B 584 -36.67 -2.76 19.65
N LEU B 585 -35.79 -2.19 20.48
CA LEU B 585 -36.16 -1.89 21.87
C LEU B 585 -36.93 -0.60 22.00
N GLY B 586 -36.98 0.20 20.94
CA GLY B 586 -37.83 1.37 20.97
C GLY B 586 -37.23 2.65 21.53
N PHE B 587 -35.92 2.68 21.77
CA PHE B 587 -35.25 3.92 22.13
C PHE B 587 -33.79 3.84 21.73
N TYR B 588 -33.16 4.98 21.50
CA TYR B 588 -31.77 4.99 21.10
C TYR B 588 -30.91 4.43 22.25
N LEU B 589 -30.84 3.10 22.35
CA LEU B 589 -30.01 2.45 23.39
C LEU B 589 -28.54 2.95 23.43
N GLN B 590 -27.85 2.90 22.30
CA GLN B 590 -26.43 3.28 22.24
C GLN B 590 -26.14 4.66 22.84
N LYS B 591 -26.98 5.63 22.53
CA LYS B 591 -26.87 6.98 23.07
C LYS B 591 -27.18 7.11 24.58
N GLY B 592 -28.19 6.39 25.06
CA GLY B 592 -28.60 6.55 26.44
C GLY B 592 -27.49 5.99 27.30
N LEU B 593 -27.00 4.82 26.93
CA LEU B 593 -25.84 4.21 27.57
C LEU B 593 -24.62 5.12 27.52
N PHE B 594 -24.33 5.67 26.35
CA PHE B 594 -23.15 6.47 26.21
C PHE B 594 -23.23 7.73 27.05
N GLU B 595 -24.42 8.32 27.15
CA GLU B 595 -24.57 9.56 27.94
C GLU B 595 -24.58 9.34 29.45
N GLU B 596 -25.15 8.23 29.90
CA GLU B 596 -25.01 7.83 31.30
C GLU B 596 -23.51 7.59 31.64
N TYR B 597 -22.84 6.76 30.84
CA TYR B 597 -21.42 6.46 31.05
C TYR B 597 -20.55 7.70 31.00
N ALA B 598 -20.76 8.52 29.98
CA ALA B 598 -19.91 9.69 29.77
C ALA B 598 -19.92 10.57 31.00
N TRP B 599 -21.07 10.57 31.69
CA TRP B 599 -21.30 11.41 32.85
C TRP B 599 -20.19 11.29 33.90
N PHE B 600 -19.55 10.12 33.91
CA PHE B 600 -18.54 9.80 34.91
C PHE B 600 -17.25 10.58 34.78
N GLY B 601 -16.71 10.67 33.57
CA GLY B 601 -15.43 11.31 33.34
C GLY B 601 -15.52 12.80 33.05
N ARG B 602 -16.72 13.28 32.72
CA ARG B 602 -16.91 14.68 32.41
C ARG B 602 -16.71 15.51 33.70
N GLY B 603 -15.80 16.48 33.63
CA GLY B 603 -15.42 17.24 34.82
C GLY B 603 -14.45 16.50 35.72
N HIS B 604 -14.01 15.31 35.31
CA HIS B 604 -13.00 14.58 36.06
C HIS B 604 -11.84 14.16 35.17
N GLY B 605 -11.50 15.00 34.20
CA GLY B 605 -10.32 14.79 33.36
C GLY B 605 -10.43 13.79 32.22
N HIS B 606 -11.56 13.11 32.13
CA HIS B 606 -11.75 12.04 31.15
C HIS B 606 -12.79 12.41 30.09
N ASP B 607 -13.07 13.70 29.97
CA ASP B 607 -14.21 14.24 29.25
C ASP B 607 -14.44 13.77 27.83
N LEU B 608 -15.48 12.97 27.66
CA LEU B 608 -15.99 12.67 26.34
C LEU B 608 -16.94 13.75 25.84
N ALA B 609 -16.87 14.01 24.54
CA ALA B 609 -17.71 14.96 23.86
C ALA B 609 -19.18 14.53 23.92
N PRO B 610 -20.11 15.47 23.69
CA PRO B 610 -21.49 15.00 23.60
C PRO B 610 -21.62 13.92 22.53
N PHE B 611 -22.40 12.88 22.82
CA PHE B 611 -22.60 11.74 21.91
C PHE B 611 -22.63 12.16 20.42
N ASP B 612 -23.50 13.12 20.10
CA ASP B 612 -23.83 13.44 18.72
C ASP B 612 -22.62 13.94 17.94
N ASP B 613 -21.65 14.48 18.65
CA ASP B 613 -20.56 15.14 17.97
C ASP B 613 -19.70 14.14 17.26
N TYR B 614 -19.52 12.96 17.85
CA TYR B 614 -18.69 11.93 17.25
C TYR B 614 -19.27 11.40 15.96
N HIS B 615 -20.58 11.41 15.83
CA HIS B 615 -21.23 11.01 14.58
C HIS B 615 -21.08 12.05 13.45
N LYS B 616 -20.62 13.26 13.79
CA LYS B 616 -20.20 14.27 12.82
C LYS B 616 -18.68 14.25 12.58
N ALA B 617 -17.89 14.22 13.66
CA ALA B 617 -16.43 14.31 13.58
C ALA B 617 -15.74 13.01 13.11
N ARG B 618 -14.52 13.16 12.60
CA ARG B 618 -13.63 12.00 12.40
C ARG B 618 -12.84 11.69 13.68
N GLY B 619 -13.59 11.58 14.78
CA GLY B 619 -13.03 11.36 16.09
C GLY B 619 -12.74 12.64 16.80
N LEU B 620 -12.65 12.56 18.12
CA LEU B 620 -12.10 13.60 18.92
C LEU B 620 -11.43 12.92 20.11
N ARG B 621 -10.28 13.47 20.49
CA ARG B 621 -9.48 13.00 21.61
C ARG B 621 -9.88 13.74 22.90
N TRP B 622 -10.21 12.96 23.91
CA TRP B 622 -10.60 13.49 25.19
C TRP B 622 -9.37 13.97 25.93
N PRO B 623 -9.54 14.85 26.93
CA PRO B 623 -10.78 15.52 27.33
C PRO B 623 -11.26 16.53 26.29
N VAL B 624 -12.53 16.45 25.95
CA VAL B 624 -13.17 17.37 25.03
C VAL B 624 -13.95 18.32 25.91
N VAL B 625 -13.51 19.56 25.98
CA VAL B 625 -14.08 20.55 26.88
C VAL B 625 -14.46 21.78 26.07
N ASN B 626 -15.72 22.18 26.18
CA ASN B 626 -16.22 23.30 25.42
C ASN B 626 -15.87 23.17 23.95
N GLY B 627 -16.18 22.03 23.35
CA GLY B 627 -16.00 21.85 21.90
C GLY B 627 -14.55 21.70 21.43
N LYS B 628 -13.61 21.80 22.33
CA LYS B 628 -12.18 21.68 21.99
C LYS B 628 -11.57 20.39 22.48
N GLU B 629 -11.10 19.57 21.57
CA GLU B 629 -10.39 18.33 21.87
C GLU B 629 -9.02 18.66 22.47
N THR B 630 -8.42 17.71 23.19
CA THR B 630 -7.10 17.93 23.82
C THR B 630 -6.03 17.07 23.15
N GLN B 631 -4.99 17.70 22.67
CA GLN B 631 -3.86 16.99 22.09
C GLN B 631 -2.83 16.55 23.15
N TRP B 632 -2.49 17.47 24.05
CA TRP B 632 -1.48 17.20 25.09
C TRP B 632 -2.01 17.49 26.47
N ARG B 633 -1.88 16.48 27.34
CA ARG B 633 -2.41 16.58 28.68
C ARG B 633 -1.32 17.02 29.65
N TYR B 634 -1.75 17.64 30.74
CA TYR B 634 -0.89 17.96 31.89
C TYR B 634 -0.03 19.22 31.70
N SER B 635 -0.05 19.83 30.50
CA SER B 635 0.81 21.00 30.24
C SER B 635 0.06 22.31 29.94
N GLU B 636 0.44 23.38 30.64
CA GLU B 636 -0.28 24.67 30.55
C GLU B 636 -0.59 25.13 29.12
N GLY B 637 -1.84 25.52 28.90
CA GLY B 637 -2.31 25.92 27.58
C GLY B 637 -2.93 24.81 26.74
N ASN B 638 -2.40 23.60 26.82
CA ASN B 638 -2.91 22.50 26.00
C ASN B 638 -4.06 21.76 26.68
N ASP B 639 -4.03 21.75 27.99
CA ASP B 639 -5.00 21.03 28.79
C ASP B 639 -5.78 22.07 29.61
N PRO B 640 -7.14 22.10 29.46
CA PRO B 640 -7.94 23.07 30.23
C PRO B 640 -8.01 22.73 31.71
N TYR B 641 -7.32 21.67 32.13
CA TYR B 641 -7.22 21.33 33.53
C TYR B 641 -5.98 21.93 34.18
N VAL B 642 -4.95 22.21 33.38
CA VAL B 642 -3.80 22.93 33.93
C VAL B 642 -4.12 24.43 33.95
N LYS B 643 -3.81 25.06 35.08
CA LYS B 643 -4.25 26.41 35.38
C LYS B 643 -3.24 27.49 35.00
N ALA B 644 -3.71 28.74 35.17
CA ALA B 644 -2.89 29.94 35.37
C ALA B 644 -1.50 29.64 35.95
N GLY B 645 -0.48 29.69 35.09
CA GLY B 645 0.94 29.65 35.52
C GLY B 645 1.48 28.43 36.26
N GLU B 646 1.00 27.23 35.92
CA GLU B 646 1.43 26.03 36.61
C GLU B 646 2.50 25.29 35.85
N GLY B 647 2.63 25.63 34.56
CA GLY B 647 3.56 24.96 33.65
C GLY B 647 3.13 23.53 33.37
N TYR B 648 3.06 22.73 34.43
CA TYR B 648 2.62 21.36 34.37
C TYR B 648 1.74 21.04 35.58
N LYS B 649 0.66 20.30 35.35
CA LYS B 649 -0.01 19.66 36.46
C LYS B 649 -0.41 18.22 36.18
N PHE B 650 0.16 17.30 36.96
CA PHE B 650 -0.23 15.90 36.89
C PHE B 650 -1.33 15.64 37.92
N TYR B 651 -2.53 16.15 37.60
CA TYR B 651 -3.68 16.15 38.52
C TYR B 651 -4.27 14.75 38.72
N GLY B 652 -3.54 13.73 38.29
CA GLY B 652 -3.90 12.38 38.63
C GLY B 652 -3.55 12.20 40.08
N LYS B 653 -2.40 12.75 40.47
CA LYS B 653 -1.91 12.68 41.85
C LYS B 653 -2.40 13.85 42.70
N PRO B 654 -2.76 13.58 43.96
CA PRO B 654 -3.36 14.61 44.86
C PRO B 654 -2.57 15.90 44.87
N ASP B 655 -1.26 15.80 44.66
CA ASP B 655 -0.35 16.95 44.74
C ASP B 655 0.19 17.40 43.39
N GLY B 656 -0.47 17.00 42.30
CA GLY B 656 -0.03 17.41 40.97
C GLY B 656 1.35 16.97 40.52
N LYS B 657 1.98 16.01 41.19
CA LYS B 657 3.30 15.56 40.73
C LYS B 657 3.32 14.15 40.20
N ALA B 658 4.09 13.94 39.13
CA ALA B 658 4.33 12.61 38.59
C ALA B 658 5.38 11.91 39.46
N VAL B 659 5.46 10.58 39.39
CA VAL B 659 6.31 9.84 40.28
C VAL B 659 7.34 9.01 39.53
N ILE B 660 8.62 9.19 39.89
CA ILE B 660 9.73 8.32 39.43
C ILE B 660 9.91 7.18 40.41
N PHE B 661 10.04 5.94 39.90
CA PHE B 661 10.21 4.76 40.75
C PHE B 661 11.56 4.14 40.54
N ALA B 662 12.33 3.96 41.60
CA ALA B 662 13.61 3.28 41.41
C ALA B 662 13.34 1.80 41.45
N LEU B 663 13.62 1.10 40.36
CA LEU B 663 13.24 -0.30 40.24
C LEU B 663 14.32 -1.09 39.52
N PRO B 664 14.69 -2.24 40.05
CA PRO B 664 15.86 -2.89 39.48
C PRO B 664 15.50 -3.81 38.33
N PHE B 665 16.52 -4.37 37.69
CA PHE B 665 16.42 -5.53 36.81
C PHE B 665 16.18 -6.77 37.63
N GLU B 666 15.29 -7.63 37.14
CA GLU B 666 15.07 -8.96 37.75
C GLU B 666 14.85 -9.90 36.59
N PRO B 667 15.24 -11.18 36.71
CA PRO B 667 15.31 -11.94 35.47
C PRO B 667 13.95 -12.47 35.00
N ALA B 668 13.93 -12.93 33.75
CA ALA B 668 12.78 -13.63 33.19
C ALA B 668 12.35 -14.76 34.09
N ALA B 669 11.06 -15.05 34.10
CA ALA B 669 10.55 -16.24 34.78
C ALA B 669 11.18 -17.56 34.29
N GLU B 670 11.59 -17.58 33.01
CA GLU B 670 12.14 -18.79 32.43
C GLU B 670 13.10 -18.45 31.29
N ALA B 671 14.39 -18.30 31.62
CA ALA B 671 15.48 -18.23 30.67
C ALA B 671 15.86 -19.62 30.04
N PRO B 672 16.58 -19.62 28.91
CA PRO B 672 16.95 -20.95 28.41
C PRO B 672 17.98 -21.65 29.31
N ASP B 673 17.80 -22.96 29.49
CA ASP B 673 18.82 -23.74 30.12
C ASP B 673 19.46 -24.59 29.04
N GLU B 674 19.71 -25.86 29.32
CA GLU B 674 20.59 -26.66 28.47
C GLU B 674 19.82 -27.77 27.74
N GLU B 675 18.77 -28.27 28.37
CA GLU B 675 17.79 -29.08 27.68
C GLU B 675 17.06 -28.16 26.69
N TYR B 676 16.41 -27.13 27.22
CA TYR B 676 15.63 -26.15 26.43
C TYR B 676 16.52 -24.97 26.10
N ASP B 677 17.32 -25.17 25.06
CA ASP B 677 18.50 -24.33 24.77
C ASP B 677 18.26 -23.00 24.05
N LEU B 678 16.99 -22.67 23.82
CA LEU B 678 16.62 -21.48 23.04
C LEU B 678 15.54 -20.63 23.67
N TRP B 679 15.74 -19.32 23.56
CA TRP B 679 14.69 -18.32 23.75
C TRP B 679 13.60 -18.45 22.66
N LEU B 680 12.33 -18.45 23.10
CA LEU B 680 11.12 -18.23 22.25
C LEU B 680 10.51 -16.86 22.50
N SER B 681 10.37 -16.09 21.43
CA SER B 681 9.51 -14.93 21.46
C SER B 681 8.31 -15.25 20.56
N THR B 682 7.20 -14.55 20.76
CA THR B 682 6.02 -14.78 19.95
C THR B 682 5.39 -13.42 19.64
N GLY B 683 4.41 -13.42 18.76
CA GLY B 683 3.69 -12.20 18.40
C GLY B 683 2.99 -12.30 17.06
N ARG B 684 3.11 -11.22 16.30
CA ARG B 684 2.30 -10.98 15.12
C ARG B 684 3.12 -10.80 13.81
N VAL B 685 2.36 -10.73 12.73
CA VAL B 685 2.87 -10.61 11.38
C VAL B 685 1.92 -9.62 10.64
N LEU B 686 2.47 -8.81 9.73
CA LEU B 686 1.69 -7.82 8.95
C LEU B 686 0.33 -8.29 8.51
N GLU B 687 0.30 -9.44 7.88
CA GLU B 687 -0.90 -9.82 7.15
C GLU B 687 -2.04 -10.46 7.98
N HIS B 688 -1.79 -10.70 9.27
CA HIS B 688 -2.80 -11.35 10.13
C HIS B 688 -3.11 -10.63 11.45
N TRP B 689 -4.38 -10.69 11.84
CA TRP B 689 -4.84 -10.19 13.13
C TRP B 689 -4.92 -11.36 14.12
N HIS B 690 -4.20 -11.24 15.23
CA HIS B 690 -4.31 -12.17 16.34
C HIS B 690 -4.35 -13.63 16.00
N THR B 691 -5.51 -14.25 16.21
CA THR B 691 -5.65 -15.71 16.03
C THR B 691 -6.07 -16.00 14.60
N GLY B 692 -6.10 -14.97 13.77
CA GLY B 692 -6.35 -15.09 12.35
C GLY B 692 -7.73 -15.55 11.93
N SER B 693 -8.63 -15.78 12.88
CA SER B 693 -9.94 -16.33 12.54
C SER B 693 -10.74 -15.40 11.60
N MET B 694 -10.42 -14.13 11.59
CA MET B 694 -10.97 -13.26 10.58
C MET B 694 -10.08 -13.23 9.32
N THR B 695 -8.77 -13.07 9.49
CA THR B 695 -7.88 -12.78 8.36
C THR B 695 -7.46 -14.04 7.57
N ARG B 696 -7.52 -15.20 8.22
CA ARG B 696 -7.23 -16.44 7.51
C ARG B 696 -8.42 -16.79 6.61
N ARG B 697 -9.50 -16.01 6.75
CA ARG B 697 -10.75 -16.22 5.99
C ARG B 697 -10.86 -15.19 4.87
N VAL B 698 -9.75 -14.47 4.69
CA VAL B 698 -9.54 -13.63 3.52
C VAL B 698 -8.53 -14.34 2.61
N PRO B 699 -8.98 -14.86 1.47
CA PRO B 699 -8.17 -15.74 0.59
C PRO B 699 -6.76 -15.21 0.30
N GLU B 700 -6.68 -13.93 -0.06
CA GLU B 700 -5.41 -13.28 -0.38
C GLU B 700 -4.50 -13.07 0.83
N LEU B 701 -5.08 -13.01 2.03
CA LEU B 701 -4.29 -12.85 3.25
C LEU B 701 -3.82 -14.20 3.72
N HIS B 702 -4.66 -15.22 3.49
CA HIS B 702 -4.27 -16.59 3.76
C HIS B 702 -3.24 -17.15 2.77
N ARG B 703 -3.27 -16.75 1.50
CA ARG B 703 -2.07 -16.86 0.67
C ARG B 703 -1.09 -15.92 1.38
N ALA B 704 -0.12 -15.35 0.68
CA ALA B 704 0.77 -14.35 1.29
C ALA B 704 1.50 -14.88 2.51
N PHE B 705 0.73 -15.30 3.53
CA PHE B 705 1.23 -15.96 4.72
C PHE B 705 0.31 -17.12 5.10
N PRO B 706 0.44 -18.27 4.40
CA PRO B 706 -0.55 -19.35 4.57
C PRO B 706 -0.50 -20.11 5.88
N GLU B 707 0.68 -20.17 6.49
CA GLU B 707 0.94 -20.98 7.67
C GLU B 707 1.89 -20.22 8.58
N ALA B 708 1.86 -20.55 9.86
CA ALA B 708 2.90 -20.03 10.77
C ALA B 708 4.22 -20.76 10.54
N VAL B 709 5.31 -19.99 10.56
CA VAL B 709 6.65 -20.58 10.45
C VAL B 709 7.50 -20.34 11.72
N LEU B 710 8.75 -20.79 11.70
CA LEU B 710 9.71 -20.60 12.81
C LEU B 710 10.85 -19.77 12.29
N PHE B 711 10.96 -18.53 12.73
CA PHE B 711 12.06 -17.67 12.32
C PHE B 711 13.30 -18.02 13.19
N ILE B 712 14.38 -18.43 12.51
CA ILE B 712 15.60 -18.93 13.18
C ILE B 712 16.86 -18.39 12.52
N HIS B 713 17.94 -18.21 13.31
CA HIS B 713 19.27 -17.90 12.77
C HIS B 713 19.75 -19.10 11.95
N PRO B 714 20.38 -18.84 10.78
CA PRO B 714 20.97 -19.89 9.94
C PRO B 714 21.95 -20.82 10.68
N LEU B 715 22.70 -20.29 11.64
CA LEU B 715 23.66 -21.16 12.29
C LEU B 715 22.95 -22.06 13.29
N ASP B 716 21.87 -21.58 13.91
CA ASP B 716 21.06 -22.36 14.86
C ASP B 716 20.38 -23.52 14.17
N ALA B 717 19.98 -23.30 12.93
CA ALA B 717 19.45 -24.37 12.10
C ALA B 717 20.55 -25.28 11.55
N LYS B 718 21.68 -24.68 11.13
CA LYS B 718 22.82 -25.46 10.60
C LYS B 718 23.23 -26.44 11.67
N ALA B 719 23.64 -25.86 12.79
CA ALA B 719 24.05 -26.63 13.93
C ALA B 719 22.93 -27.54 14.50
N ARG B 720 21.84 -27.74 13.78
CA ARG B 720 20.82 -28.66 14.27
C ARG B 720 20.35 -29.61 13.19
N ASP B 721 21.02 -29.55 12.03
CA ASP B 721 20.64 -30.32 10.85
C ASP B 721 19.18 -30.07 10.42
N LEU B 722 18.84 -28.79 10.39
CA LEU B 722 17.60 -28.33 9.81
C LEU B 722 17.97 -27.41 8.69
N ARG B 723 17.08 -27.31 7.70
CA ARG B 723 17.30 -26.49 6.51
C ARG B 723 15.99 -25.77 6.19
N ARG B 724 16.11 -24.54 5.70
CA ARG B 724 14.95 -23.72 5.33
C ARG B 724 13.85 -24.50 4.63
N GLY B 725 12.66 -24.54 5.21
CA GLY B 725 11.54 -25.27 4.64
C GLY B 725 11.25 -26.57 5.35
N ASP B 726 12.20 -27.05 6.13
CA ASP B 726 11.99 -28.27 6.92
C ASP B 726 10.85 -28.15 7.94
N LYS B 727 10.11 -29.25 8.09
CA LYS B 727 9.07 -29.43 9.08
C LYS B 727 9.82 -29.55 10.42
N VAL B 728 9.40 -28.80 11.45
CA VAL B 728 10.18 -28.69 12.69
C VAL B 728 9.33 -28.72 13.97
N LYS B 729 9.68 -29.59 14.92
CA LYS B 729 8.98 -29.66 16.20
C LYS B 729 9.57 -28.74 17.26
N VAL B 730 8.70 -27.91 17.84
CA VAL B 730 9.10 -26.99 18.89
C VAL B 730 8.50 -27.52 20.19
N VAL B 731 9.37 -27.78 21.17
CA VAL B 731 8.95 -28.36 22.43
C VAL B 731 9.36 -27.39 23.55
N SER B 732 8.39 -27.10 24.44
CA SER B 732 8.63 -26.46 25.75
C SER B 732 8.25 -27.44 26.85
N ARG B 733 8.43 -27.04 28.11
CA ARG B 733 8.05 -27.88 29.27
C ARG B 733 6.55 -28.14 29.36
N ARG B 734 5.78 -27.35 28.61
CA ARG B 734 4.33 -27.28 28.78
C ARG B 734 3.56 -27.87 27.61
N GLY B 735 4.21 -27.96 26.44
CA GLY B 735 3.60 -28.44 25.20
C GLY B 735 4.49 -28.42 23.96
N GLU B 736 3.94 -28.90 22.85
CA GLU B 736 4.63 -28.92 21.55
C GLU B 736 3.76 -28.53 20.34
N VAL B 737 4.40 -28.02 19.30
CA VAL B 737 3.75 -27.72 18.02
C VAL B 737 4.72 -28.06 16.91
N ILE B 738 4.20 -28.40 15.73
CA ILE B 738 5.05 -28.71 14.56
C ILE B 738 4.96 -27.52 13.61
N SER B 739 6.11 -26.89 13.34
CA SER B 739 6.22 -25.71 12.48
C SER B 739 7.07 -25.95 11.19
N ILE B 740 7.33 -24.87 10.44
CA ILE B 740 8.17 -24.90 9.24
C ILE B 740 9.44 -24.05 9.47
N VAL B 741 10.58 -24.48 8.92
CA VAL B 741 11.88 -23.76 9.15
C VAL B 741 12.12 -22.48 8.31
N GLU B 742 12.29 -21.34 8.96
CA GLU B 742 12.52 -20.12 8.22
C GLU B 742 13.83 -19.46 8.61
N THR B 743 14.84 -19.60 7.74
CA THR B 743 16.14 -19.01 7.97
C THR B 743 16.25 -17.69 7.25
N ARG B 744 15.24 -17.33 6.46
CA ARG B 744 15.37 -16.18 5.56
C ARG B 744 14.19 -15.19 5.56
N GLY B 745 13.32 -15.28 6.58
CA GLY B 745 12.13 -14.43 6.61
C GLY B 745 12.41 -12.98 6.91
N ARG B 746 11.34 -12.22 7.23
CA ARG B 746 11.44 -10.80 7.60
C ARG B 746 12.06 -10.59 9.01
N ASN B 747 11.98 -11.63 9.84
CA ASN B 747 12.54 -11.58 11.20
C ASN B 747 13.87 -12.38 11.25
N ARG B 748 14.95 -11.70 11.64
CA ARG B 748 16.29 -12.32 11.64
C ARG B 748 16.82 -12.37 13.05
N PRO B 749 16.51 -13.44 13.78
CA PRO B 749 16.91 -13.49 15.17
C PRO B 749 18.40 -13.80 15.36
N PRO B 750 19.06 -13.21 16.39
CA PRO B 750 20.44 -13.63 16.72
C PRO B 750 20.41 -15.07 17.17
N GLN B 751 21.54 -15.75 17.04
CA GLN B 751 21.64 -17.14 17.46
C GLN B 751 21.22 -17.22 18.93
N GLY B 752 20.53 -18.30 19.30
CA GLY B 752 20.05 -18.47 20.67
C GLY B 752 18.57 -18.17 20.83
N LEU B 753 17.99 -17.49 19.82
CA LEU B 753 16.61 -16.98 19.89
C LEU B 753 15.70 -17.31 18.69
N VAL B 754 14.55 -17.90 19.00
CA VAL B 754 13.57 -18.20 17.98
C VAL B 754 12.26 -17.39 18.20
N TYR B 755 11.59 -17.03 17.09
CA TYR B 755 10.31 -16.31 17.08
C TYR B 755 9.25 -17.03 16.28
N MET B 756 8.04 -17.09 16.87
CA MET B 756 6.91 -17.72 16.22
C MET B 756 5.63 -16.89 16.33
N PRO B 757 4.87 -16.69 15.21
CA PRO B 757 3.57 -15.98 15.28
C PRO B 757 2.38 -16.90 15.72
N PHE B 758 1.33 -16.31 16.27
CA PHE B 758 0.22 -17.12 16.81
C PHE B 758 -1.06 -17.07 15.98
N PHE B 759 -0.98 -16.59 14.73
CA PHE B 759 -2.17 -16.47 13.88
C PHE B 759 -2.77 -17.81 13.36
N ASP B 760 -1.97 -18.87 13.42
CA ASP B 760 -2.24 -20.13 12.71
C ASP B 760 -2.91 -21.15 13.65
N ALA B 761 -4.23 -21.28 13.54
CA ALA B 761 -5.00 -22.20 14.38
C ALA B 761 -4.54 -23.67 14.36
N ALA B 762 -3.64 -24.01 13.45
CA ALA B 762 -3.11 -25.39 13.33
C ALA B 762 -1.75 -25.58 14.02
N GLN B 763 -1.06 -24.48 14.26
CA GLN B 763 0.13 -24.45 15.07
C GLN B 763 -0.19 -23.54 16.26
N LEU B 764 -0.58 -24.17 17.37
CA LEU B 764 -1.05 -23.48 18.54
C LEU B 764 0.08 -23.10 19.50
N VAL B 765 0.80 -22.04 19.17
CA VAL B 765 2.02 -21.75 19.90
C VAL B 765 1.79 -21.55 21.38
N ASN B 766 0.58 -21.13 21.77
CA ASN B 766 0.27 -21.00 23.20
C ASN B 766 0.05 -22.35 23.91
N LYS B 767 0.27 -23.46 23.20
CA LYS B 767 0.59 -24.69 23.92
C LYS B 767 2.01 -24.62 24.53
N LEU B 768 2.87 -23.75 24.00
CA LEU B 768 4.23 -23.69 24.49
C LEU B 768 4.49 -22.67 25.59
N THR B 769 3.75 -21.57 25.57
CA THR B 769 4.01 -20.44 26.44
C THR B 769 3.77 -20.69 27.94
N LEU B 770 4.49 -19.92 28.76
CA LEU B 770 4.36 -20.01 30.20
C LEU B 770 3.50 -18.87 30.78
N ASP B 771 2.38 -19.25 31.41
CA ASP B 771 1.45 -18.29 32.03
C ASP B 771 2.02 -17.63 33.29
N ALA B 772 3.30 -17.23 33.21
CA ALA B 772 3.88 -16.34 34.16
C ALA B 772 3.48 -14.93 33.73
N THR B 773 3.24 -14.04 34.69
CA THR B 773 2.74 -12.73 34.38
C THR B 773 3.52 -11.79 35.23
N ASP B 774 3.44 -10.52 34.87
CA ASP B 774 3.78 -9.43 35.78
C ASP B 774 2.85 -9.59 36.98
N PRO B 775 3.40 -9.67 38.20
CA PRO B 775 2.53 -9.92 39.36
C PRO B 775 1.75 -8.70 39.86
N LEU B 776 1.97 -7.54 39.27
CA LEU B 776 1.23 -6.34 39.66
C LEU B 776 0.06 -6.11 38.69
N SER B 777 0.30 -6.31 37.40
CA SER B 777 -0.74 -6.06 36.39
C SER B 777 -1.39 -7.37 35.98
N LYS B 778 -0.74 -8.48 36.30
CA LYS B 778 -1.22 -9.82 35.89
C LYS B 778 -1.19 -10.09 34.38
N GLU B 779 -0.44 -9.29 33.64
CA GLU B 779 -0.25 -9.49 32.20
C GLU B 779 0.83 -10.55 31.88
N THR B 780 0.50 -11.53 31.01
CA THR B 780 1.40 -12.64 30.67
C THR B 780 2.59 -12.25 29.79
N ASP B 781 3.77 -12.77 30.14
CA ASP B 781 4.98 -12.63 29.32
C ASP B 781 4.98 -13.67 28.20
N PHE B 782 4.29 -13.34 27.14
CA PHE B 782 4.26 -14.15 25.92
C PHE B 782 5.58 -14.04 25.16
N LYS B 783 6.42 -13.09 25.52
CA LYS B 783 7.58 -12.78 24.70
C LYS B 783 8.85 -13.55 25.02
N LYS B 784 8.77 -14.55 25.89
CA LYS B 784 9.96 -14.97 26.66
C LYS B 784 9.79 -16.32 27.37
N CYS B 785 10.26 -17.39 26.76
CA CYS B 785 10.40 -18.65 27.49
C CYS B 785 11.41 -19.58 26.79
N ALA B 786 11.49 -20.82 27.26
CA ALA B 786 12.56 -21.75 26.86
C ALA B 786 11.99 -22.89 26.08
N VAL B 787 12.68 -23.23 25.02
CA VAL B 787 12.21 -24.24 24.10
C VAL B 787 13.41 -24.98 23.53
N LYS B 788 13.12 -26.17 23.03
CA LYS B 788 14.07 -26.93 22.21
C LYS B 788 13.41 -27.39 20.88
N LEU B 789 14.26 -27.63 19.87
CA LEU B 789 13.78 -28.17 18.59
C LEU B 789 14.19 -29.63 18.37
N GLU B 790 13.28 -30.41 17.81
CA GLU B 790 13.68 -31.69 17.26
C GLU B 790 13.15 -31.82 15.85
N LYS B 791 13.81 -32.64 15.05
CA LYS B 791 13.35 -32.90 13.67
C LYS B 791 12.10 -33.74 13.74
FE1 SF4 C . 3.70 2.24 -8.83
FE2 SF4 C . 4.50 4.82 -8.72
FE3 SF4 C . 4.00 3.54 -11.13
FE4 SF4 C . 6.21 2.79 -9.74
S1 SF4 C . 5.82 4.90 -10.63
S2 SF4 C . 4.72 1.40 -10.76
S3 SF4 C . 5.45 3.05 -7.58
S4 SF4 C . 2.48 4.09 -9.50
MO 6MO D . 3.24 1.45 -23.11
PB MGD E . 9.01 -5.26 -21.38
O1B MGD E . 8.85 -3.86 -20.82
O2B MGD E . 8.64 -6.49 -20.56
O3B MGD E . 8.12 -5.37 -22.71
O3A MGD E . 6.81 -4.12 -24.40
PA MGD E . 8.33 -4.42 -23.97
O1A MGD E . 9.01 -5.26 -25.03
O2A MGD E . 8.96 -3.08 -23.59
O5' MGD E . 10.50 -5.33 -21.92
C5' MGD E . 11.59 -4.71 -21.19
C4' MGD E . 12.81 -5.64 -21.26
O4' MGD E . 14.06 -5.05 -20.87
C3' MGD E . 12.61 -6.77 -20.28
O3' MGD E . 12.96 -7.99 -20.99
C2' MGD E . 13.60 -6.52 -19.17
O2' MGD E . 14.10 -7.77 -18.80
C1' MGD E . 14.75 -5.85 -19.90
N9 MGD E . 15.46 -4.80 -19.19
C8 MGD E . 15.23 -4.23 -18.00
N7 MGD E . 16.12 -3.24 -17.78
C5 MGD E . 16.93 -3.14 -18.86
C6 MGD E . 18.06 -2.29 -19.32
O6 MGD E . 18.53 -1.35 -18.61
N1 MGD E . 18.59 -2.57 -20.53
C2 MGD E . 18.14 -3.56 -21.34
N2 MGD E . 18.71 -3.79 -22.52
N3 MGD E . 17.10 -4.34 -20.99
C4 MGD E . 16.48 -4.17 -19.79
C10 MGD E . 6.10 -2.95 -23.97
C11 MGD E . 4.94 -2.64 -24.91
O11 MGD E . 4.12 -3.79 -25.03
C12 MGD E . 4.09 -1.44 -24.51
S12 MGD E . 4.79 -0.05 -23.83
C13 MGD E . 2.80 -1.43 -24.78
S13 MGD E . 1.86 -0.11 -24.33
C14 MGD E . 2.13 -2.55 -25.51
N15 MGD E . 1.11 -3.15 -24.67
C16 MGD E . 0.52 -4.31 -25.04
C17 MGD E . -0.87 -4.71 -24.66
O17 MGD E . -1.56 -3.98 -23.92
N18 MGD E . -1.33 -5.88 -25.10
C19 MGD E . -0.57 -6.68 -25.89
N19 MGD E . -1.05 -7.86 -26.33
N20 MGD E . 0.68 -6.37 -26.26
C21 MGD E . 1.27 -5.21 -25.90
N22 MGD E . 2.53 -4.89 -26.33
C23 MGD E . 3.13 -3.60 -26.03
PB MGD F . -4.33 -1.68 -20.16
O1B MGD F . -3.24 -1.67 -21.17
O2B MGD F . -4.52 -2.92 -19.31
O3B MGD F . -4.27 -0.44 -19.16
O3A MGD F . -2.44 1.22 -19.29
PA MGD F . -4.03 1.09 -19.55
O1A MGD F . -4.78 1.86 -18.52
O2A MGD F . -4.27 1.42 -21.00
O5' MGD F . -5.71 -1.33 -20.94
C5' MGD F . -6.95 -2.02 -20.83
C4' MGD F . -7.97 -0.90 -21.03
O4' MGD F . -8.24 -0.75 -22.42
C3' MGD F . -9.32 -1.11 -20.35
O3' MGD F . -9.59 0.02 -19.48
C2' MGD F . -10.34 -0.98 -21.46
O2' MGD F . -11.37 -0.09 -21.03
C1' MGD F . -9.58 -0.28 -22.56
N9 MGD F . -10.17 -0.47 -23.92
C8 MGD F . -10.30 -1.62 -24.62
N7 MGD F . -10.88 -1.39 -25.84
C5 MGD F . -11.11 -0.07 -25.92
C6 MGD F . -11.68 0.88 -26.91
O6 MGD F . -12.14 0.50 -28.01
N1 MGD F . -11.73 2.16 -26.59
C2 MGD F . -11.29 2.64 -25.41
N2 MGD F . -11.37 3.97 -25.20
N3 MGD F . -10.76 1.84 -24.47
C4 MGD F . -10.64 0.51 -24.65
C10 MGD F . -1.41 0.77 -20.20
C11 MGD F . -0.11 1.30 -19.60
O11 MGD F . 0.08 0.80 -18.27
C12 MGD F . 1.17 1.20 -20.45
S12 MGD F . 1.06 1.58 -22.10
C13 MGD F . 2.38 0.95 -19.87
S13 MGD F . 3.84 1.09 -20.72
C14 MGD F . 2.50 0.68 -18.40
N15 MGD F . 2.61 -0.73 -18.10
C16 MGD F . 2.14 -1.23 -16.92
C17 MGD F . 2.20 -2.65 -16.52
O17 MGD F . 2.72 -3.52 -17.19
N18 MGD F . 1.70 -3.01 -15.35
C19 MGD F . 1.12 -2.16 -14.51
N19 MGD F . 0.64 -2.67 -13.36
N20 MGD F . 1.00 -0.84 -14.80
C21 MGD F . 1.48 -0.33 -15.96
N22 MGD F . 1.36 0.97 -16.29
C23 MGD F . 1.30 1.31 -17.69
FE1 SF4 G . -3.63 -0.93 9.12
FE2 SF4 G . -4.64 1.52 9.75
FE3 SF4 G . -4.10 -0.44 11.72
FE4 SF4 G . -6.20 -0.69 10.17
S1 SF4 G . -5.87 1.09 11.66
S2 SF4 G . -4.69 -2.35 10.62
S3 SF4 G . -5.41 0.11 8.13
S4 SF4 G . -2.58 0.70 10.35
MO 6MO H . -3.22 -6.36 22.23
PB MGD I . -8.68 -12.23 18.30
O1B MGD I . -8.59 -10.74 18.15
O2B MGD I . -8.28 -13.16 17.15
O3B MGD I . -7.75 -12.64 19.55
O3A MGD I . -6.56 -12.20 21.66
PA MGD I . -8.07 -12.30 21.10
O1A MGD I . -8.66 -13.58 21.64
O2A MGD I . -8.79 -10.97 21.21
O5' MGD I . -10.17 -12.56 18.81
C5' MGD I . -11.29 -11.76 18.40
C4' MGD I . -12.47 -12.70 18.11
O4' MGD I . -13.73 -12.04 18.00
C3' MGD I . -12.28 -13.44 16.81
O3' MGD I . -12.52 -14.83 17.08
C2' MGD I . -13.34 -12.88 15.89
O2' MGD I . -13.86 -13.91 15.08
C1' MGD I . -14.45 -12.47 16.83
N9 MGD I . -15.22 -11.25 16.49
C8 MGD I . -15.04 -10.28 15.58
N7 MGD I . -15.97 -9.30 15.74
C5 MGD I . -16.76 -9.64 16.76
C6 MGD I . -17.93 -9.07 17.46
O6 MGD I . -18.40 -7.97 17.07
N1 MGD I . -18.45 -9.79 18.51
C2 MGD I . -17.93 -11.00 18.88
N2 MGD I . -18.44 -11.72 19.90
N3 MGD I . -16.85 -11.54 18.29
C4 MGD I . -16.25 -10.91 17.26
C10 MGD I . -5.75 -11.02 21.46
C11 MGD I . -4.67 -10.93 22.57
O11 MGD I . -3.72 -11.94 22.35
C12 MGD I . -3.90 -9.65 22.58
S12 MGD I . -4.62 -8.16 22.30
C13 MGD I . -2.61 -9.63 22.87
S13 MGD I . -1.89 -8.11 22.91
C14 MGD I . -1.81 -10.87 23.18
N15 MGD I . -0.82 -11.11 22.14
C16 MGD I . -0.16 -12.28 22.12
C17 MGD I . 1.25 -12.40 21.66
O17 MGD I . 1.84 -11.37 21.25
N18 MGD I . 1.82 -13.62 21.68
C19 MGD I . 1.14 -14.72 22.13
N19 MGD I . 1.73 -15.95 22.15
N20 MGD I . -0.16 -14.67 22.56
C21 MGD I . -0.84 -13.49 22.57
N22 MGD I . -2.11 -13.37 23.05
C23 MGD I . -2.73 -12.08 23.35
PB MGD J . 4.53 -8.02 18.61
O1B MGD J . 3.40 -8.37 19.52
O2B MGD J . 4.68 -8.95 17.42
O3B MGD J . 4.40 -6.56 18.02
O3A MGD J . 2.56 -4.99 18.55
PA MGD J . 4.14 -5.23 18.84
O1A MGD J . 4.93 -4.20 18.11
O2A MGD J . 4.32 -5.37 20.33
O5' MGD J . 5.91 -7.98 19.45
C5' MGD J . 7.19 -8.42 18.99
C4' MGD J . 8.20 -7.41 19.53
O4' MGD J . 8.46 -7.66 20.91
C3' MGD J . 9.55 -7.41 18.84
O3' MGD J . 9.82 -6.03 18.53
C2' MGD J . 10.52 -7.83 19.92
O2' MGD J . 11.73 -7.09 19.84
C1' MGD J . 9.83 -7.34 21.16
N9 MGD J . 10.39 -7.96 22.40
C8 MGD J . 10.58 -9.28 22.64
N7 MGD J . 11.12 -9.48 23.87
C5 MGD J . 11.25 -8.25 24.42
C6 MGD J . 11.75 -7.72 25.69
O6 MGD J . 12.17 -8.52 26.55
N1 MGD J . 11.75 -6.39 25.91
C2 MGD J . 11.30 -5.52 24.98
N2 MGD J . 11.33 -4.19 25.28
N3 MGD J . 10.83 -5.96 23.77
C4 MGD J . 10.79 -7.26 23.45
C10 MGD J . 1.49 -5.70 19.18
C11 MGD J . 0.17 -4.97 18.88
O11 MGD J . -0.06 -4.92 17.49
C12 MGD J . -1.04 -5.51 19.61
S12 MGD J . -0.90 -5.79 21.28
C13 MGD J . -2.23 -5.66 18.99
S13 MGD J . -3.65 -6.03 19.85
C14 MGD J . -2.38 -5.44 17.52
N15 MGD J . -2.43 -6.70 16.78
C16 MGD J . -1.95 -6.78 15.52
C17 MGD J . -2.01 -8.03 14.70
O17 MGD J . -2.53 -9.07 15.16
N18 MGD J . -1.51 -8.04 13.46
C19 MGD J . -0.95 -6.94 12.93
N19 MGD J . -0.46 -7.03 11.68
N20 MGD J . -0.85 -5.75 13.63
C21 MGD J . -1.32 -5.60 14.90
N22 MGD J . -1.25 -4.42 15.61
C23 MGD J . -1.31 -4.45 17.05
#